data_5GN6
#
_entry.id   5GN6
#
_cell.length_a   62.424
_cell.length_b   122.040
_cell.length_c   154.735
_cell.angle_alpha   90.00
_cell.angle_beta   90.00
_cell.angle_gamma   90.00
#
_symmetry.space_group_name_H-M   'P 1 21 1'
#
loop_
_entity.id
_entity.type
_entity.pdbx_description
1 polymer 'Glycerol kinase'
2 non-polymer 4-butyl-7,8-bis(oxidanyl)chromen-2-one
3 non-polymer GLYCEROL
4 water water
#
_entity_poly.entity_id   1
_entity_poly.type   'polypeptide(L)'
_entity_poly.pdbx_seq_one_letter_code
;ATMKYVGSIDQGTTSTRFIIFDERQRPVSVHQVPHTQHTPHPGWLEHDPMEIFRSACKCMSVAIAKLRQKDASFRKIEAI
GITNQRETTVAWDRVTKEPLCYAPVWNDLRTYDITKKVTAELGGGDSMFASKITGLPVSTYFAAFKMRWMLENVPAVADA
CRRGTLCFGTIDTWLMYKLSGGKAFVTDVTNASRTFLMDLRTRKWSPELCEKLKIPMETLPEIRSNSELFGYVETDECGV
AAALNERTPIMGSIGDQQSALFGNMCFEKGEAKNTYGTGCFLLMNVGEEARFSKHGLLSTVGFQVGRDGPCYYALEGAIA
CAGATVEWMRRNMNLFSHITECEKLARSVPGTQGIVFVPAFSGLLAPYWDPSARGTIVGMTLKTTRAHVIRAALQAIALQ
LNDVVGSMKRDAGLNLSSLRVDGGLSKNGLLMEIQASLLGVDILVPSMHETTALGAALCAGLAAGVWTSLEEVKAVSRRE
NSWKTVSPSGSAMEREAMIAEWREALKRTKWAKL
;
_entity_poly.pdbx_strand_id   A,B,C,D
#
# COMPACT_ATOMS: atom_id res chain seq x y z
N ALA A 1 -45.07 6.32 3.20
CA ALA A 1 -44.78 5.30 4.27
C ALA A 1 -45.44 3.92 3.97
N THR A 2 -44.84 3.23 3.00
CA THR A 2 -44.95 1.77 2.77
C THR A 2 -43.76 1.01 3.42
N MET A 3 -43.86 -0.32 3.49
CA MET A 3 -42.81 -1.16 4.11
C MET A 3 -41.47 -1.03 3.40
N LYS A 4 -40.41 -0.92 4.18
CA LYS A 4 -39.03 -0.87 3.68
C LYS A 4 -38.25 -2.16 4.03
N TYR A 5 -37.27 -2.43 3.15
CA TYR A 5 -36.49 -3.68 3.10
C TYR A 5 -35.04 -3.38 2.73
N VAL A 6 -34.13 -3.95 3.51
CA VAL A 6 -32.71 -3.85 3.24
C VAL A 6 -32.19 -5.26 2.97
N GLY A 7 -31.21 -5.38 2.08
CA GLY A 7 -30.66 -6.68 1.76
C GLY A 7 -29.25 -6.75 2.23
N SER A 8 -28.79 -7.95 2.51
CA SER A 8 -27.46 -8.15 3.02
C SER A 8 -26.87 -9.39 2.32
N ILE A 9 -25.81 -9.14 1.58
CA ILE A 9 -24.99 -10.15 1.01
C ILE A 9 -24.04 -10.53 2.11
N ASP A 10 -24.04 -11.81 2.47
CA ASP A 10 -23.15 -12.36 3.49
C ASP A 10 -22.22 -13.38 2.82
N GLN A 11 -21.02 -12.94 2.47
CA GLN A 11 -20.12 -13.72 1.67
C GLN A 11 -19.14 -14.28 2.67
N GLY A 12 -19.29 -15.56 2.97
CA GLY A 12 -18.46 -16.22 3.98
C GLY A 12 -17.40 -17.15 3.41
N THR A 13 -16.68 -17.83 4.29
CA THR A 13 -15.62 -18.70 3.85
C THR A 13 -16.14 -19.86 3.03
N THR A 14 -17.24 -20.46 3.45
CA THR A 14 -17.77 -21.65 2.75
C THR A 14 -19.04 -21.39 1.93
N SER A 15 -19.72 -20.27 2.12
CA SER A 15 -20.84 -19.95 1.25
C SER A 15 -21.19 -18.49 1.23
N THR A 16 -22.13 -18.15 0.35
CA THR A 16 -22.69 -16.82 0.25
C THR A 16 -24.17 -16.95 0.59
N ARG A 17 -24.68 -15.95 1.33
CA ARG A 17 -26.13 -15.77 1.49
C ARG A 17 -26.57 -14.41 1.07
N PHE A 18 -27.83 -14.31 0.72
CA PHE A 18 -28.49 -13.03 0.69
C PHE A 18 -29.68 -13.14 1.61
N ILE A 19 -29.69 -12.30 2.64
CA ILE A 19 -30.79 -12.13 3.55
C ILE A 19 -31.40 -10.77 3.33
N ILE A 20 -32.72 -10.73 3.09
CA ILE A 20 -33.48 -9.49 3.08
C ILE A 20 -34.06 -9.26 4.44
N PHE A 21 -33.84 -8.07 5.01
CA PHE A 21 -34.44 -7.67 6.31
C PHE A 21 -35.54 -6.66 6.10
N ASP A 22 -36.59 -6.72 6.92
CA ASP A 22 -37.57 -5.63 6.88
C ASP A 22 -37.19 -4.46 7.86
N GLU A 23 -37.98 -3.39 7.85
CA GLU A 23 -37.76 -2.25 8.77
C GLU A 23 -37.82 -2.61 10.26
N ARG A 24 -38.46 -3.74 10.61
CA ARG A 24 -38.41 -4.22 12.00
C ARG A 24 -37.15 -5.01 12.34
N GLN A 25 -36.16 -5.01 11.43
CA GLN A 25 -34.96 -5.85 11.54
C GLN A 25 -35.26 -7.37 11.59
N ARG A 26 -36.28 -7.81 10.88
CA ARG A 26 -36.61 -9.23 10.75
C ARG A 26 -36.08 -9.82 9.47
N PRO A 27 -35.36 -10.97 9.56
CA PRO A 27 -35.04 -11.65 8.32
C PRO A 27 -36.30 -12.22 7.75
N VAL A 28 -36.61 -11.87 6.51
CA VAL A 28 -37.82 -12.32 5.88
C VAL A 28 -37.60 -13.22 4.67
N SER A 29 -36.46 -13.10 4.01
CA SER A 29 -36.08 -14.03 2.93
C SER A 29 -34.58 -14.34 3.00
N VAL A 30 -34.22 -15.54 2.55
CA VAL A 30 -32.86 -16.08 2.61
C VAL A 30 -32.65 -17.01 1.43
N HIS A 31 -31.49 -16.95 0.81
CA HIS A 31 -31.03 -18.03 -0.06
C HIS A 31 -29.54 -18.12 0.07
N GLN A 32 -29.05 -19.36 0.09
CA GLN A 32 -27.66 -19.68 0.28
C GLN A 32 -27.13 -20.57 -0.86
N VAL A 33 -25.96 -20.23 -1.41
CA VAL A 33 -25.29 -20.96 -2.48
C VAL A 33 -23.81 -21.13 -2.05
N PRO A 34 -23.29 -22.36 -2.10
CA PRO A 34 -21.88 -22.51 -1.69
C PRO A 34 -20.91 -22.40 -2.85
N HIS A 35 -19.63 -22.24 -2.54
CA HIS A 35 -18.59 -22.17 -3.58
C HIS A 35 -17.47 -23.17 -3.27
N THR A 36 -16.66 -23.42 -4.29
CA THR A 36 -15.74 -24.54 -4.23
C THR A 36 -14.53 -24.12 -3.39
N GLN A 37 -14.01 -25.06 -2.62
CA GLN A 37 -12.82 -24.90 -1.83
C GLN A 37 -11.63 -25.55 -2.58
N HIS A 38 -10.82 -24.74 -3.25
CA HIS A 38 -9.70 -25.27 -4.03
C HIS A 38 -8.45 -25.37 -3.15
N THR A 39 -7.99 -26.61 -2.87
CA THR A 39 -6.74 -26.89 -2.15
C THR A 39 -5.62 -27.46 -3.08
N PRO A 40 -4.87 -26.60 -3.81
CA PRO A 40 -3.80 -27.18 -4.66
C PRO A 40 -2.70 -27.96 -3.88
N HIS A 41 -2.26 -27.43 -2.74
CA HIS A 41 -1.18 -28.01 -1.93
C HIS A 41 -1.61 -28.02 -0.45
N PRO A 42 -1.10 -28.95 0.39
CA PRO A 42 -1.42 -28.91 1.84
C PRO A 42 -1.07 -27.59 2.53
N GLY A 43 -2.03 -27.04 3.29
CA GLY A 43 -1.92 -25.69 3.85
C GLY A 43 -2.47 -24.59 2.96
N TRP A 44 -2.65 -24.84 1.66
CA TRP A 44 -3.14 -23.80 0.74
C TRP A 44 -4.67 -23.85 0.61
N LEU A 45 -5.28 -22.68 0.42
CA LEU A 45 -6.73 -22.51 0.24
C LEU A 45 -7.02 -21.25 -0.56
N GLU A 46 -7.97 -21.40 -1.44
CA GLU A 46 -8.08 -20.55 -2.57
C GLU A 46 -9.53 -20.64 -3.01
N HIS A 47 -10.13 -19.51 -3.38
CA HIS A 47 -11.51 -19.49 -3.87
C HIS A 47 -11.56 -18.85 -5.20
N ASP A 48 -12.53 -19.29 -6.00
CA ASP A 48 -12.74 -18.78 -7.34
C ASP A 48 -13.61 -17.55 -7.27
N PRO A 49 -13.06 -16.37 -7.61
CA PRO A 49 -13.77 -15.11 -7.47
C PRO A 49 -15.02 -14.93 -8.25
N MET A 50 -15.09 -15.61 -9.39
CA MET A 50 -16.22 -15.45 -10.31
C MET A 50 -17.38 -16.32 -9.80
N GLU A 51 -17.08 -17.53 -9.33
CA GLU A 51 -18.07 -18.39 -8.64
C GLU A 51 -18.68 -17.67 -7.39
N ILE A 52 -17.84 -16.98 -6.62
CA ILE A 52 -18.30 -16.20 -5.49
C ILE A 52 -19.27 -15.10 -5.92
N PHE A 53 -18.90 -14.38 -6.99
CA PHE A 53 -19.71 -13.26 -7.53
C PHE A 53 -21.08 -13.72 -8.04
N ARG A 54 -21.10 -14.87 -8.70
CA ARG A 54 -22.31 -15.44 -9.25
C ARG A 54 -23.19 -15.91 -8.13
N SER A 55 -22.58 -16.43 -7.06
CA SER A 55 -23.34 -16.90 -5.91
C SER A 55 -24.17 -15.76 -5.32
N ALA A 56 -23.51 -14.64 -5.10
CA ALA A 56 -24.14 -13.48 -4.55
C ALA A 56 -25.27 -13.10 -5.42
N CYS A 57 -25.04 -13.15 -6.74
CA CYS A 57 -26.07 -12.78 -7.71
C CYS A 57 -27.27 -13.78 -7.65
N LYS A 58 -27.00 -15.07 -7.70
CA LYS A 58 -28.02 -16.10 -7.54
C LYS A 58 -28.83 -15.93 -6.26
N CYS A 59 -28.12 -15.72 -5.15
CA CYS A 59 -28.73 -15.54 -3.84
C CYS A 59 -29.71 -14.38 -3.87
N MET A 60 -29.29 -13.28 -4.48
CA MET A 60 -30.12 -12.11 -4.53
C MET A 60 -31.46 -12.39 -5.22
N SER A 61 -31.39 -12.94 -6.44
CA SER A 61 -32.57 -13.00 -7.30
C SER A 61 -33.48 -14.13 -6.86
N VAL A 62 -32.92 -15.19 -6.29
CA VAL A 62 -33.73 -16.27 -5.69
C VAL A 62 -34.46 -15.81 -4.42
N ALA A 63 -33.73 -15.23 -3.48
CA ALA A 63 -34.35 -14.67 -2.26
C ALA A 63 -35.39 -13.58 -2.54
N ILE A 64 -35.15 -12.78 -3.57
CA ILE A 64 -36.13 -11.78 -3.98
C ILE A 64 -37.35 -12.46 -4.64
N ALA A 65 -37.12 -13.44 -5.52
CA ALA A 65 -38.24 -14.17 -6.13
C ALA A 65 -39.12 -14.83 -5.03
N LYS A 66 -38.47 -15.45 -4.04
CA LYS A 66 -39.20 -16.07 -2.94
C LYS A 66 -40.02 -15.03 -2.20
N LEU A 67 -39.44 -13.87 -1.89
CA LEU A 67 -40.12 -12.89 -1.00
C LEU A 67 -41.36 -12.30 -1.65
N ARG A 68 -41.27 -11.90 -2.90
CA ARG A 68 -42.43 -11.29 -3.56
C ARG A 68 -43.62 -12.26 -3.74
N GLN A 69 -43.32 -13.55 -3.70
CA GLN A 69 -44.31 -14.60 -3.64
C GLN A 69 -44.99 -14.70 -2.26
N LYS A 70 -44.26 -14.40 -1.17
CA LYS A 70 -44.81 -14.55 0.20
C LYS A 70 -45.10 -13.22 0.95
N ASP A 71 -44.79 -12.09 0.34
CA ASP A 71 -45.08 -10.76 0.91
C ASP A 71 -45.59 -9.90 -0.27
N ALA A 72 -46.85 -9.45 -0.17
CA ALA A 72 -47.48 -8.62 -1.21
C ALA A 72 -47.19 -7.15 -1.01
N SER A 73 -46.57 -6.80 0.12
CA SER A 73 -46.11 -5.43 0.38
C SER A 73 -44.62 -5.18 0.04
N PHE A 74 -43.86 -6.23 -0.29
CA PHE A 74 -42.51 -6.06 -0.84
C PHE A 74 -42.56 -5.56 -2.28
N ARG A 75 -42.15 -4.32 -2.48
CA ARG A 75 -42.01 -3.71 -3.82
C ARG A 75 -40.51 -3.69 -4.24
N LYS A 76 -39.61 -3.30 -3.34
CA LYS A 76 -38.18 -3.20 -3.69
C LYS A 76 -37.26 -3.25 -2.48
N ILE A 77 -36.00 -3.50 -2.78
CA ILE A 77 -34.92 -3.38 -1.84
C ILE A 77 -34.43 -1.94 -1.79
N GLU A 78 -34.43 -1.34 -0.62
CA GLU A 78 -34.03 0.05 -0.48
C GLU A 78 -32.54 0.22 -0.74
N ALA A 79 -31.72 -0.53 -0.01
CA ALA A 79 -30.29 -0.60 -0.29
C ALA A 79 -29.80 -1.99 0.06
N ILE A 80 -28.61 -2.29 -0.43
CA ILE A 80 -27.92 -3.55 -0.25
C ILE A 80 -26.70 -3.31 0.65
N GLY A 81 -26.45 -4.22 1.58
CA GLY A 81 -25.24 -4.16 2.45
C GLY A 81 -24.35 -5.36 2.11
N ILE A 82 -23.04 -5.26 2.30
CA ILE A 82 -22.13 -6.41 2.12
C ILE A 82 -21.31 -6.71 3.38
N THR A 83 -21.27 -7.96 3.80
CA THR A 83 -20.38 -8.40 4.90
C THR A 83 -19.60 -9.61 4.42
N ASN A 84 -18.34 -9.71 4.77
CA ASN A 84 -17.49 -10.61 4.02
C ASN A 84 -16.42 -11.28 4.86
N GLN A 85 -16.05 -12.48 4.50
CA GLN A 85 -14.79 -13.07 4.98
C GLN A 85 -13.64 -12.05 4.67
N ARG A 86 -12.84 -11.74 5.65
CA ARG A 86 -11.89 -10.66 5.57
C ARG A 86 -10.62 -11.27 5.07
N GLU A 87 -9.66 -10.46 4.63
CA GLU A 87 -8.28 -10.89 4.38
C GLU A 87 -8.03 -11.74 3.13
N THR A 88 -9.00 -12.58 2.74
CA THR A 88 -9.06 -13.20 1.45
C THR A 88 -8.84 -12.17 0.32
N THR A 89 -7.90 -12.45 -0.59
CA THR A 89 -7.42 -11.38 -1.48
C THR A 89 -7.55 -11.73 -2.96
N VAL A 90 -8.17 -10.81 -3.68
CA VAL A 90 -8.46 -11.07 -5.09
C VAL A 90 -7.59 -10.19 -5.99
N ALA A 91 -6.96 -10.84 -6.98
CA ALA A 91 -6.14 -10.12 -7.96
C ALA A 91 -6.93 -10.11 -9.27
N TRP A 92 -7.41 -8.93 -9.70
CA TRP A 92 -8.13 -8.82 -11.00
C TRP A 92 -7.54 -7.75 -11.92
N ASP A 93 -8.08 -7.65 -13.14
CA ASP A 93 -7.55 -6.79 -14.20
C ASP A 93 -8.61 -5.75 -14.54
N ARG A 94 -8.26 -4.48 -14.52
CA ARG A 94 -9.24 -3.40 -14.74
C ARG A 94 -9.77 -3.26 -16.19
N VAL A 95 -9.20 -3.97 -17.18
CA VAL A 95 -9.75 -3.97 -18.56
C VAL A 95 -10.53 -5.26 -18.92
N THR A 96 -10.01 -6.45 -18.58
CA THR A 96 -10.78 -7.70 -18.75
C THR A 96 -11.96 -7.80 -17.75
N LYS A 97 -11.85 -7.10 -16.62
CA LYS A 97 -12.85 -7.09 -15.53
C LYS A 97 -12.90 -8.43 -14.82
N GLU A 98 -11.77 -9.14 -14.83
CA GLU A 98 -11.72 -10.57 -14.52
C GLU A 98 -10.49 -10.89 -13.63
N PRO A 99 -10.53 -12.02 -12.91
CA PRO A 99 -9.39 -12.39 -12.08
C PRO A 99 -8.15 -12.94 -12.82
N LEU A 100 -6.96 -12.61 -12.30
CA LEU A 100 -5.70 -13.08 -12.86
C LEU A 100 -5.30 -14.43 -12.29
N CYS A 101 -5.98 -14.86 -11.23
CA CYS A 101 -5.78 -16.18 -10.58
C CYS A 101 -6.87 -16.27 -9.57
N TYR A 102 -6.92 -17.39 -8.90
CA TYR A 102 -7.82 -17.56 -7.79
C TYR A 102 -7.41 -16.73 -6.56
N ALA A 103 -8.33 -16.67 -5.59
CA ALA A 103 -8.15 -15.81 -4.43
C ALA A 103 -7.71 -16.62 -3.22
N PRO A 104 -6.46 -16.41 -2.72
CA PRO A 104 -6.03 -17.02 -1.47
C PRO A 104 -6.88 -16.56 -0.27
N VAL A 105 -7.30 -17.52 0.52
CA VAL A 105 -8.23 -17.31 1.59
C VAL A 105 -7.50 -16.91 2.89
N TRP A 106 -8.17 -16.13 3.75
CA TRP A 106 -7.61 -15.76 5.04
C TRP A 106 -6.72 -16.84 5.72
N ASN A 107 -7.17 -18.09 5.82
CA ASN A 107 -6.41 -19.05 6.63
C ASN A 107 -5.34 -19.81 5.84
N ASP A 108 -5.07 -19.34 4.63
CA ASP A 108 -4.10 -19.96 3.75
C ASP A 108 -2.63 -19.76 4.24
N LEU A 109 -1.86 -20.83 4.17
CA LEU A 109 -0.50 -20.84 4.70
C LEU A 109 0.63 -20.62 3.67
N ARG A 110 0.30 -20.37 2.40
CA ARG A 110 1.36 -20.23 1.36
C ARG A 110 2.21 -18.98 1.48
N THR A 111 1.80 -18.05 2.35
CA THR A 111 2.54 -16.83 2.59
C THR A 111 3.57 -16.96 3.75
N TYR A 112 3.77 -18.17 4.30
CA TYR A 112 4.55 -18.36 5.54
C TYR A 112 5.97 -17.82 5.39
N ASP A 113 6.72 -18.33 4.41
CA ASP A 113 8.09 -17.86 4.06
C ASP A 113 8.16 -16.34 3.92
N ILE A 114 7.31 -15.78 3.07
CA ILE A 114 7.27 -14.33 2.88
C ILE A 114 7.08 -13.64 4.21
N THR A 115 6.29 -14.26 5.05
CA THR A 115 6.02 -13.70 6.34
C THR A 115 7.26 -13.69 7.25
N LYS A 116 8.03 -14.79 7.22
CA LYS A 116 9.27 -14.93 8.00
C LYS A 116 10.36 -13.96 7.55
N LYS A 117 10.37 -13.69 6.25
CA LYS A 117 11.34 -12.83 5.60
C LYS A 117 11.05 -11.38 5.90
N VAL A 118 9.75 -11.03 5.96
CA VAL A 118 9.33 -9.68 6.35
C VAL A 118 9.66 -9.46 7.83
N THR A 119 9.44 -10.47 8.67
CA THR A 119 9.74 -10.34 10.10
C THR A 119 11.25 -10.11 10.34
N ALA A 120 12.08 -10.97 9.75
CA ALA A 120 13.55 -10.81 9.79
C ALA A 120 14.09 -9.48 9.17
N GLU A 121 13.73 -9.19 7.92
CA GLU A 121 14.39 -8.14 7.14
C GLU A 121 13.78 -6.76 7.25
N LEU A 122 12.47 -6.66 7.33
CA LEU A 122 11.82 -5.38 7.64
C LEU A 122 11.63 -5.10 9.12
N GLY A 123 11.58 -6.15 9.95
CA GLY A 123 11.28 -6.01 11.38
C GLY A 123 12.43 -6.27 12.34
N GLY A 124 13.64 -6.57 11.86
CA GLY A 124 14.76 -6.98 12.70
C GLY A 124 14.51 -8.21 13.59
N GLY A 125 13.64 -9.12 13.15
CA GLY A 125 13.22 -10.27 13.98
C GLY A 125 11.99 -10.00 14.85
N ASP A 126 11.48 -8.78 14.81
CA ASP A 126 10.26 -8.38 15.50
C ASP A 126 9.01 -8.41 14.54
N SER A 127 8.17 -9.43 14.71
CA SER A 127 6.86 -9.50 14.03
C SER A 127 5.91 -8.32 14.33
N MET A 128 6.12 -7.63 15.48
CA MET A 128 5.27 -6.50 15.93
C MET A 128 5.78 -5.11 15.53
N PHE A 129 6.72 -5.03 14.61
CA PHE A 129 7.38 -3.74 14.29
C PHE A 129 6.46 -2.69 13.72
N ALA A 130 5.39 -3.13 13.04
CA ALA A 130 4.43 -2.22 12.40
C ALA A 130 3.08 -2.15 13.13
N SER A 131 2.98 -2.86 14.24
CA SER A 131 1.75 -2.99 14.98
C SER A 131 1.21 -1.69 15.56
N LYS A 132 2.05 -0.68 15.76
CA LYS A 132 1.59 0.66 16.18
C LYS A 132 0.99 1.45 15.03
N ILE A 133 1.31 1.08 13.80
CA ILE A 133 0.67 1.71 12.62
C ILE A 133 -0.59 0.91 12.18
N THR A 134 -0.41 -0.37 11.89
CA THR A 134 -1.48 -1.24 11.37
C THR A 134 -2.45 -1.79 12.43
N GLY A 135 -2.00 -1.90 13.67
CA GLY A 135 -2.73 -2.64 14.75
C GLY A 135 -2.50 -4.14 14.77
N LEU A 136 -1.59 -4.63 13.90
CA LEU A 136 -1.41 -6.04 13.54
C LEU A 136 0.04 -6.55 13.56
N PRO A 137 0.23 -7.84 13.83
CA PRO A 137 1.55 -8.43 13.72
C PRO A 137 1.72 -9.02 12.35
N VAL A 138 2.95 -9.33 11.98
CA VAL A 138 3.22 -9.98 10.73
C VAL A 138 2.68 -11.40 10.84
N SER A 139 1.87 -11.78 9.85
CA SER A 139 1.12 -13.00 9.89
C SER A 139 0.65 -13.41 8.50
N THR A 140 0.45 -14.71 8.30
CA THR A 140 -0.10 -15.25 7.02
C THR A 140 -1.50 -14.71 6.69
N TYR A 141 -2.30 -14.46 7.71
CA TYR A 141 -3.65 -13.94 7.52
C TYR A 141 -3.73 -12.71 6.60
N PHE A 142 -2.88 -11.72 6.85
CA PHE A 142 -3.17 -10.38 6.34
C PHE A 142 -2.90 -10.15 4.82
N ALA A 143 -3.73 -9.25 4.28
CA ALA A 143 -3.92 -9.12 2.82
C ALA A 143 -2.64 -8.83 2.06
N ALA A 144 -1.87 -7.86 2.58
CA ALA A 144 -0.62 -7.41 1.97
C ALA A 144 0.30 -8.58 1.63
N PHE A 145 0.42 -9.58 2.51
CA PHE A 145 1.31 -10.75 2.26
C PHE A 145 0.83 -11.67 1.13
N LYS A 146 -0.48 -11.74 0.91
CA LYS A 146 -1.09 -12.49 -0.19
C LYS A 146 -0.91 -11.74 -1.49
N MET A 147 -1.06 -10.42 -1.42
CA MET A 147 -0.74 -9.52 -2.52
C MET A 147 0.74 -9.70 -2.94
N ARG A 148 1.62 -9.68 -1.96
CA ARG A 148 3.06 -9.85 -2.20
C ARG A 148 3.29 -11.24 -2.78
N TRP A 149 2.56 -12.26 -2.31
CA TRP A 149 2.81 -13.60 -2.80
C TRP A 149 2.46 -13.74 -4.24
N MET A 150 1.44 -13.00 -4.69
CA MET A 150 0.86 -13.17 -6.03
C MET A 150 1.70 -12.47 -7.11
N LEU A 151 2.32 -11.34 -6.77
CA LEU A 151 3.35 -10.72 -7.62
C LEU A 151 4.57 -11.68 -7.84
N GLU A 152 5.11 -12.17 -6.75
CA GLU A 152 6.23 -13.11 -6.78
C GLU A 152 5.96 -14.50 -7.37
N ASN A 153 4.73 -14.99 -7.38
CA ASN A 153 4.48 -16.36 -7.87
C ASN A 153 3.43 -16.48 -8.98
N VAL A 154 2.89 -15.37 -9.49
CA VAL A 154 1.82 -15.45 -10.49
C VAL A 154 2.18 -14.55 -11.65
N PRO A 155 2.65 -15.18 -12.77
CA PRO A 155 3.07 -14.41 -13.95
C PRO A 155 2.03 -13.42 -14.44
N ALA A 156 0.79 -13.89 -14.51
CA ALA A 156 -0.32 -13.07 -15.02
C ALA A 156 -0.52 -11.79 -14.16
N VAL A 157 -0.35 -11.93 -12.83
CA VAL A 157 -0.47 -10.82 -11.87
C VAL A 157 0.71 -9.86 -11.99
N ALA A 158 1.92 -10.43 -12.01
CA ALA A 158 3.14 -9.62 -12.21
C ALA A 158 3.06 -8.81 -13.53
N ASP A 159 2.58 -9.46 -14.61
CA ASP A 159 2.38 -8.74 -15.90
C ASP A 159 1.39 -7.60 -15.67
N ALA A 160 0.22 -7.93 -15.10
CA ALA A 160 -0.83 -6.93 -14.86
C ALA A 160 -0.31 -5.72 -14.04
N CYS A 161 0.49 -5.99 -13.00
CA CYS A 161 1.17 -4.90 -12.26
C CYS A 161 1.92 -3.96 -13.24
N ARG A 162 2.84 -4.55 -14.01
CA ARG A 162 3.69 -3.87 -15.05
C ARG A 162 2.86 -2.99 -16.00
N ARG A 163 1.85 -3.63 -16.58
CA ARG A 163 0.98 -2.96 -17.53
C ARG A 163 0.10 -1.86 -16.88
N GLY A 164 -0.02 -1.87 -15.53
CA GLY A 164 -0.79 -0.85 -14.78
C GLY A 164 -2.29 -1.07 -14.83
N THR A 165 -2.70 -2.33 -15.08
CA THR A 165 -4.12 -2.73 -15.09
C THR A 165 -4.56 -3.53 -13.80
N LEU A 166 -3.68 -3.58 -12.79
CA LEU A 166 -3.87 -4.44 -11.62
C LEU A 166 -4.77 -3.82 -10.56
N CYS A 167 -5.79 -4.59 -10.18
CA CYS A 167 -6.62 -4.30 -9.01
C CYS A 167 -6.39 -5.43 -8.03
N PHE A 168 -5.88 -5.04 -6.86
CA PHE A 168 -6.01 -5.86 -5.65
C PHE A 168 -7.22 -5.39 -4.85
N GLY A 169 -7.82 -6.32 -4.13
CA GLY A 169 -9.05 -6.05 -3.38
C GLY A 169 -9.40 -7.17 -2.45
N THR A 170 -9.87 -6.81 -1.24
CA THR A 170 -10.56 -7.77 -0.36
C THR A 170 -11.98 -8.01 -0.94
N ILE A 171 -12.72 -8.97 -0.40
CA ILE A 171 -13.99 -9.45 -1.04
C ILE A 171 -15.04 -8.37 -1.07
N ASP A 172 -15.08 -7.51 -0.05
CA ASP A 172 -15.94 -6.32 -0.14
C ASP A 172 -15.68 -5.60 -1.49
N THR A 173 -14.40 -5.36 -1.78
CA THR A 173 -13.96 -4.58 -2.93
C THR A 173 -14.27 -5.27 -4.24
N TRP A 174 -13.91 -6.54 -4.32
CA TRP A 174 -14.28 -7.37 -5.44
C TRP A 174 -15.79 -7.41 -5.76
N LEU A 175 -16.59 -7.52 -4.71
CA LEU A 175 -18.05 -7.60 -4.87
C LEU A 175 -18.61 -6.27 -5.31
N MET A 176 -18.18 -5.19 -4.70
CA MET A 176 -18.65 -3.88 -5.10
C MET A 176 -18.12 -3.48 -6.47
N TYR A 177 -16.96 -3.98 -6.85
CA TYR A 177 -16.50 -3.84 -8.23
C TYR A 177 -17.43 -4.54 -9.22
N LYS A 178 -17.61 -5.86 -9.06
CA LYS A 178 -18.38 -6.64 -10.04
C LYS A 178 -19.89 -6.34 -10.05
N LEU A 179 -20.46 -5.99 -8.89
CA LEU A 179 -21.86 -5.54 -8.81
C LEU A 179 -22.08 -4.21 -9.52
N SER A 180 -21.04 -3.39 -9.57
CA SER A 180 -21.05 -2.11 -10.27
C SER A 180 -20.95 -2.21 -11.80
N GLY A 181 -20.64 -3.39 -12.30
CA GLY A 181 -20.15 -3.57 -13.65
C GLY A 181 -18.79 -2.91 -13.79
N GLY A 182 -17.97 -3.07 -12.76
CA GLY A 182 -16.68 -2.38 -12.70
C GLY A 182 -16.60 -0.88 -12.43
N LYS A 183 -17.70 -0.20 -12.08
CA LYS A 183 -17.65 1.29 -11.78
C LYS A 183 -17.12 1.78 -10.41
N ALA A 184 -17.13 0.93 -9.39
CA ALA A 184 -16.74 1.32 -8.05
C ALA A 184 -15.51 0.50 -7.66
N PHE A 185 -14.47 1.18 -7.22
CA PHE A 185 -13.26 0.50 -6.73
C PHE A 185 -12.94 1.05 -5.31
N VAL A 186 -13.71 0.55 -4.34
CA VAL A 186 -13.71 1.02 -2.94
C VAL A 186 -13.50 -0.12 -1.92
N THR A 187 -13.10 0.27 -0.73
CA THR A 187 -13.15 -0.64 0.40
C THR A 187 -13.60 0.14 1.60
N ASP A 188 -14.11 -0.58 2.60
CA ASP A 188 -14.55 0.05 3.84
C ASP A 188 -13.39 0.02 4.84
N VAL A 189 -13.48 0.90 5.85
CA VAL A 189 -12.41 1.01 6.83
C VAL A 189 -12.05 -0.30 7.50
N THR A 190 -13.05 -1.09 7.85
CA THR A 190 -12.81 -2.33 8.61
C THR A 190 -12.08 -3.36 7.79
N ASN A 191 -12.46 -3.55 6.55
CA ASN A 191 -11.69 -4.44 5.68
C ASN A 191 -10.27 -3.92 5.37
N ALA A 192 -10.15 -2.64 5.13
CA ALA A 192 -8.83 -2.01 4.96
C ALA A 192 -7.96 -2.27 6.18
N SER A 193 -8.57 -2.22 7.37
CA SER A 193 -7.80 -2.49 8.59
C SER A 193 -7.14 -3.86 8.64
N ARG A 194 -7.42 -4.76 7.70
CA ARG A 194 -6.82 -6.11 7.71
C ARG A 194 -5.84 -6.36 6.57
N THR A 195 -5.38 -5.30 5.93
CA THR A 195 -4.49 -5.45 4.81
C THR A 195 -3.04 -5.48 5.25
N PHE A 196 -2.72 -4.86 6.38
CA PHE A 196 -1.33 -4.53 6.81
C PHE A 196 -0.81 -3.29 6.04
N LEU A 197 -1.69 -2.59 5.30
CA LEU A 197 -1.30 -1.43 4.52
C LEU A 197 -1.98 -0.19 4.99
N MET A 198 -2.86 -0.25 5.97
CA MET A 198 -3.56 0.97 6.45
C MET A 198 -3.03 1.45 7.81
N ASP A 199 -3.00 2.76 7.96
CA ASP A 199 -2.62 3.37 9.20
C ASP A 199 -3.91 3.60 9.98
N LEU A 200 -3.99 3.02 11.18
CA LEU A 200 -5.18 3.16 12.04
C LEU A 200 -5.39 4.58 12.50
N ARG A 201 -4.32 5.34 12.75
CA ARG A 201 -4.45 6.73 13.21
C ARG A 201 -5.13 7.62 12.15
N THR A 202 -4.85 7.32 10.87
CA THR A 202 -5.35 8.09 9.74
C THR A 202 -6.52 7.39 9.02
N ARG A 203 -6.58 6.07 9.17
CA ARG A 203 -7.44 5.23 8.30
C ARG A 203 -7.19 5.58 6.84
N LYS A 204 -5.92 5.78 6.49
CA LYS A 204 -5.50 5.93 5.10
C LYS A 204 -4.41 4.96 4.85
N TRP A 205 -4.21 4.58 3.60
CA TRP A 205 -3.07 3.74 3.19
C TRP A 205 -1.76 4.38 3.62
N SER A 206 -0.83 3.56 4.12
CA SER A 206 0.46 4.01 4.65
C SER A 206 1.46 3.99 3.52
N PRO A 207 1.92 5.18 3.10
CA PRO A 207 2.93 5.20 2.02
C PRO A 207 4.17 4.39 2.36
N GLU A 208 4.68 4.53 3.59
CA GLU A 208 5.87 3.76 4.03
C GLU A 208 5.69 2.27 3.91
N LEU A 209 4.57 1.73 4.41
CA LEU A 209 4.34 0.25 4.35
C LEU A 209 4.17 -0.25 2.91
N CYS A 210 3.40 0.48 2.12
CA CYS A 210 3.28 0.12 0.72
C CYS A 210 4.67 0.03 0.10
N GLU A 211 5.43 1.12 0.24
CA GLU A 211 6.85 1.12 -0.15
C GLU A 211 7.64 -0.07 0.39
N LYS A 212 7.68 -0.28 1.69
CA LYS A 212 8.47 -1.38 2.24
C LYS A 212 8.06 -2.83 1.81
N LEU A 213 6.75 -3.13 1.70
CA LEU A 213 6.30 -4.47 1.26
C LEU A 213 6.19 -4.59 -0.26
N LYS A 214 6.27 -3.45 -0.95
CA LYS A 214 6.38 -3.34 -2.41
C LYS A 214 5.11 -3.76 -3.13
N ILE A 215 4.06 -3.09 -2.67
CA ILE A 215 2.72 -3.15 -3.24
C ILE A 215 2.53 -1.71 -3.69
N PRO A 216 2.40 -1.48 -5.00
CA PRO A 216 2.21 -0.12 -5.44
C PRO A 216 0.82 0.34 -5.09
N MET A 217 0.69 1.62 -4.77
CA MET A 217 -0.56 2.15 -4.25
C MET A 217 -1.64 2.31 -5.29
N GLU A 218 -1.27 2.31 -6.58
CA GLU A 218 -2.25 2.33 -7.68
C GLU A 218 -3.04 1.02 -7.84
N THR A 219 -2.57 -0.06 -7.23
CA THR A 219 -3.35 -1.29 -7.14
C THR A 219 -4.50 -1.23 -6.13
N LEU A 220 -4.55 -0.22 -5.27
CA LEU A 220 -5.40 -0.30 -4.07
C LEU A 220 -6.63 0.58 -4.22
N PRO A 221 -7.80 0.09 -3.75
CA PRO A 221 -9.04 0.84 -3.83
C PRO A 221 -9.08 1.98 -2.84
N GLU A 222 -10.10 2.82 -2.99
CA GLU A 222 -10.28 3.96 -2.14
C GLU A 222 -10.94 3.48 -0.81
N ILE A 223 -10.39 3.94 0.28
CA ILE A 223 -10.94 3.65 1.58
C ILE A 223 -12.11 4.59 1.85
N ARG A 224 -13.28 4.05 2.18
CA ARG A 224 -14.46 4.82 2.55
C ARG A 224 -14.97 4.25 3.84
N SER A 225 -16.07 4.76 4.38
CA SER A 225 -16.62 4.24 5.66
C SER A 225 -17.40 2.89 5.50
N ASN A 226 -18.09 2.46 6.56
CA ASN A 226 -19.00 1.31 6.46
C ASN A 226 -20.38 1.62 5.93
N SER A 227 -20.84 2.86 6.13
CA SER A 227 -22.20 3.29 5.79
C SER A 227 -22.25 4.60 4.98
N GLU A 228 -22.43 4.48 3.66
CA GLU A 228 -22.52 5.59 2.68
C GLU A 228 -22.78 5.05 1.25
N LEU A 229 -22.95 5.95 0.27
CA LEU A 229 -23.06 5.54 -1.12
C LEU A 229 -21.76 4.98 -1.67
N PHE A 230 -21.72 3.67 -1.92
CA PHE A 230 -20.59 3.04 -2.62
C PHE A 230 -20.72 2.91 -4.12
N GLY A 231 -21.94 2.92 -4.67
CA GLY A 231 -22.20 2.25 -5.97
C GLY A 231 -23.67 1.86 -6.13
N TYR A 232 -24.02 1.25 -7.25
CA TYR A 232 -25.38 0.77 -7.53
C TYR A 232 -25.24 -0.57 -8.18
N VAL A 233 -26.23 -1.45 -8.03
CA VAL A 233 -26.18 -2.72 -8.73
C VAL A 233 -26.59 -2.48 -10.18
N GLU A 234 -25.73 -2.87 -11.11
CA GLU A 234 -26.02 -2.77 -12.53
C GLU A 234 -25.14 -3.77 -13.25
N THR A 235 -25.39 -5.02 -12.87
CA THR A 235 -24.99 -6.19 -13.60
C THR A 235 -26.32 -6.90 -13.73
N ASP A 236 -26.47 -7.77 -14.72
CA ASP A 236 -27.68 -8.57 -14.79
C ASP A 236 -27.26 -10.01 -14.80
N GLU A 237 -26.21 -10.31 -14.04
CA GLU A 237 -25.45 -11.53 -14.16
C GLU A 237 -26.32 -12.78 -14.06
N CYS A 238 -26.93 -13.07 -12.91
CA CYS A 238 -27.88 -14.22 -12.80
C CYS A 238 -29.30 -13.66 -12.60
N GLY A 239 -29.65 -12.67 -13.39
CA GLY A 239 -31.00 -12.09 -13.39
C GLY A 239 -31.25 -11.10 -12.28
N VAL A 240 -30.18 -10.51 -11.77
CA VAL A 240 -30.27 -9.81 -10.49
C VAL A 240 -30.80 -8.37 -10.62
N ALA A 241 -30.44 -7.68 -11.70
CA ALA A 241 -31.08 -6.39 -12.04
C ALA A 241 -32.56 -6.62 -12.41
N ALA A 242 -32.85 -7.69 -13.14
CA ALA A 242 -34.24 -8.08 -13.41
C ALA A 242 -35.03 -8.29 -12.09
N ALA A 243 -34.42 -8.98 -11.13
CA ALA A 243 -35.06 -9.27 -9.83
C ALA A 243 -35.17 -8.04 -8.93
N LEU A 244 -34.14 -7.21 -8.90
CA LEU A 244 -34.16 -6.00 -8.11
C LEU A 244 -35.14 -5.00 -8.70
N ASN A 245 -35.32 -5.08 -10.03
CA ASN A 245 -36.32 -4.30 -10.73
C ASN A 245 -35.98 -2.79 -10.81
N GLU A 246 -36.00 -2.08 -9.68
CA GLU A 246 -35.67 -0.64 -9.61
C GLU A 246 -34.15 -0.49 -9.42
N ARG A 247 -33.66 0.74 -9.39
CA ARG A 247 -32.23 1.01 -9.17
C ARG A 247 -31.90 0.91 -7.67
N THR A 248 -30.95 0.04 -7.33
CA THR A 248 -30.69 -0.35 -5.95
C THR A 248 -29.25 -0.01 -5.61
N PRO A 249 -29.06 0.95 -4.67
CA PRO A 249 -27.73 1.33 -4.29
C PRO A 249 -27.11 0.34 -3.29
N ILE A 250 -25.79 0.21 -3.35
CA ILE A 250 -25.00 -0.58 -2.42
C ILE A 250 -24.53 0.49 -1.46
N MET A 251 -24.99 0.40 -0.21
CA MET A 251 -24.71 1.45 0.79
C MET A 251 -24.16 0.95 2.14
N GLY A 252 -23.74 -0.30 2.22
CA GLY A 252 -23.15 -0.85 3.45
C GLY A 252 -22.10 -1.82 3.07
N SER A 253 -21.03 -1.84 3.85
CA SER A 253 -19.91 -2.71 3.56
C SER A 253 -19.08 -2.79 4.81
N ILE A 254 -18.93 -4.00 5.39
CA ILE A 254 -18.25 -4.18 6.72
C ILE A 254 -17.73 -5.62 6.92
N GLY A 255 -16.51 -5.79 7.35
CA GLY A 255 -15.95 -7.15 7.53
C GLY A 255 -16.79 -8.02 8.45
N ASP A 256 -16.77 -9.35 8.26
CA ASP A 256 -17.65 -10.24 9.06
C ASP A 256 -17.65 -9.98 10.59
N GLN A 257 -16.51 -9.93 11.26
CA GLN A 257 -16.53 -9.78 12.72
C GLN A 257 -17.11 -8.44 13.19
N GLN A 258 -16.61 -7.39 12.57
CA GLN A 258 -17.06 -6.06 12.84
C GLN A 258 -18.53 -5.96 12.53
N SER A 259 -18.98 -6.64 11.49
CA SER A 259 -20.41 -6.69 11.18
C SER A 259 -21.20 -7.25 12.39
N ALA A 260 -20.74 -8.37 12.94
CA ALA A 260 -21.33 -8.95 14.14
C ALA A 260 -21.29 -8.01 15.33
N LEU A 261 -20.18 -7.29 15.53
CA LEU A 261 -20.07 -6.28 16.56
C LEU A 261 -21.19 -5.23 16.43
N PHE A 262 -21.44 -4.79 15.19
CA PHE A 262 -22.42 -3.80 14.88
C PHE A 262 -23.85 -4.33 14.86
N GLY A 263 -24.08 -5.48 14.28
CA GLY A 263 -25.38 -6.13 14.40
C GLY A 263 -25.78 -6.44 15.83
N ASN A 264 -24.80 -6.56 16.72
CA ASN A 264 -25.06 -6.75 18.12
C ASN A 264 -25.22 -5.45 18.92
N MET A 265 -25.33 -4.31 18.23
CA MET A 265 -25.54 -3.02 18.88
C MET A 265 -24.39 -2.55 19.82
N CYS A 266 -23.16 -3.03 19.64
CA CYS A 266 -22.02 -2.65 20.50
C CYS A 266 -21.43 -1.27 20.09
N PHE A 267 -22.30 -0.26 20.17
CA PHE A 267 -22.01 1.04 19.63
C PHE A 267 -21.18 1.88 20.62
N GLU A 268 -21.35 1.69 21.94
CA GLU A 268 -20.63 2.44 22.98
C GLU A 268 -19.35 1.71 23.39
N LYS A 269 -18.41 2.47 23.96
CA LYS A 269 -17.12 1.90 24.39
C LYS A 269 -17.30 0.94 25.59
N GLY A 270 -16.62 -0.20 25.56
CA GLY A 270 -16.77 -1.22 26.57
C GLY A 270 -17.81 -2.26 26.30
N GLU A 271 -18.60 -2.12 25.22
CA GLU A 271 -19.55 -3.18 24.78
C GLU A 271 -18.84 -4.15 23.83
N ALA A 272 -18.93 -5.44 24.12
CA ALA A 272 -18.25 -6.47 23.33
C ALA A 272 -19.22 -7.49 22.80
N LYS A 273 -18.83 -8.15 21.70
CA LYS A 273 -19.52 -9.35 21.16
C LYS A 273 -18.54 -10.49 21.18
N ASN A 274 -19.04 -11.71 21.32
CA ASN A 274 -18.22 -12.92 21.13
C ASN A 274 -19.04 -13.85 20.31
N THR A 275 -18.46 -14.39 19.25
CA THR A 275 -19.10 -15.44 18.43
C THR A 275 -18.58 -16.81 18.91
N TYR A 276 -19.49 -17.65 19.43
CA TYR A 276 -19.17 -19.02 19.86
C TYR A 276 -19.41 -19.89 18.69
N GLY A 277 -18.44 -19.96 17.78
CA GLY A 277 -18.44 -20.85 16.57
C GLY A 277 -17.43 -21.98 16.75
N THR A 278 -16.96 -22.60 15.66
CA THR A 278 -15.84 -23.57 15.67
C THR A 278 -14.71 -23.08 16.59
N GLY A 279 -14.43 -21.80 16.47
CA GLY A 279 -13.60 -21.07 17.41
C GLY A 279 -14.41 -19.89 17.89
N CYS A 280 -13.73 -18.96 18.53
CA CYS A 280 -14.31 -17.83 19.25
C CYS A 280 -13.59 -16.59 18.76
N PHE A 281 -14.35 -15.60 18.31
CA PHE A 281 -13.85 -14.29 17.97
C PHE A 281 -14.59 -13.32 18.85
N LEU A 282 -13.85 -12.61 19.68
CA LEU A 282 -14.38 -11.65 20.59
C LEU A 282 -13.86 -10.32 20.11
N LEU A 283 -14.78 -9.37 19.88
CA LEU A 283 -14.46 -7.98 19.63
C LEU A 283 -15.09 -7.08 20.67
N MET A 284 -14.32 -6.14 21.20
CA MET A 284 -14.81 -5.11 22.10
C MET A 284 -14.62 -3.72 21.49
N ASN A 285 -15.68 -2.92 21.45
CA ASN A 285 -15.59 -1.48 21.11
C ASN A 285 -14.80 -0.72 22.19
N VAL A 286 -13.65 -0.15 21.82
CA VAL A 286 -12.84 0.59 22.80
C VAL A 286 -12.95 2.10 22.64
N GLY A 287 -13.86 2.57 21.78
CA GLY A 287 -14.09 4.02 21.58
C GLY A 287 -13.34 4.66 20.41
N GLU A 288 -13.27 6.00 20.43
CA GLU A 288 -12.82 6.78 19.28
C GLU A 288 -11.33 6.87 19.03
N GLU A 289 -10.56 6.36 19.99
CA GLU A 289 -9.11 6.33 19.97
C GLU A 289 -8.63 4.86 19.94
N ALA A 290 -7.72 4.56 19.01
CA ALA A 290 -7.13 3.25 18.89
C ALA A 290 -6.45 2.93 20.19
N ARG A 291 -6.56 1.67 20.58
CA ARG A 291 -5.84 1.12 21.67
C ARG A 291 -5.06 -0.05 21.10
N PHE A 292 -3.82 -0.21 21.57
CA PHE A 292 -2.94 -1.31 21.23
C PHE A 292 -2.75 -2.22 22.41
N SER A 293 -2.38 -3.44 22.09
CA SER A 293 -2.34 -4.54 23.01
C SER A 293 -0.92 -4.85 23.45
N LYS A 294 -0.79 -5.21 24.72
CA LYS A 294 0.44 -5.77 25.28
C LYS A 294 0.35 -7.29 25.38
N HIS A 295 -0.69 -7.90 24.81
CA HIS A 295 -0.99 -9.33 24.97
C HIS A 295 -1.21 -10.09 23.65
N GLY A 296 -0.81 -9.51 22.52
CA GLY A 296 -0.97 -10.18 21.22
C GLY A 296 -2.32 -10.06 20.54
N LEU A 297 -3.22 -9.24 21.11
CA LEU A 297 -4.52 -8.98 20.54
C LEU A 297 -4.39 -7.98 19.41
N LEU A 298 -5.28 -8.06 18.44
CA LEU A 298 -5.30 -7.17 17.32
C LEU A 298 -6.07 -5.89 17.65
N SER A 299 -5.54 -4.74 17.21
CA SER A 299 -6.26 -3.49 17.25
C SER A 299 -6.81 -3.34 15.85
N THR A 300 -8.06 -2.95 15.72
CA THR A 300 -8.68 -2.92 14.43
C THR A 300 -9.71 -1.82 14.42
N VAL A 301 -10.27 -1.53 13.25
CA VAL A 301 -11.41 -0.64 13.19
C VAL A 301 -12.65 -1.46 13.51
N GLY A 302 -13.57 -0.89 14.30
CA GLY A 302 -14.84 -1.55 14.69
C GLY A 302 -15.94 -1.19 13.72
N PHE A 303 -16.18 0.11 13.56
CA PHE A 303 -17.05 0.64 12.51
C PHE A 303 -16.92 2.16 12.35
N GLN A 304 -17.56 2.72 11.34
CA GLN A 304 -17.57 4.12 11.04
C GLN A 304 -18.83 4.39 10.21
N VAL A 305 -19.77 5.13 10.76
CA VAL A 305 -21.03 5.37 10.08
C VAL A 305 -20.89 6.72 9.42
N GLY A 306 -20.90 6.76 8.09
CA GLY A 306 -20.78 8.02 7.32
C GLY A 306 -19.37 8.31 6.83
N ARG A 307 -19.26 8.82 5.61
CA ARG A 307 -17.99 9.33 5.10
C ARG A 307 -17.39 10.33 6.10
N ASP A 308 -16.21 9.99 6.60
CA ASP A 308 -15.53 10.70 7.69
C ASP A 308 -16.41 10.96 8.92
N GLY A 309 -17.26 9.98 9.26
CA GLY A 309 -18.07 10.02 10.48
C GLY A 309 -17.18 9.65 11.64
N PRO A 310 -17.74 9.61 12.86
CA PRO A 310 -16.93 9.13 13.96
C PRO A 310 -16.54 7.66 13.74
N CYS A 311 -15.31 7.36 14.13
CA CYS A 311 -14.72 6.06 13.89
C CYS A 311 -14.50 5.38 15.20
N TYR A 312 -15.19 4.26 15.42
CA TYR A 312 -15.03 3.49 16.65
C TYR A 312 -14.07 2.36 16.39
N TYR A 313 -13.06 2.24 17.26
CA TYR A 313 -12.01 1.21 17.19
C TYR A 313 -12.32 0.01 18.09
N ALA A 314 -11.63 -1.09 17.86
CA ALA A 314 -11.85 -2.31 18.63
C ALA A 314 -10.58 -3.01 18.94
N LEU A 315 -10.66 -3.94 19.89
CA LEU A 315 -9.66 -4.97 20.08
C LEU A 315 -10.33 -6.25 19.67
N GLU A 316 -9.54 -7.12 19.07
CA GLU A 316 -9.97 -8.44 18.65
C GLU A 316 -9.09 -9.56 19.21
N GLY A 317 -9.77 -10.57 19.76
CA GLY A 317 -9.16 -11.78 20.29
C GLY A 317 -9.84 -13.01 19.77
N ALA A 318 -9.07 -14.07 19.65
CA ALA A 318 -9.58 -15.34 19.14
C ALA A 318 -9.21 -16.49 20.07
N ILE A 319 -10.09 -17.48 20.13
CA ILE A 319 -9.74 -18.82 20.65
C ILE A 319 -10.03 -19.83 19.53
N ALA A 320 -9.11 -20.74 19.32
CA ALA A 320 -9.15 -21.65 18.15
C ALA A 320 -10.21 -22.69 18.26
N CYS A 321 -10.38 -23.25 19.46
CA CYS A 321 -11.16 -24.47 19.63
C CYS A 321 -12.30 -24.22 20.59
N ALA A 322 -13.48 -24.05 20.03
CA ALA A 322 -14.69 -23.87 20.78
C ALA A 322 -15.67 -25.00 20.37
N GLY A 323 -16.61 -24.74 19.45
CA GLY A 323 -17.42 -25.79 18.85
C GLY A 323 -16.60 -26.98 18.35
N ALA A 324 -15.37 -26.75 17.93
CA ALA A 324 -14.51 -27.85 17.52
C ALA A 324 -14.28 -28.85 18.67
N THR A 325 -14.04 -28.35 19.89
CA THR A 325 -13.88 -29.18 21.08
C THR A 325 -15.20 -29.92 21.38
N VAL A 326 -16.32 -29.27 21.17
CA VAL A 326 -17.59 -29.99 21.27
C VAL A 326 -17.67 -31.12 20.24
N GLU A 327 -17.33 -30.81 18.99
CA GLU A 327 -17.38 -31.78 17.90
C GLU A 327 -16.39 -32.93 18.13
N TRP A 328 -15.20 -32.61 18.59
CA TRP A 328 -14.21 -33.65 18.94
C TRP A 328 -14.70 -34.63 20.01
N MET A 329 -15.25 -34.13 21.10
CA MET A 329 -15.74 -35.00 22.18
C MET A 329 -16.79 -36.00 21.62
N ARG A 330 -17.63 -35.54 20.70
CA ARG A 330 -18.70 -36.37 20.12
C ARG A 330 -18.10 -37.32 19.08
N ARG A 331 -17.40 -36.75 18.11
CA ARG A 331 -16.90 -37.52 16.99
C ARG A 331 -15.74 -38.43 17.39
N ASN A 332 -14.72 -37.90 18.07
CA ASN A 332 -13.50 -38.68 18.32
C ASN A 332 -13.50 -39.53 19.56
N MET A 333 -14.19 -39.05 20.59
CA MET A 333 -14.16 -39.66 21.91
C MET A 333 -15.48 -40.28 22.34
N ASN A 334 -16.56 -40.08 21.57
CA ASN A 334 -17.81 -40.78 21.82
C ASN A 334 -18.39 -40.44 23.21
N LEU A 335 -18.21 -39.20 23.65
CA LEU A 335 -18.72 -38.80 24.96
C LEU A 335 -20.21 -38.51 24.93
N PHE A 336 -20.74 -38.14 23.77
CA PHE A 336 -22.17 -38.09 23.56
C PHE A 336 -22.48 -38.39 22.08
N SER A 337 -23.76 -38.53 21.72
CA SER A 337 -24.13 -38.60 20.28
C SER A 337 -24.99 -37.39 19.81
N HIS A 338 -26.21 -37.25 20.29
CA HIS A 338 -27.02 -36.10 19.90
C HIS A 338 -26.51 -34.83 20.60
N ILE A 339 -26.48 -33.73 19.84
CA ILE A 339 -25.94 -32.43 20.32
C ILE A 339 -26.59 -31.84 21.56
N THR A 340 -27.86 -32.19 21.82
CA THR A 340 -28.53 -31.78 23.04
C THR A 340 -27.90 -32.43 24.29
N GLU A 341 -27.24 -33.59 24.11
CA GLU A 341 -26.64 -34.33 25.24
C GLU A 341 -25.44 -33.63 25.89
N CYS A 342 -24.75 -32.83 25.09
CA CYS A 342 -23.61 -32.09 25.59
C CYS A 342 -24.04 -31.22 26.79
N GLU A 343 -24.94 -30.26 26.57
CA GLU A 343 -25.53 -29.52 27.71
C GLU A 343 -26.14 -30.38 28.84
N LYS A 344 -26.92 -31.42 28.54
CA LYS A 344 -27.57 -32.24 29.60
C LYS A 344 -26.57 -33.03 30.43
N LEU A 345 -25.57 -33.62 29.80
CA LEU A 345 -24.50 -34.26 30.57
C LEU A 345 -23.70 -33.26 31.47
N ALA A 346 -23.47 -32.04 31.01
CA ALA A 346 -22.73 -31.08 31.82
C ALA A 346 -23.57 -30.56 33.00
N ARG A 347 -24.88 -30.40 32.81
CA ARG A 347 -25.80 -30.04 33.91
C ARG A 347 -26.00 -31.15 34.94
N SER A 348 -25.77 -32.40 34.53
CA SER A 348 -26.04 -33.54 35.41
C SER A 348 -25.05 -33.68 36.54
N VAL A 349 -23.95 -32.94 36.50
CA VAL A 349 -23.02 -32.88 37.62
C VAL A 349 -22.95 -31.42 38.07
N PRO A 350 -22.74 -31.15 39.35
CA PRO A 350 -22.77 -29.77 39.85
C PRO A 350 -21.48 -28.93 39.65
N GLY A 351 -20.34 -29.59 39.56
CA GLY A 351 -19.08 -28.97 39.15
C GLY A 351 -18.18 -29.96 38.40
N THR A 352 -16.91 -29.61 38.26
CA THR A 352 -15.93 -30.48 37.62
C THR A 352 -15.16 -31.31 38.62
N GLN A 353 -15.35 -31.04 39.91
CA GLN A 353 -14.81 -31.87 41.03
C GLN A 353 -13.30 -32.02 40.90
N GLY A 354 -12.65 -30.91 40.62
CA GLY A 354 -11.21 -30.86 40.53
C GLY A 354 -10.59 -31.05 39.15
N ILE A 355 -11.30 -31.51 38.13
CA ILE A 355 -10.61 -31.68 36.83
C ILE A 355 -10.51 -30.40 36.03
N VAL A 356 -9.52 -30.34 35.14
CA VAL A 356 -9.41 -29.28 34.15
C VAL A 356 -8.97 -29.91 32.84
N PHE A 357 -9.72 -29.54 31.78
CA PHE A 357 -9.50 -29.97 30.40
C PHE A 357 -9.14 -28.72 29.62
N VAL A 358 -7.86 -28.58 29.26
CA VAL A 358 -7.43 -27.46 28.39
C VAL A 358 -7.46 -27.88 26.91
N PRO A 359 -8.47 -27.44 26.13
CA PRO A 359 -8.62 -27.97 24.80
C PRO A 359 -7.73 -27.18 23.83
N ALA A 360 -6.44 -27.22 24.11
CA ALA A 360 -5.42 -26.51 23.34
C ALA A 360 -4.91 -27.41 22.22
N PHE A 361 -5.80 -27.98 21.41
CA PHE A 361 -5.45 -28.99 20.42
C PHE A 361 -4.42 -28.46 19.42
N SER A 362 -4.59 -27.21 19.02
CA SER A 362 -3.78 -26.60 18.00
C SER A 362 -3.02 -25.45 18.68
N GLY A 363 -2.61 -25.68 19.93
CA GLY A 363 -1.96 -24.68 20.76
C GLY A 363 -2.86 -23.73 21.50
N LEU A 364 -2.19 -22.87 22.26
CA LEU A 364 -2.81 -21.69 22.89
C LEU A 364 -2.62 -20.42 22.02
N LEU A 365 -3.74 -19.85 21.61
CA LEU A 365 -3.79 -18.52 21.00
C LEU A 365 -4.10 -17.57 22.13
N ALA A 366 -4.86 -16.48 21.86
CA ALA A 366 -5.53 -15.76 22.97
C ALA A 366 -4.44 -14.88 23.65
N PRO A 367 -4.44 -14.66 25.00
CA PRO A 367 -3.41 -13.77 25.55
C PRO A 367 -2.22 -14.46 26.23
N TYR A 368 -2.12 -15.77 26.04
CA TYR A 368 -0.90 -16.55 26.31
C TYR A 368 -0.61 -16.99 24.88
N TRP A 369 0.62 -17.32 24.53
CA TRP A 369 0.92 -17.66 23.13
C TRP A 369 1.86 -18.81 23.07
N ASP A 370 1.28 -20.00 23.00
CA ASP A 370 2.06 -21.19 23.05
C ASP A 370 1.60 -22.18 21.96
N PRO A 371 2.36 -22.25 20.81
CA PRO A 371 2.10 -23.28 19.82
C PRO A 371 2.55 -24.64 20.31
N SER A 372 3.33 -24.69 21.38
CA SER A 372 3.67 -25.96 22.03
C SER A 372 2.55 -26.58 22.91
N ALA A 373 1.52 -25.80 23.25
CA ALA A 373 0.52 -26.27 24.22
C ALA A 373 -0.38 -27.25 23.52
N ARG A 374 -0.72 -28.33 24.17
CA ARG A 374 -1.58 -29.33 23.54
C ARG A 374 -2.75 -29.57 24.44
N GLY A 375 -3.70 -30.34 23.92
CA GLY A 375 -4.90 -30.71 24.62
C GLY A 375 -4.55 -31.59 25.78
N THR A 376 -4.91 -31.15 26.98
CA THR A 376 -4.57 -31.85 28.19
C THR A 376 -5.73 -31.92 29.14
N ILE A 377 -5.83 -33.05 29.83
CA ILE A 377 -6.71 -33.19 30.95
C ILE A 377 -5.86 -33.56 32.16
N VAL A 378 -6.16 -32.92 33.30
CA VAL A 378 -5.52 -33.20 34.57
C VAL A 378 -6.56 -33.29 35.70
N GLY A 379 -6.24 -34.10 36.71
CA GLY A 379 -6.97 -34.13 37.99
C GLY A 379 -7.99 -35.22 38.11
N MET A 380 -7.99 -36.18 37.20
CA MET A 380 -9.05 -37.16 37.15
C MET A 380 -8.88 -38.16 38.31
N THR A 381 -10.04 -38.62 38.82
CA THR A 381 -10.17 -39.69 39.79
C THR A 381 -11.06 -40.75 39.16
N LEU A 382 -11.36 -41.82 39.91
CA LEU A 382 -12.25 -42.86 39.42
C LEU A 382 -13.66 -42.39 39.51
N LYS A 383 -13.91 -41.31 40.24
CA LYS A 383 -15.21 -40.65 40.22
C LYS A 383 -15.46 -39.81 38.94
N THR A 384 -14.40 -39.45 38.21
CA THR A 384 -14.54 -38.66 37.00
C THR A 384 -15.32 -39.38 35.92
N THR A 385 -16.24 -38.65 35.27
CA THR A 385 -17.06 -39.23 34.20
C THR A 385 -17.06 -38.29 33.00
N ARG A 386 -17.65 -38.77 31.90
CA ARG A 386 -17.76 -37.97 30.69
C ARG A 386 -18.48 -36.67 30.97
N ALA A 387 -19.44 -36.71 31.89
CA ALA A 387 -20.15 -35.51 32.33
C ALA A 387 -19.25 -34.44 32.87
N HIS A 388 -18.36 -34.82 33.78
CA HIS A 388 -17.36 -33.88 34.31
C HIS A 388 -16.40 -33.37 33.22
N VAL A 389 -16.01 -34.25 32.31
CA VAL A 389 -15.11 -33.86 31.21
C VAL A 389 -15.78 -32.87 30.25
N ILE A 390 -17.05 -33.12 29.92
CA ILE A 390 -17.82 -32.25 29.04
C ILE A 390 -17.99 -30.87 29.68
N ARG A 391 -18.41 -30.85 30.95
CA ARG A 391 -18.60 -29.62 31.67
C ARG A 391 -17.28 -28.86 31.74
N ALA A 392 -16.16 -29.56 31.93
CA ALA A 392 -14.80 -28.89 31.98
C ALA A 392 -14.40 -28.24 30.63
N ALA A 393 -14.75 -28.90 29.53
CA ALA A 393 -14.58 -28.31 28.21
C ALA A 393 -15.33 -27.00 28.11
N LEU A 394 -16.57 -27.00 28.60
CA LEU A 394 -17.36 -25.78 28.57
C LEU A 394 -16.74 -24.74 29.48
N GLN A 395 -16.31 -25.15 30.67
CA GLN A 395 -15.62 -24.20 31.57
C GLN A 395 -14.41 -23.61 30.90
N ALA A 396 -13.62 -24.49 30.25
CA ALA A 396 -12.42 -24.11 29.54
C ALA A 396 -12.63 -23.06 28.49
N ILE A 397 -13.70 -23.19 27.73
CA ILE A 397 -14.02 -22.20 26.72
C ILE A 397 -14.22 -20.87 27.43
N ALA A 398 -15.08 -20.87 28.44
CA ALA A 398 -15.41 -19.62 29.19
C ALA A 398 -14.20 -19.01 29.90
N LEU A 399 -13.27 -19.87 30.32
CA LEU A 399 -12.08 -19.41 31.00
C LEU A 399 -11.13 -18.69 30.10
N GLN A 400 -10.99 -19.16 28.85
CA GLN A 400 -10.13 -18.45 27.91
C GLN A 400 -10.79 -17.14 27.54
N LEU A 401 -12.09 -17.16 27.30
CA LEU A 401 -12.74 -15.88 27.07
C LEU A 401 -12.49 -14.89 28.19
N ASN A 402 -12.65 -15.34 29.43
CA ASN A 402 -12.33 -14.55 30.60
C ASN A 402 -10.94 -13.94 30.54
N ASP A 403 -9.94 -14.72 30.24
CA ASP A 403 -8.58 -14.20 30.03
C ASP A 403 -8.44 -13.19 28.92
N VAL A 404 -9.11 -13.44 27.79
CA VAL A 404 -9.03 -12.56 26.63
C VAL A 404 -9.69 -11.25 27.01
N VAL A 405 -10.85 -11.33 27.65
CA VAL A 405 -11.56 -10.12 28.12
C VAL A 405 -10.71 -9.32 29.09
N GLY A 406 -10.03 -10.04 29.97
CA GLY A 406 -9.17 -9.47 30.96
C GLY A 406 -8.15 -8.57 30.34
N SER A 407 -7.43 -9.08 29.32
CA SER A 407 -6.41 -8.34 28.58
C SER A 407 -6.97 -7.10 27.93
N MET A 408 -8.09 -7.27 27.23
CA MET A 408 -8.74 -6.15 26.57
C MET A 408 -9.02 -5.01 27.54
N LYS A 409 -9.53 -5.34 28.73
CA LYS A 409 -9.87 -4.33 29.75
C LYS A 409 -8.64 -3.53 30.15
N ARG A 410 -7.49 -4.20 30.28
CA ARG A 410 -6.26 -3.56 30.66
C ARG A 410 -5.74 -2.71 29.51
N ASP A 411 -5.65 -3.28 28.30
CA ASP A 411 -5.17 -2.54 27.13
C ASP A 411 -6.05 -1.34 26.83
N ALA A 412 -7.37 -1.53 26.89
CA ALA A 412 -8.32 -0.45 26.58
C ALA A 412 -8.50 0.58 27.71
N GLY A 413 -8.13 0.21 28.93
CA GLY A 413 -8.43 1.04 30.12
C GLY A 413 -9.92 1.16 30.45
N LEU A 414 -10.69 0.10 30.22
CA LEU A 414 -12.12 0.15 30.52
C LEU A 414 -12.73 -1.15 31.01
N ASN A 415 -13.92 -1.06 31.59
CA ASN A 415 -14.71 -2.22 31.99
C ASN A 415 -15.55 -2.78 30.87
N LEU A 416 -15.92 -4.05 31.06
CA LEU A 416 -16.80 -4.72 30.17
C LEU A 416 -18.21 -4.41 30.60
N SER A 417 -18.97 -3.77 29.72
CA SER A 417 -20.32 -3.34 30.01
C SER A 417 -21.29 -4.53 30.00
N SER A 418 -21.39 -5.18 28.84
CA SER A 418 -22.19 -6.37 28.66
C SER A 418 -21.59 -7.16 27.53
N LEU A 419 -21.95 -8.43 27.42
CA LEU A 419 -21.47 -9.29 26.34
C LEU A 419 -22.64 -9.80 25.57
N ARG A 420 -22.74 -9.42 24.30
CA ARG A 420 -23.68 -10.05 23.39
C ARG A 420 -22.96 -11.27 22.81
N VAL A 421 -23.73 -12.32 22.55
CA VAL A 421 -23.19 -13.63 22.15
C VAL A 421 -23.96 -14.15 20.97
N ASP A 422 -23.30 -14.89 20.09
CA ASP A 422 -23.95 -15.51 18.92
C ASP A 422 -23.11 -16.71 18.48
N GLY A 423 -23.44 -17.30 17.34
CA GLY A 423 -22.91 -18.60 16.94
C GLY A 423 -23.66 -19.70 17.65
N GLY A 424 -23.48 -20.94 17.15
CA GLY A 424 -24.17 -22.12 17.66
C GLY A 424 -23.96 -22.47 19.14
N LEU A 425 -22.73 -22.41 19.60
CA LEU A 425 -22.50 -22.62 21.01
C LEU A 425 -23.19 -21.64 21.98
N SER A 426 -23.61 -20.47 21.51
CA SER A 426 -24.44 -19.59 22.33
C SER A 426 -25.84 -20.14 22.64
N LYS A 427 -26.27 -21.25 22.03
CA LYS A 427 -27.53 -21.90 22.39
C LYS A 427 -27.33 -22.93 23.51
N ASN A 428 -26.16 -22.95 24.12
CA ASN A 428 -25.89 -23.86 25.22
C ASN A 428 -25.93 -22.98 26.42
N GLY A 429 -27.06 -23.04 27.11
CA GLY A 429 -27.31 -22.12 28.19
C GLY A 429 -26.41 -22.33 29.36
N LEU A 430 -25.95 -23.56 29.58
CA LEU A 430 -25.04 -23.80 30.68
C LEU A 430 -23.71 -23.03 30.36
N LEU A 431 -23.23 -23.09 29.12
CA LEU A 431 -22.05 -22.29 28.76
C LEU A 431 -22.27 -20.79 28.99
N MET A 432 -23.42 -20.26 28.55
CA MET A 432 -23.75 -18.85 28.79
C MET A 432 -23.81 -18.49 30.30
N GLU A 433 -24.40 -19.40 31.10
CA GLU A 433 -24.40 -19.28 32.58
C GLU A 433 -23.00 -19.28 33.17
N ILE A 434 -22.17 -20.23 32.76
CA ILE A 434 -20.81 -20.30 33.32
C ILE A 434 -20.10 -18.95 32.99
N GLN A 435 -20.30 -18.47 31.77
CA GLN A 435 -19.63 -17.28 31.27
C GLN A 435 -20.08 -15.99 31.96
N ALA A 436 -21.38 -15.79 32.11
CA ALA A 436 -21.88 -14.71 32.99
C ALA A 436 -21.26 -14.73 34.39
N SER A 437 -21.31 -15.90 35.04
CA SER A 437 -20.78 -16.08 36.41
C SER A 437 -19.31 -15.78 36.47
N LEU A 438 -18.56 -16.13 35.44
CA LEU A 438 -17.10 -15.83 35.40
C LEU A 438 -16.80 -14.37 35.16
N LEU A 439 -17.44 -13.74 34.19
CA LEU A 439 -17.11 -12.33 33.89
C LEU A 439 -17.84 -11.41 34.83
N GLY A 440 -18.91 -11.91 35.43
CA GLY A 440 -19.80 -11.09 36.25
C GLY A 440 -20.37 -9.88 35.53
N VAL A 441 -20.83 -10.07 34.30
CA VAL A 441 -21.64 -9.06 33.59
C VAL A 441 -22.78 -9.86 33.05
N ASP A 442 -23.81 -9.18 32.56
CA ASP A 442 -24.89 -9.86 31.89
C ASP A 442 -24.44 -10.27 30.49
N ILE A 443 -24.96 -11.41 30.06
CA ILE A 443 -24.78 -11.89 28.73
C ILE A 443 -26.11 -11.81 28.01
N LEU A 444 -26.07 -11.20 26.83
CA LEU A 444 -27.24 -10.90 26.06
C LEU A 444 -27.27 -11.84 24.87
N VAL A 445 -28.32 -12.67 24.82
CA VAL A 445 -28.47 -13.68 23.78
C VAL A 445 -29.62 -13.23 22.95
N PRO A 446 -29.33 -12.77 21.72
CA PRO A 446 -30.38 -12.34 20.76
C PRO A 446 -31.11 -13.51 20.19
N SER A 447 -32.42 -13.40 20.06
CA SER A 447 -33.23 -14.48 19.48
C SER A 447 -33.22 -14.41 17.95
N MET A 448 -33.13 -13.22 17.40
CA MET A 448 -32.85 -13.05 15.97
C MET A 448 -31.31 -13.20 15.84
N HIS A 449 -30.86 -14.41 15.59
CA HIS A 449 -29.40 -14.71 15.68
C HIS A 449 -28.54 -14.34 14.45
N GLU A 450 -29.14 -13.72 13.45
CA GLU A 450 -28.52 -13.45 12.19
C GLU A 450 -27.73 -12.12 12.24
N THR A 451 -26.75 -12.08 13.16
CA THR A 451 -26.15 -10.83 13.60
C THR A 451 -25.10 -10.30 12.61
N THR A 452 -24.41 -11.19 11.92
CA THR A 452 -23.46 -10.80 10.90
C THR A 452 -24.17 -10.17 9.74
N ALA A 453 -25.23 -10.81 9.29
CA ALA A 453 -25.94 -10.31 8.14
C ALA A 453 -26.57 -8.97 8.52
N LEU A 454 -27.06 -8.84 9.74
CA LEU A 454 -27.77 -7.63 10.17
C LEU A 454 -26.86 -6.41 10.23
N GLY A 455 -25.65 -6.58 10.71
CA GLY A 455 -24.68 -5.51 10.69
C GLY A 455 -24.64 -4.77 9.35
N ALA A 456 -24.47 -5.54 8.28
CA ALA A 456 -24.34 -4.96 6.95
C ALA A 456 -25.65 -4.35 6.51
N ALA A 457 -26.76 -5.00 6.86
CA ALA A 457 -28.08 -4.45 6.60
C ALA A 457 -28.34 -3.12 7.37
N LEU A 458 -27.86 -3.00 8.62
CA LEU A 458 -27.98 -1.75 9.40
C LEU A 458 -27.13 -0.61 8.82
N CYS A 459 -25.92 -0.94 8.37
CA CYS A 459 -25.04 0.09 7.81
C CYS A 459 -25.76 0.66 6.59
N ALA A 460 -26.10 -0.22 5.64
CA ALA A 460 -26.81 0.15 4.39
C ALA A 460 -28.14 0.89 4.60
N GLY A 461 -28.86 0.59 5.67
CA GLY A 461 -30.20 1.12 5.89
C GLY A 461 -30.14 2.45 6.60
N LEU A 462 -29.13 2.62 7.46
CA LEU A 462 -28.80 3.94 8.04
C LEU A 462 -28.50 4.97 6.94
N ALA A 463 -27.65 4.57 6.00
CA ALA A 463 -27.25 5.44 4.93
C ALA A 463 -28.41 5.81 4.02
N ALA A 464 -29.43 4.93 3.92
CA ALA A 464 -30.58 5.17 3.07
C ALA A 464 -31.80 5.65 3.81
N GLY A 465 -31.68 5.97 5.11
CA GLY A 465 -32.79 6.57 5.84
C GLY A 465 -33.89 5.61 6.30
N VAL A 466 -33.68 4.29 6.16
CA VAL A 466 -34.58 3.25 6.70
C VAL A 466 -34.59 3.29 8.23
N TRP A 467 -33.40 3.43 8.81
CA TRP A 467 -33.24 3.85 10.21
C TRP A 467 -32.44 5.18 10.22
N THR A 468 -32.80 6.11 11.10
CA THR A 468 -32.23 7.47 11.09
C THR A 468 -31.17 7.68 12.19
N SER A 469 -31.06 6.79 13.17
CA SER A 469 -29.97 6.91 14.11
C SER A 469 -29.63 5.56 14.75
N LEU A 470 -28.49 5.51 15.44
CA LEU A 470 -28.16 4.35 16.24
C LEU A 470 -29.15 4.16 17.38
N GLU A 471 -29.76 5.24 17.86
CA GLU A 471 -30.76 5.12 18.92
C GLU A 471 -31.99 4.44 18.36
N GLU A 472 -32.40 4.83 17.15
CA GLU A 472 -33.53 4.17 16.49
C GLU A 472 -33.26 2.67 16.14
N VAL A 473 -32.04 2.36 15.68
CA VAL A 473 -31.63 0.99 15.48
C VAL A 473 -31.79 0.20 16.75
N LYS A 474 -31.23 0.72 17.86
CA LYS A 474 -31.30 0.07 19.20
C LYS A 474 -32.73 -0.10 19.65
N ALA A 475 -33.58 0.89 19.42
CA ALA A 475 -35.00 0.81 19.88
C ALA A 475 -35.81 -0.21 19.07
N VAL A 476 -35.67 -0.23 17.75
CA VAL A 476 -36.36 -1.23 16.96
C VAL A 476 -35.98 -2.65 17.42
N SER A 477 -34.71 -2.90 17.68
CA SER A 477 -34.30 -4.21 18.15
C SER A 477 -35.03 -4.60 19.42
N ARG A 478 -35.09 -3.69 20.40
CA ARG A 478 -35.72 -3.99 21.71
C ARG A 478 -37.19 -4.37 21.56
N ARG A 479 -37.96 -3.46 20.99
CA ARG A 479 -39.35 -3.73 20.61
C ARG A 479 -39.56 -5.02 19.80
N GLU A 480 -38.85 -5.16 18.67
CA GLU A 480 -39.21 -6.17 17.70
C GLU A 480 -38.58 -7.54 17.93
N ASN A 481 -37.36 -7.57 18.49
CA ASN A 481 -36.59 -8.81 18.66
C ASN A 481 -36.20 -9.07 20.15
N SER A 482 -36.59 -10.21 20.70
CA SER A 482 -36.29 -10.55 22.11
C SER A 482 -34.78 -10.76 22.29
N TRP A 483 -34.25 -10.29 23.40
CA TRP A 483 -32.96 -10.70 23.90
C TRP A 483 -33.23 -11.50 25.20
N LYS A 484 -32.65 -12.68 25.33
CA LYS A 484 -32.61 -13.42 26.60
C LYS A 484 -31.48 -12.83 27.36
N THR A 485 -31.70 -12.39 28.60
CA THR A 485 -30.58 -11.95 29.44
C THR A 485 -30.20 -13.00 30.46
N VAL A 486 -28.90 -13.13 30.71
CA VAL A 486 -28.38 -14.28 31.41
C VAL A 486 -27.38 -13.67 32.34
N SER A 487 -27.62 -13.88 33.64
CA SER A 487 -27.00 -13.06 34.68
C SER A 487 -25.99 -13.88 35.43
N PRO A 488 -24.95 -13.23 35.98
CA PRO A 488 -23.99 -13.94 36.82
C PRO A 488 -24.72 -14.66 37.98
N SER A 489 -24.38 -15.91 38.23
CA SER A 489 -25.18 -16.70 39.14
C SER A 489 -24.39 -17.75 39.91
N GLY A 490 -23.11 -17.51 40.14
CA GLY A 490 -22.36 -18.40 41.00
C GLY A 490 -21.84 -17.54 42.12
N SER A 491 -20.88 -18.06 42.86
CA SER A 491 -20.17 -17.32 43.88
C SER A 491 -18.81 -16.84 43.42
N ALA A 492 -18.47 -15.63 43.83
CA ALA A 492 -17.12 -15.08 43.74
C ALA A 492 -16.00 -16.03 44.22
N MET A 493 -16.30 -16.88 45.20
CA MET A 493 -15.30 -17.81 45.70
C MET A 493 -15.14 -19.02 44.74
N GLU A 494 -16.23 -19.49 44.15
CA GLU A 494 -16.20 -20.52 43.10
C GLU A 494 -15.50 -19.97 41.85
N ARG A 495 -15.87 -18.75 41.49
CA ARG A 495 -15.24 -18.04 40.39
C ARG A 495 -13.73 -18.14 40.57
N GLU A 496 -13.25 -17.82 41.76
CA GLU A 496 -11.82 -17.66 42.00
C GLU A 496 -11.04 -19.00 41.95
N ALA A 497 -11.63 -20.04 42.52
CA ALA A 497 -11.05 -21.39 42.50
C ALA A 497 -11.00 -21.98 41.11
N MET A 498 -11.97 -21.65 40.29
CA MET A 498 -12.00 -22.11 38.89
C MET A 498 -10.83 -21.50 38.12
N ILE A 499 -10.60 -20.22 38.34
CA ILE A 499 -9.50 -19.48 37.75
C ILE A 499 -8.15 -19.95 38.27
N ALA A 500 -8.05 -20.26 39.56
CA ALA A 500 -6.81 -20.80 40.16
C ALA A 500 -6.43 -22.18 39.59
N GLU A 501 -7.42 -23.07 39.45
CA GLU A 501 -7.24 -24.36 38.81
C GLU A 501 -6.85 -24.21 37.34
N TRP A 502 -7.50 -23.25 36.66
CA TRP A 502 -7.23 -22.98 35.25
C TRP A 502 -5.74 -22.56 35.08
N ARG A 503 -5.25 -21.68 35.96
CA ARG A 503 -3.87 -21.22 35.92
C ARG A 503 -2.89 -22.32 36.24
N GLU A 504 -3.22 -23.19 37.20
CA GLU A 504 -2.38 -24.36 37.45
C GLU A 504 -2.33 -25.30 36.26
N ALA A 505 -3.48 -25.52 35.61
CA ALA A 505 -3.60 -26.50 34.51
C ALA A 505 -2.75 -26.12 33.29
N LEU A 506 -2.83 -24.84 32.92
CA LEU A 506 -2.03 -24.23 31.84
C LEU A 506 -0.54 -24.54 31.91
N LYS A 507 0.03 -24.55 33.10
CA LYS A 507 1.43 -24.96 33.33
C LYS A 507 1.81 -26.39 32.93
N ARG A 508 0.81 -27.23 32.62
CA ARG A 508 1.05 -28.62 32.30
C ARG A 508 0.75 -28.93 30.84
N THR A 509 0.47 -27.88 30.05
CA THR A 509 0.04 -28.07 28.65
C THR A 509 1.16 -28.13 27.59
N LYS A 510 2.36 -27.67 27.96
CA LYS A 510 3.52 -27.63 27.07
C LYS A 510 3.94 -29.04 26.74
N TRP A 511 3.76 -29.42 25.49
CA TRP A 511 4.10 -30.78 25.05
C TRP A 511 4.93 -30.80 23.78
N ALA A 512 4.38 -30.22 22.71
CA ALA A 512 4.92 -30.34 21.34
C ALA A 512 6.37 -29.89 21.13
N LYS A 513 7.03 -30.61 20.20
CA LYS A 513 8.40 -30.40 19.70
C LYS A 513 9.43 -30.03 20.75
N ALA B 1 -4.92 -97.06 45.24
CA ALA B 1 -4.87 -95.57 45.17
C ALA B 1 -5.65 -95.02 43.95
N THR B 2 -6.89 -94.56 44.19
CA THR B 2 -7.68 -93.83 43.16
C THR B 2 -7.46 -92.31 43.34
N MET B 3 -8.45 -91.46 43.01
CA MET B 3 -8.18 -90.03 42.82
C MET B 3 -8.22 -89.22 44.11
N LYS B 4 -7.07 -88.69 44.52
CA LYS B 4 -6.94 -87.84 45.71
C LYS B 4 -7.30 -86.39 45.33
N TYR B 5 -7.64 -85.59 46.34
CA TYR B 5 -8.17 -84.23 46.15
C TYR B 5 -7.73 -83.26 47.22
N VAL B 6 -7.37 -82.04 46.83
CA VAL B 6 -6.93 -81.00 47.76
C VAL B 6 -7.82 -79.79 47.55
N GLY B 7 -8.26 -79.20 48.64
CA GLY B 7 -9.18 -78.09 48.60
C GLY B 7 -8.45 -76.83 48.96
N SER B 8 -8.85 -75.72 48.33
CA SER B 8 -8.31 -74.39 48.54
C SER B 8 -9.46 -73.42 48.90
N ILE B 9 -9.40 -72.80 50.06
CA ILE B 9 -10.27 -71.66 50.36
C ILE B 9 -9.59 -70.40 49.87
N ASP B 10 -10.21 -69.73 48.87
CA ASP B 10 -9.71 -68.44 48.32
C ASP B 10 -10.54 -67.26 48.82
N GLN B 11 -10.06 -66.60 49.86
CA GLN B 11 -10.84 -65.60 50.56
C GLN B 11 -10.32 -64.27 50.09
N GLY B 12 -10.99 -63.66 49.12
CA GLY B 12 -10.54 -62.43 48.48
C GLY B 12 -11.25 -61.18 48.98
N THR B 13 -10.87 -60.02 48.48
CA THR B 13 -11.47 -58.78 48.90
C THR B 13 -13.01 -58.73 48.79
N THR B 14 -13.57 -59.19 47.66
CA THR B 14 -15.02 -59.07 47.36
C THR B 14 -15.83 -60.36 47.38
N SER B 15 -15.16 -61.50 47.30
CA SER B 15 -15.81 -62.77 47.54
C SER B 15 -14.86 -63.82 48.10
N THR B 16 -15.43 -64.96 48.48
CA THR B 16 -14.73 -66.10 48.97
C THR B 16 -15.09 -67.23 48.02
N ARG B 17 -14.12 -68.11 47.76
CA ARG B 17 -14.37 -69.31 46.99
C ARG B 17 -13.71 -70.50 47.62
N PHE B 18 -14.18 -71.67 47.24
CA PHE B 18 -13.53 -72.91 47.57
C PHE B 18 -13.38 -73.65 46.27
N ILE B 19 -12.15 -74.00 45.95
CA ILE B 19 -11.84 -74.76 44.74
C ILE B 19 -11.32 -76.11 45.20
N ILE B 20 -11.82 -77.17 44.59
CA ILE B 20 -11.23 -78.50 44.82
C ILE B 20 -10.32 -78.88 43.65
N PHE B 21 -9.07 -79.14 43.95
CA PHE B 21 -8.09 -79.64 42.93
C PHE B 21 -7.91 -81.12 43.09
N ASP B 22 -7.70 -81.82 41.97
CA ASP B 22 -7.22 -83.22 42.00
C ASP B 22 -5.68 -83.32 42.02
N GLU B 23 -5.15 -84.55 41.91
CA GLU B 23 -3.68 -84.73 41.96
C GLU B 23 -2.97 -84.32 40.66
N ARG B 24 -3.72 -84.20 39.57
CA ARG B 24 -3.27 -83.58 38.33
C ARG B 24 -3.29 -82.03 38.36
N GLN B 25 -3.61 -81.43 39.51
CA GLN B 25 -3.75 -79.96 39.68
C GLN B 25 -4.92 -79.25 38.90
N ARG B 26 -5.91 -80.02 38.48
CA ARG B 26 -7.10 -79.49 37.83
C ARG B 26 -8.17 -79.07 38.85
N PRO B 27 -8.77 -77.88 38.68
CA PRO B 27 -9.95 -77.48 39.48
C PRO B 27 -11.16 -78.29 39.00
N VAL B 28 -11.74 -79.06 39.89
CA VAL B 28 -12.79 -80.01 39.52
C VAL B 28 -14.14 -79.61 40.07
N SER B 29 -14.11 -78.90 41.20
CA SER B 29 -15.27 -78.26 41.76
C SER B 29 -14.88 -76.89 42.30
N VAL B 30 -15.83 -75.95 42.19
CA VAL B 30 -15.70 -74.60 42.71
C VAL B 30 -17.06 -74.10 43.17
N HIS B 31 -17.08 -73.32 44.23
CA HIS B 31 -18.22 -72.46 44.53
C HIS B 31 -17.80 -71.11 45.11
N GLN B 32 -18.49 -70.03 44.71
CA GLN B 32 -18.21 -68.67 45.15
C GLN B 32 -19.37 -68.06 45.95
N VAL B 33 -19.06 -67.30 47.00
CA VAL B 33 -20.08 -66.49 47.69
C VAL B 33 -19.51 -65.11 47.99
N PRO B 34 -20.27 -64.03 47.67
CA PRO B 34 -19.80 -62.64 47.93
C PRO B 34 -20.05 -62.20 49.36
N HIS B 35 -19.33 -61.17 49.79
CA HIS B 35 -19.61 -60.53 51.08
C HIS B 35 -19.67 -59.04 50.88
N THR B 36 -20.25 -58.39 51.88
CA THR B 36 -20.60 -56.98 51.83
C THR B 36 -19.38 -56.09 52.01
N GLN B 37 -19.34 -55.03 51.22
CA GLN B 37 -18.24 -54.13 51.21
C GLN B 37 -18.72 -52.87 51.93
N HIS B 38 -18.65 -52.91 53.25
CA HIS B 38 -19.13 -51.77 54.07
C HIS B 38 -18.20 -50.57 54.01
N THR B 39 -18.73 -49.44 53.55
CA THR B 39 -18.05 -48.17 53.54
C THR B 39 -18.76 -47.09 54.43
N PRO B 40 -18.51 -47.09 55.77
CA PRO B 40 -19.16 -46.09 56.65
C PRO B 40 -18.80 -44.64 56.33
N HIS B 41 -17.51 -44.38 56.10
CA HIS B 41 -17.03 -43.03 55.79
C HIS B 41 -16.21 -43.10 54.50
N PRO B 42 -16.15 -42.00 53.70
CA PRO B 42 -15.33 -42.07 52.45
C PRO B 42 -13.87 -42.48 52.68
N GLY B 43 -13.35 -43.34 51.80
CA GLY B 43 -12.07 -44.04 52.05
C GLY B 43 -12.06 -45.21 53.07
N TRP B 44 -13.12 -45.42 53.84
CA TRP B 44 -13.15 -46.58 54.74
C TRP B 44 -13.74 -47.76 54.03
N LEU B 45 -13.22 -48.95 54.33
CA LEU B 45 -13.77 -50.23 53.89
C LEU B 45 -13.63 -51.28 55.00
N GLU B 46 -14.74 -51.89 55.37
CA GLU B 46 -14.85 -52.90 56.47
C GLU B 46 -15.52 -54.15 55.90
N HIS B 47 -15.11 -55.32 56.36
CA HIS B 47 -15.81 -56.56 56.14
C HIS B 47 -16.29 -57.14 57.45
N ASP B 48 -17.31 -57.98 57.37
CA ASP B 48 -17.96 -58.58 58.54
C ASP B 48 -17.36 -59.97 58.68
N PRO B 49 -16.60 -60.24 59.76
CA PRO B 49 -15.83 -61.52 59.82
C PRO B 49 -16.62 -62.78 59.80
N MET B 50 -17.79 -62.72 60.42
CA MET B 50 -18.69 -63.87 60.39
C MET B 50 -19.32 -64.08 59.02
N GLU B 51 -19.61 -63.02 58.28
CA GLU B 51 -20.03 -63.20 56.86
C GLU B 51 -18.94 -63.93 56.04
N ILE B 52 -17.66 -63.61 56.28
CA ILE B 52 -16.56 -64.29 55.57
C ILE B 52 -16.43 -65.75 55.89
N PHE B 53 -16.45 -66.06 57.18
CA PHE B 53 -16.39 -67.45 57.67
C PHE B 53 -17.62 -68.19 57.18
N ARG B 54 -18.77 -67.54 57.25
CA ARG B 54 -19.99 -68.16 56.69
C ARG B 54 -19.88 -68.43 55.20
N SER B 55 -19.34 -67.45 54.46
CA SER B 55 -19.18 -67.61 53.01
C SER B 55 -18.28 -68.82 52.72
N ALA B 56 -17.17 -68.91 53.41
CA ALA B 56 -16.22 -69.99 53.25
C ALA B 56 -16.82 -71.38 53.50
N CYS B 57 -17.69 -71.47 54.50
CA CYS B 57 -18.33 -72.76 54.84
C CYS B 57 -19.35 -73.16 53.83
N LYS B 58 -20.13 -72.18 53.36
CA LYS B 58 -21.08 -72.38 52.24
C LYS B 58 -20.33 -72.85 51.00
N CYS B 59 -19.22 -72.17 50.68
CA CYS B 59 -18.36 -72.54 49.55
C CYS B 59 -17.87 -74.00 49.62
N MET B 60 -17.45 -74.41 50.80
CA MET B 60 -16.96 -75.78 50.99
C MET B 60 -18.02 -76.85 50.82
N SER B 61 -19.16 -76.68 51.47
CA SER B 61 -20.20 -77.69 51.38
C SER B 61 -20.94 -77.74 50.02
N VAL B 62 -20.96 -76.64 49.25
CA VAL B 62 -21.52 -76.67 47.89
C VAL B 62 -20.51 -77.28 46.92
N ALA B 63 -19.24 -76.88 47.04
CA ALA B 63 -18.16 -77.48 46.23
C ALA B 63 -18.09 -79.00 46.41
N ILE B 64 -18.12 -79.45 47.67
CA ILE B 64 -18.06 -80.89 48.01
C ILE B 64 -19.22 -81.64 47.39
N ALA B 65 -20.44 -81.25 47.78
CA ALA B 65 -21.68 -81.76 47.13
C ALA B 65 -21.64 -81.83 45.62
N LYS B 66 -21.07 -80.83 44.95
CA LYS B 66 -21.04 -80.82 43.46
C LYS B 66 -20.03 -81.86 42.89
N LEU B 67 -18.83 -81.88 43.45
CA LEU B 67 -17.83 -82.91 43.12
C LEU B 67 -18.43 -84.31 43.36
N ARG B 68 -19.11 -84.47 44.48
CA ARG B 68 -19.61 -85.81 44.87
C ARG B 68 -20.75 -86.30 43.99
N GLN B 69 -21.23 -85.49 43.06
CA GLN B 69 -22.11 -85.98 42.00
C GLN B 69 -21.44 -86.10 40.62
N LYS B 70 -20.22 -85.59 40.43
CA LYS B 70 -19.44 -85.93 39.20
C LYS B 70 -18.42 -87.10 39.40
N ASP B 71 -18.03 -87.34 40.66
CA ASP B 71 -17.23 -88.46 41.10
C ASP B 71 -17.91 -89.00 42.35
N ALA B 72 -18.79 -89.98 42.13
CA ALA B 72 -19.52 -90.60 43.23
C ALA B 72 -18.66 -91.50 44.14
N SER B 73 -17.39 -91.74 43.79
CA SER B 73 -16.40 -92.43 44.68
C SER B 73 -15.48 -91.48 45.44
N PHE B 74 -15.96 -90.27 45.71
CA PHE B 74 -15.19 -89.26 46.41
C PHE B 74 -15.60 -89.32 47.88
N ARG B 75 -14.82 -90.01 48.71
CA ARG B 75 -15.11 -90.05 50.16
C ARG B 75 -14.43 -88.94 50.98
N LYS B 76 -13.33 -88.37 50.50
CA LYS B 76 -12.62 -87.36 51.32
C LYS B 76 -11.64 -86.45 50.57
N ILE B 77 -11.37 -85.32 51.21
CA ILE B 77 -10.37 -84.34 50.80
C ILE B 77 -9.12 -84.64 51.64
N GLU B 78 -7.96 -84.73 50.98
CA GLU B 78 -6.70 -85.03 51.72
C GLU B 78 -6.33 -83.91 52.73
N ALA B 79 -6.37 -82.67 52.25
CA ALA B 79 -6.17 -81.51 53.11
C ALA B 79 -6.74 -80.24 52.50
N ILE B 80 -6.87 -79.23 53.34
CA ILE B 80 -7.37 -77.94 52.95
C ILE B 80 -6.24 -76.97 53.06
N GLY B 81 -6.07 -76.12 52.03
CA GLY B 81 -5.22 -74.94 52.09
C GLY B 81 -6.04 -73.66 52.06
N ILE B 82 -5.49 -72.61 52.65
CA ILE B 82 -6.10 -71.28 52.64
C ILE B 82 -5.16 -70.30 51.99
N THR B 83 -5.68 -69.51 51.06
CA THR B 83 -5.08 -68.26 50.70
C THR B 83 -6.12 -67.16 50.87
N ASN B 84 -5.65 -65.97 51.17
CA ASN B 84 -6.52 -64.91 51.59
C ASN B 84 -6.01 -63.54 51.23
N GLN B 85 -6.93 -62.59 51.16
CA GLN B 85 -6.56 -61.18 51.13
C GLN B 85 -5.77 -60.92 52.39
N ARG B 86 -4.61 -60.30 52.18
CA ARG B 86 -3.63 -59.94 53.25
C ARG B 86 -3.96 -58.60 53.86
N GLU B 87 -3.27 -58.32 54.97
CA GLU B 87 -3.40 -57.09 55.76
C GLU B 87 -4.75 -56.85 56.45
N THR B 88 -5.80 -57.58 56.07
CA THR B 88 -7.13 -57.27 56.52
C THR B 88 -7.13 -57.86 57.89
N THR B 89 -7.48 -57.07 58.90
CA THR B 89 -7.27 -57.45 60.31
C THR B 89 -8.55 -57.59 61.12
N VAL B 90 -8.70 -58.78 61.70
CA VAL B 90 -9.84 -59.11 62.56
C VAL B 90 -9.47 -59.05 64.06
N ALA B 91 -10.39 -58.49 64.87
CA ALA B 91 -10.33 -58.55 66.33
C ALA B 91 -11.43 -59.41 66.93
N TRP B 92 -11.04 -60.50 67.59
CA TRP B 92 -11.99 -61.39 68.28
C TRP B 92 -11.64 -61.75 69.75
N ASP B 93 -12.60 -62.38 70.43
CA ASP B 93 -12.53 -62.74 71.86
C ASP B 93 -12.10 -64.20 72.05
N ARG B 94 -11.09 -64.43 72.91
CA ARG B 94 -10.63 -65.78 73.34
C ARG B 94 -11.78 -66.78 73.68
N VAL B 95 -12.82 -66.32 74.40
CA VAL B 95 -13.85 -67.23 74.94
C VAL B 95 -15.22 -67.10 74.24
N THR B 96 -15.76 -65.88 74.08
CA THR B 96 -17.04 -65.72 73.32
C THR B 96 -16.93 -66.10 71.82
N LYS B 97 -15.70 -66.16 71.28
CA LYS B 97 -15.38 -66.66 69.92
C LYS B 97 -15.77 -65.71 68.77
N GLU B 98 -16.27 -64.51 69.11
CA GLU B 98 -17.05 -63.67 68.21
C GLU B 98 -16.17 -62.46 67.81
N PRO B 99 -16.48 -61.80 66.68
CA PRO B 99 -15.80 -60.54 66.39
C PRO B 99 -16.17 -59.44 67.37
N LEU B 100 -15.17 -58.76 67.90
CA LEU B 100 -15.36 -57.57 68.68
C LEU B 100 -15.93 -56.43 67.80
N CYS B 101 -15.48 -56.38 66.55
CA CYS B 101 -15.96 -55.40 65.57
C CYS B 101 -15.66 -55.88 64.13
N TYR B 102 -16.07 -55.08 63.16
CA TYR B 102 -15.76 -55.34 61.76
C TYR B 102 -14.26 -55.23 61.48
N ALA B 103 -13.85 -55.85 60.38
CA ALA B 103 -12.45 -55.95 60.03
C ALA B 103 -12.08 -54.86 59.06
N PRO B 104 -11.28 -53.88 59.49
CA PRO B 104 -10.77 -52.95 58.49
C PRO B 104 -9.91 -53.69 57.45
N VAL B 105 -10.13 -53.33 56.18
CA VAL B 105 -9.63 -54.09 55.05
C VAL B 105 -8.33 -53.43 54.60
N TRP B 106 -7.47 -54.19 53.93
CA TRP B 106 -6.15 -53.70 53.49
C TRP B 106 -6.06 -52.28 52.96
N ASN B 107 -7.04 -51.85 52.12
CA ASN B 107 -7.01 -50.51 51.48
C ASN B 107 -7.81 -49.46 52.21
N ASP B 108 -8.15 -49.72 53.45
CA ASP B 108 -8.85 -48.75 54.31
C ASP B 108 -7.93 -47.56 54.75
N LEU B 109 -8.49 -46.35 54.86
CA LEU B 109 -7.73 -45.12 55.22
C LEU B 109 -8.24 -44.49 56.55
N ARG B 110 -8.72 -45.33 57.46
CA ARG B 110 -9.01 -44.88 58.83
C ARG B 110 -7.72 -44.83 59.67
N THR B 111 -6.71 -45.58 59.23
CA THR B 111 -5.43 -45.59 59.89
C THR B 111 -4.52 -44.45 59.40
N TYR B 112 -5.09 -43.40 58.81
CA TYR B 112 -4.29 -42.28 58.26
C TYR B 112 -3.47 -41.58 59.36
N ASP B 113 -4.17 -41.04 60.36
CA ASP B 113 -3.56 -40.32 61.49
C ASP B 113 -2.59 -41.21 62.25
N ILE B 114 -2.98 -42.42 62.58
CA ILE B 114 -2.05 -43.36 63.24
C ILE B 114 -0.76 -43.56 62.42
N THR B 115 -0.89 -43.56 61.09
CA THR B 115 0.28 -43.66 60.21
C THR B 115 1.22 -42.43 60.36
N LYS B 116 0.64 -41.23 60.60
CA LYS B 116 1.41 -39.97 60.74
C LYS B 116 2.18 -39.92 62.06
N LYS B 117 1.43 -40.05 63.15
CA LYS B 117 1.96 -40.17 64.50
C LYS B 117 3.14 -41.15 64.56
N VAL B 118 2.95 -42.36 64.03
CA VAL B 118 3.98 -43.43 64.06
C VAL B 118 5.25 -43.00 63.35
N THR B 119 5.12 -42.59 62.08
CA THR B 119 6.30 -42.18 61.31
C THR B 119 7.04 -41.06 62.07
N ALA B 120 6.30 -40.08 62.57
CA ALA B 120 6.90 -38.97 63.33
C ALA B 120 7.53 -39.45 64.68
N GLU B 121 6.69 -39.82 65.63
CA GLU B 121 7.13 -40.15 66.99
C GLU B 121 8.02 -41.40 67.19
N LEU B 122 8.04 -42.31 66.22
CA LEU B 122 8.92 -43.50 66.26
C LEU B 122 10.04 -43.57 65.18
N GLY B 123 9.73 -43.12 63.96
CA GLY B 123 10.70 -43.14 62.86
C GLY B 123 11.50 -41.86 62.64
N GLY B 124 11.32 -40.86 63.52
CA GLY B 124 11.92 -39.53 63.35
C GLY B 124 11.56 -38.95 62.00
N GLY B 125 10.30 -39.15 61.62
CA GLY B 125 9.80 -38.82 60.29
C GLY B 125 10.19 -39.70 59.10
N ASP B 126 11.13 -40.64 59.27
CA ASP B 126 11.49 -41.59 58.19
C ASP B 126 10.52 -42.83 58.10
N SER B 127 9.79 -42.91 56.97
CA SER B 127 8.77 -43.94 56.79
C SER B 127 9.44 -45.31 56.73
N MET B 128 10.64 -45.35 56.15
CA MET B 128 11.45 -46.59 56.10
C MET B 128 12.10 -47.02 57.42
N PHE B 129 11.78 -46.38 58.54
CA PHE B 129 12.57 -46.60 59.77
C PHE B 129 12.69 -48.09 60.18
N ALA B 130 11.59 -48.87 60.08
CA ALA B 130 11.58 -50.24 60.56
C ALA B 130 11.85 -51.25 59.46
N SER B 131 12.26 -50.75 58.29
CA SER B 131 12.24 -51.54 57.07
C SER B 131 13.35 -52.58 56.95
N LYS B 132 14.41 -52.48 57.75
CA LYS B 132 15.36 -53.60 57.78
C LYS B 132 14.85 -54.74 58.66
N ILE B 133 13.92 -54.45 59.59
CA ILE B 133 13.17 -55.50 60.34
C ILE B 133 12.02 -56.14 59.49
N THR B 134 11.07 -55.32 59.07
CA THR B 134 9.86 -55.85 58.41
C THR B 134 10.05 -56.10 56.92
N GLY B 135 10.63 -55.11 56.24
CA GLY B 135 10.71 -55.04 54.79
C GLY B 135 9.72 -54.07 54.21
N LEU B 136 9.15 -53.19 55.04
CA LEU B 136 7.97 -52.38 54.67
C LEU B 136 8.08 -50.93 55.11
N PRO B 137 7.56 -49.98 54.29
CA PRO B 137 7.40 -48.63 54.82
C PRO B 137 6.25 -48.63 55.81
N VAL B 138 6.06 -47.48 56.47
CA VAL B 138 4.91 -47.28 57.35
C VAL B 138 3.80 -46.75 56.45
N SER B 139 2.70 -47.50 56.41
CA SER B 139 1.54 -47.16 55.58
C SER B 139 0.23 -47.59 56.22
N THR B 140 -0.88 -47.13 55.63
CA THR B 140 -2.23 -47.44 56.16
C THR B 140 -2.60 -48.90 55.89
N TYR B 141 -1.90 -49.53 54.96
CA TYR B 141 -2.19 -50.89 54.60
C TYR B 141 -1.93 -51.96 55.68
N PHE B 142 -0.84 -51.83 56.43
CA PHE B 142 -0.39 -52.98 57.22
C PHE B 142 -1.11 -53.22 58.54
N ALA B 143 -1.01 -54.45 59.00
CA ALA B 143 -1.95 -54.99 59.97
C ALA B 143 -1.83 -54.35 61.37
N ALA B 144 -0.60 -54.07 61.81
CA ALA B 144 -0.33 -53.42 63.12
C ALA B 144 -1.08 -52.08 63.35
N PHE B 145 -1.03 -51.21 62.35
CA PHE B 145 -1.73 -49.92 62.40
C PHE B 145 -3.24 -50.05 62.51
N LYS B 146 -3.81 -51.16 61.99
CA LYS B 146 -5.24 -51.41 62.13
C LYS B 146 -5.54 -51.93 63.50
N MET B 147 -4.72 -52.90 63.93
CA MET B 147 -4.66 -53.35 65.34
C MET B 147 -4.68 -52.18 66.30
N ARG B 148 -3.77 -51.24 66.05
CA ARG B 148 -3.68 -49.99 66.81
C ARG B 148 -4.98 -49.17 66.76
N TRP B 149 -5.56 -48.98 65.57
CA TRP B 149 -6.81 -48.19 65.41
C TRP B 149 -8.00 -48.73 66.18
N MET B 150 -8.11 -50.04 66.23
CA MET B 150 -9.21 -50.69 66.91
C MET B 150 -8.99 -50.51 68.43
N LEU B 151 -7.90 -51.07 68.95
CA LEU B 151 -7.50 -50.88 70.37
C LEU B 151 -7.82 -49.47 70.90
N GLU B 152 -7.44 -48.46 70.10
CA GLU B 152 -7.77 -47.07 70.40
C GLU B 152 -9.28 -46.73 70.29
N ASN B 153 -9.91 -47.01 69.13
CA ASN B 153 -11.26 -46.48 68.82
C ASN B 153 -12.51 -47.38 69.00
N VAL B 154 -12.36 -48.55 69.61
CA VAL B 154 -13.48 -49.53 69.71
C VAL B 154 -13.69 -50.03 71.16
N PRO B 155 -14.62 -49.37 71.92
CA PRO B 155 -14.95 -49.84 73.27
C PRO B 155 -14.74 -51.34 73.52
N ALA B 156 -15.39 -52.20 72.74
CA ALA B 156 -15.29 -53.65 72.95
C ALA B 156 -13.86 -54.20 72.85
N VAL B 157 -13.09 -53.68 71.90
CA VAL B 157 -11.75 -54.23 71.65
C VAL B 157 -10.74 -53.77 72.73
N ALA B 158 -10.94 -52.55 73.25
CA ALA B 158 -10.19 -52.05 74.42
C ALA B 158 -10.34 -52.96 75.64
N ASP B 159 -11.61 -53.22 76.01
CA ASP B 159 -11.92 -54.09 77.16
C ASP B 159 -11.37 -55.49 76.99
N ALA B 160 -11.54 -56.07 75.79
CA ALA B 160 -11.00 -57.40 75.52
C ALA B 160 -9.50 -57.51 75.80
N CYS B 161 -8.73 -56.48 75.43
CA CYS B 161 -7.28 -56.40 75.73
C CYS B 161 -7.03 -56.29 77.22
N ARG B 162 -7.81 -55.41 77.87
CA ARG B 162 -7.83 -55.28 79.34
C ARG B 162 -7.98 -56.66 80.02
N ARG B 163 -9.00 -57.42 79.64
CA ARG B 163 -9.31 -58.72 80.30
C ARG B 163 -8.41 -59.90 79.86
N GLY B 164 -7.45 -59.68 78.95
CA GLY B 164 -6.61 -60.76 78.43
C GLY B 164 -7.35 -61.77 77.54
N THR B 165 -8.51 -61.37 77.01
CA THR B 165 -9.26 -62.19 76.05
C THR B 165 -8.67 -61.95 74.64
N LEU B 166 -8.62 -60.68 74.25
CA LEU B 166 -8.34 -60.22 72.88
C LEU B 166 -7.40 -61.07 72.03
N CYS B 167 -7.96 -61.57 70.93
CA CYS B 167 -7.20 -62.14 69.82
C CYS B 167 -7.20 -61.17 68.63
N PHE B 168 -6.10 -61.20 67.87
CA PHE B 168 -5.92 -60.43 66.64
C PHE B 168 -5.45 -61.41 65.60
N GLY B 169 -5.84 -61.17 64.35
CA GLY B 169 -5.42 -62.07 63.28
C GLY B 169 -5.74 -61.52 61.91
N THR B 170 -4.87 -61.84 60.96
CA THR B 170 -5.19 -61.66 59.55
C THR B 170 -6.18 -62.77 59.12
N ILE B 171 -6.66 -62.74 57.88
CA ILE B 171 -7.85 -63.55 57.54
C ILE B 171 -7.48 -65.02 57.55
N ASP B 172 -6.22 -65.36 57.28
CA ASP B 172 -5.76 -66.73 57.44
C ASP B 172 -5.94 -67.24 58.90
N THR B 173 -5.52 -66.42 59.87
CA THR B 173 -5.65 -66.74 61.29
C THR B 173 -7.14 -66.90 61.67
N TRP B 174 -7.95 -65.87 61.46
CA TRP B 174 -9.41 -65.95 61.63
C TRP B 174 -10.08 -67.19 61.00
N LEU B 175 -9.76 -67.51 59.76
CA LEU B 175 -10.40 -68.65 59.10
C LEU B 175 -9.98 -69.93 59.80
N MET B 176 -8.68 -70.01 60.07
CA MET B 176 -8.10 -71.18 60.73
C MET B 176 -8.58 -71.30 62.17
N TYR B 177 -8.81 -70.18 62.84
CA TYR B 177 -9.41 -70.18 64.13
C TYR B 177 -10.81 -70.76 64.07
N LYS B 178 -11.72 -70.11 63.34
CA LYS B 178 -13.15 -70.50 63.31
C LYS B 178 -13.41 -71.86 62.71
N LEU B 179 -12.65 -72.23 61.69
CA LEU B 179 -12.67 -73.64 61.15
C LEU B 179 -12.31 -74.73 62.20
N SER B 180 -11.41 -74.38 63.13
CA SER B 180 -10.97 -75.26 64.20
C SER B 180 -11.96 -75.44 65.34
N GLY B 181 -12.77 -74.41 65.60
CA GLY B 181 -13.62 -74.32 66.79
C GLY B 181 -12.95 -73.56 67.93
N GLY B 182 -11.81 -72.94 67.67
CA GLY B 182 -11.06 -72.24 68.68
C GLY B 182 -9.71 -72.87 68.94
N LYS B 183 -9.46 -74.05 68.37
CA LYS B 183 -8.30 -74.84 68.73
C LYS B 183 -7.00 -74.19 68.29
N ALA B 184 -6.81 -74.04 66.97
CA ALA B 184 -5.60 -73.42 66.41
C ALA B 184 -5.70 -71.90 66.39
N PHE B 185 -4.60 -71.27 66.79
CA PHE B 185 -4.39 -69.84 66.68
C PHE B 185 -3.06 -69.62 65.99
N VAL B 186 -3.09 -69.54 64.67
CA VAL B 186 -1.88 -69.60 63.89
C VAL B 186 -1.93 -68.73 62.63
N THR B 187 -0.73 -68.41 62.15
CA THR B 187 -0.54 -67.71 60.89
C THR B 187 0.65 -68.31 60.15
N ASP B 188 0.72 -68.05 58.85
CA ASP B 188 1.87 -68.46 58.05
C ASP B 188 2.82 -67.28 57.91
N VAL B 189 4.00 -67.55 57.40
CA VAL B 189 5.07 -66.55 57.34
C VAL B 189 4.75 -65.41 56.36
N THR B 190 4.24 -65.74 55.18
CA THR B 190 3.89 -64.70 54.18
C THR B 190 2.87 -63.73 54.77
N ASN B 191 1.82 -64.26 55.39
CA ASN B 191 0.81 -63.41 55.97
C ASN B 191 1.36 -62.57 57.12
N ALA B 192 2.19 -63.21 57.95
CA ALA B 192 2.80 -62.56 59.11
C ALA B 192 3.72 -61.46 58.63
N SER B 193 4.41 -61.77 57.53
CA SER B 193 5.26 -60.77 56.89
C SER B 193 4.61 -59.46 56.49
N ARG B 194 3.29 -59.37 56.58
CA ARG B 194 2.52 -58.13 56.28
C ARG B 194 1.97 -57.41 57.51
N THR B 195 2.35 -57.85 58.70
CA THR B 195 1.74 -57.31 59.94
C THR B 195 2.37 -56.01 60.38
N PHE B 196 3.67 -55.87 60.07
CA PHE B 196 4.57 -54.81 60.52
C PHE B 196 5.11 -55.18 61.93
N LEU B 197 4.96 -56.45 62.31
CA LEU B 197 5.43 -56.94 63.58
C LEU B 197 6.40 -58.09 63.43
N MET B 198 6.69 -58.54 62.21
CA MET B 198 7.53 -59.72 62.01
C MET B 198 8.89 -59.34 61.45
N ASP B 199 9.94 -60.04 61.91
CA ASP B 199 11.30 -59.89 61.37
C ASP B 199 11.44 -60.72 60.09
N LEU B 200 11.75 -60.04 58.99
CA LEU B 200 11.81 -60.67 57.67
C LEU B 200 12.84 -61.82 57.57
N ARG B 201 14.07 -61.56 58.02
CA ARG B 201 15.16 -62.57 57.93
C ARG B 201 14.98 -63.77 58.87
N THR B 202 14.44 -63.53 60.07
CA THR B 202 14.27 -64.61 61.05
C THR B 202 12.89 -65.28 61.05
N ARG B 203 11.87 -64.57 60.53
CA ARG B 203 10.46 -65.03 60.54
C ARG B 203 9.89 -65.26 61.95
N LYS B 204 10.23 -64.34 62.85
CA LYS B 204 9.76 -64.37 64.24
C LYS B 204 9.26 -62.99 64.57
N TRP B 205 8.34 -62.89 65.54
CA TRP B 205 7.84 -61.58 65.91
C TRP B 205 9.01 -60.75 66.43
N SER B 206 8.97 -59.45 66.16
CA SER B 206 9.88 -58.47 66.78
C SER B 206 9.27 -57.88 68.04
N PRO B 207 9.80 -58.27 69.24
CA PRO B 207 9.35 -57.63 70.51
C PRO B 207 9.69 -56.14 70.60
N GLU B 208 10.76 -55.71 69.91
CA GLU B 208 11.02 -54.27 69.78
C GLU B 208 9.68 -53.65 69.37
N LEU B 209 9.22 -54.04 68.18
CA LEU B 209 8.14 -53.33 67.50
C LEU B 209 6.79 -53.48 68.19
N CYS B 210 6.41 -54.71 68.56
CA CYS B 210 5.13 -54.91 69.26
C CYS B 210 5.05 -53.97 70.47
N GLU B 211 6.13 -53.92 71.27
CA GLU B 211 6.22 -53.02 72.43
C GLU B 211 6.31 -51.54 72.05
N LYS B 212 7.18 -51.20 71.10
CA LYS B 212 7.24 -49.85 70.49
C LYS B 212 5.88 -49.34 69.99
N LEU B 213 5.02 -50.25 69.50
CA LEU B 213 3.68 -49.92 68.98
C LEU B 213 2.52 -50.26 69.95
N LYS B 214 2.86 -50.62 71.18
CA LYS B 214 1.93 -51.18 72.19
C LYS B 214 0.86 -52.15 71.65
N ILE B 215 1.35 -53.33 71.27
CA ILE B 215 0.50 -54.47 70.92
C ILE B 215 0.94 -55.62 71.84
N PRO B 216 0.09 -55.98 72.83
CA PRO B 216 0.36 -57.12 73.70
C PRO B 216 0.58 -58.43 72.94
N MET B 217 1.76 -59.00 73.02
CA MET B 217 2.06 -60.23 72.27
C MET B 217 1.16 -61.44 72.60
N GLU B 218 0.42 -61.39 73.72
CA GLU B 218 -0.70 -62.35 73.98
C GLU B 218 -1.72 -62.44 72.84
N THR B 219 -2.07 -61.28 72.24
CA THR B 219 -3.01 -61.17 71.10
C THR B 219 -2.57 -61.84 69.80
N LEU B 220 -1.26 -61.97 69.58
CA LEU B 220 -0.70 -62.53 68.33
C LEU B 220 -0.68 -64.07 68.28
N PRO B 221 -0.92 -64.64 67.09
CA PRO B 221 -0.78 -66.07 66.90
C PRO B 221 0.65 -66.51 66.72
N GLU B 222 0.82 -67.83 66.72
CA GLU B 222 2.10 -68.48 66.50
C GLU B 222 2.34 -68.53 64.99
N ILE B 223 3.52 -68.09 64.59
CA ILE B 223 3.97 -68.19 63.23
C ILE B 223 4.39 -69.62 62.89
N ARG B 224 3.99 -70.11 61.72
CA ARG B 224 4.56 -71.34 61.16
C ARG B 224 4.96 -71.19 59.67
N SER B 225 5.27 -72.27 59.00
CA SER B 225 5.56 -72.19 57.58
C SER B 225 4.23 -72.15 56.72
N ASN B 226 4.35 -72.19 55.41
CA ASN B 226 3.17 -72.22 54.56
C ASN B 226 2.62 -73.64 54.38
N SER B 227 3.42 -74.65 54.75
CA SER B 227 3.17 -76.04 54.35
C SER B 227 3.41 -77.04 55.48
N GLU B 228 2.38 -77.21 56.32
CA GLU B 228 2.43 -78.08 57.51
C GLU B 228 1.09 -78.13 58.26
N LEU B 229 0.91 -79.16 59.10
CA LEU B 229 -0.25 -79.26 59.99
C LEU B 229 -0.51 -77.98 60.81
N PHE B 230 -1.63 -77.30 60.51
CA PHE B 230 -2.08 -76.08 61.21
C PHE B 230 -3.18 -76.34 62.25
N GLY B 231 -3.90 -77.44 62.10
CA GLY B 231 -5.19 -77.59 62.74
C GLY B 231 -6.06 -78.56 61.98
N TYR B 232 -7.31 -78.64 62.40
CA TYR B 232 -8.27 -79.52 61.76
C TYR B 232 -9.55 -78.74 61.55
N VAL B 233 -10.26 -79.07 60.48
CA VAL B 233 -11.59 -78.54 60.30
C VAL B 233 -12.54 -79.41 61.10
N GLU B 234 -13.26 -78.76 62.03
CA GLU B 234 -14.27 -79.41 62.84
C GLU B 234 -15.28 -78.40 63.43
N THR B 235 -15.77 -77.51 62.59
CA THR B 235 -16.90 -76.65 62.95
C THR B 235 -18.08 -77.23 62.19
N ASP B 236 -19.29 -76.88 62.62
CA ASP B 236 -20.49 -77.40 61.95
C ASP B 236 -21.35 -76.26 61.38
N GLU B 237 -20.70 -75.21 60.85
CA GLU B 237 -21.39 -73.97 60.45
C GLU B 237 -22.41 -74.14 59.29
N CYS B 238 -21.98 -74.63 58.13
CA CYS B 238 -22.96 -74.94 57.05
C CYS B 238 -22.84 -76.39 56.68
N GLY B 239 -22.89 -77.22 57.72
CA GLY B 239 -22.70 -78.67 57.63
C GLY B 239 -21.28 -79.12 57.31
N VAL B 240 -20.33 -78.20 57.44
CA VAL B 240 -19.03 -78.34 56.75
C VAL B 240 -18.23 -79.57 57.19
N ALA B 241 -18.10 -79.77 58.51
CA ALA B 241 -17.43 -80.99 59.07
C ALA B 241 -18.12 -82.26 58.61
N ALA B 242 -19.46 -82.24 58.64
CA ALA B 242 -20.28 -83.34 58.07
C ALA B 242 -19.98 -83.59 56.59
N ALA B 243 -20.00 -82.52 55.77
CA ALA B 243 -19.76 -82.64 54.30
C ALA B 243 -18.39 -83.25 53.94
N LEU B 244 -17.34 -82.85 54.69
CA LEU B 244 -15.98 -83.41 54.54
C LEU B 244 -15.87 -84.89 54.87
N ASN B 245 -16.66 -85.35 55.84
CA ASN B 245 -16.78 -86.78 56.25
C ASN B 245 -15.63 -87.21 57.19
N GLU B 246 -14.37 -87.31 56.72
CA GLU B 246 -13.24 -87.65 57.60
C GLU B 246 -12.80 -86.37 58.27
N ARG B 247 -12.05 -86.48 59.37
CA ARG B 247 -11.41 -85.30 59.95
C ARG B 247 -10.46 -84.75 58.89
N THR B 248 -10.60 -83.47 58.54
CA THR B 248 -9.79 -82.88 57.48
C THR B 248 -8.75 -81.90 58.06
N PRO B 249 -7.46 -82.16 57.80
CA PRO B 249 -6.44 -81.26 58.27
C PRO B 249 -6.35 -80.00 57.42
N ILE B 250 -5.95 -78.90 58.03
CA ILE B 250 -5.60 -77.73 57.29
C ILE B 250 -4.08 -77.73 57.25
N MET B 251 -3.51 -77.95 56.09
CA MET B 251 -2.06 -78.04 55.94
C MET B 251 -1.47 -77.02 54.94
N GLY B 252 -2.08 -75.85 54.87
CA GLY B 252 -1.77 -74.91 53.79
C GLY B 252 -2.30 -73.55 54.15
N SER B 253 -1.42 -72.57 54.26
CA SER B 253 -1.83 -71.20 54.52
C SER B 253 -0.79 -70.29 53.92
N ILE B 254 -1.23 -69.32 53.12
CA ILE B 254 -0.37 -68.49 52.30
C ILE B 254 -1.16 -67.28 51.79
N GLY B 255 -0.62 -66.07 52.01
CA GLY B 255 -1.20 -64.81 51.50
C GLY B 255 -1.43 -64.82 50.00
N ASP B 256 -2.35 -63.96 49.50
CA ASP B 256 -2.91 -64.17 48.15
C ASP B 256 -1.89 -63.96 47.03
N GLN B 257 -1.16 -62.85 47.10
CA GLN B 257 -0.17 -62.53 46.10
C GLN B 257 0.98 -63.55 46.07
N GLN B 258 1.41 -64.02 47.23
CA GLN B 258 2.43 -65.07 47.25
C GLN B 258 1.87 -66.41 46.82
N SER B 259 0.58 -66.64 47.06
CA SER B 259 -0.06 -67.86 46.55
C SER B 259 -0.06 -67.89 45.04
N ALA B 260 -0.25 -66.75 44.42
CA ALA B 260 -0.13 -66.66 42.96
C ALA B 260 1.32 -66.93 42.51
N LEU B 261 2.31 -66.43 43.24
CA LEU B 261 3.73 -66.77 42.96
C LEU B 261 3.97 -68.30 43.01
N PHE B 262 3.60 -68.91 44.13
CA PHE B 262 3.73 -70.36 44.27
C PHE B 262 2.90 -71.13 43.25
N GLY B 263 1.67 -70.69 43.02
CA GLY B 263 0.82 -71.33 42.02
C GLY B 263 1.35 -71.26 40.60
N ASN B 264 2.21 -70.27 40.35
CA ASN B 264 2.81 -70.10 39.01
C ASN B 264 4.19 -70.75 38.85
N MET B 265 4.53 -71.70 39.73
CA MET B 265 5.83 -72.37 39.73
C MET B 265 7.02 -71.38 39.71
N CYS B 266 6.92 -70.25 40.42
CA CYS B 266 8.00 -69.26 40.46
C CYS B 266 8.91 -69.62 41.62
N PHE B 267 9.60 -70.76 41.48
CA PHE B 267 10.33 -71.37 42.60
C PHE B 267 11.79 -70.90 42.69
N GLU B 268 12.42 -70.70 41.52
CA GLU B 268 13.81 -70.22 41.43
C GLU B 268 13.89 -68.69 41.42
N LYS B 269 14.87 -68.12 42.14
CA LYS B 269 15.18 -66.68 42.04
C LYS B 269 15.24 -66.22 40.58
N GLY B 270 14.73 -65.02 40.31
CA GLY B 270 14.58 -64.50 38.96
C GLY B 270 13.16 -64.58 38.42
N GLU B 271 12.41 -65.60 38.84
CA GLU B 271 11.08 -65.87 38.32
C GLU B 271 10.08 -64.93 39.01
N ALA B 272 9.26 -64.27 38.20
CA ALA B 272 8.36 -63.25 38.74
C ALA B 272 6.93 -63.44 38.22
N LYS B 273 5.96 -62.92 38.97
CA LYS B 273 4.56 -63.04 38.60
C LYS B 273 3.84 -61.71 38.74
N ASN B 274 2.90 -61.48 37.82
CA ASN B 274 2.05 -60.28 37.88
C ASN B 274 0.58 -60.69 37.87
N THR B 275 -0.20 -60.17 38.82
CA THR B 275 -1.61 -60.50 38.95
C THR B 275 -2.40 -59.26 38.62
N TYR B 276 -2.99 -59.25 37.42
CA TYR B 276 -3.87 -58.17 36.98
C TYR B 276 -5.20 -58.37 37.70
N GLY B 277 -5.78 -57.27 38.15
CA GLY B 277 -7.18 -57.27 38.57
C GLY B 277 -7.69 -55.86 38.44
N THR B 278 -8.16 -55.30 39.56
CA THR B 278 -8.45 -53.86 39.68
C THR B 278 -7.13 -53.05 39.63
N GLY B 279 -6.13 -53.58 40.32
CA GLY B 279 -4.78 -53.17 40.17
C GLY B 279 -3.87 -54.30 39.71
N CYS B 280 -2.61 -54.16 40.06
CA CYS B 280 -1.55 -55.14 39.79
C CYS B 280 -0.75 -55.25 41.08
N PHE B 281 -0.33 -56.45 41.40
CA PHE B 281 0.81 -56.67 42.27
C PHE B 281 1.75 -57.48 41.45
N LEU B 282 3.02 -57.10 41.52
CA LEU B 282 4.11 -57.86 40.91
C LEU B 282 4.99 -58.32 42.03
N LEU B 283 5.29 -59.61 42.02
CA LEU B 283 6.30 -60.21 42.91
C LEU B 283 7.29 -61.05 42.09
N MET B 284 8.54 -60.87 42.46
CA MET B 284 9.69 -61.56 41.90
C MET B 284 10.34 -62.35 43.04
N ASN B 285 10.60 -63.62 42.75
CA ASN B 285 11.41 -64.43 43.62
C ASN B 285 12.86 -63.96 43.51
N VAL B 286 13.41 -63.59 44.66
CA VAL B 286 14.80 -63.10 44.73
C VAL B 286 15.83 -64.08 45.32
N GLY B 287 15.36 -65.17 45.93
CA GLY B 287 16.24 -66.26 46.39
C GLY B 287 16.15 -66.45 47.90
N GLU B 288 17.09 -67.26 48.44
CA GLU B 288 17.08 -67.62 49.88
C GLU B 288 17.51 -66.46 50.81
N GLU B 289 18.11 -65.40 50.27
CA GLU B 289 18.52 -64.21 51.03
C GLU B 289 17.63 -62.98 50.74
N ALA B 290 17.12 -62.39 51.82
CA ALA B 290 16.25 -61.23 51.75
C ALA B 290 16.96 -60.02 51.13
N ARG B 291 16.29 -59.36 50.17
CA ARG B 291 16.75 -58.14 49.47
C ARG B 291 15.87 -56.98 49.84
N PHE B 292 16.46 -55.83 50.08
CA PHE B 292 15.74 -54.65 50.52
C PHE B 292 15.81 -53.58 49.47
N SER B 293 14.95 -52.59 49.62
CA SER B 293 14.59 -51.74 48.53
C SER B 293 14.89 -50.31 48.85
N LYS B 294 15.56 -49.71 47.87
CA LYS B 294 15.91 -48.30 47.85
C LYS B 294 14.93 -47.48 46.98
N HIS B 295 13.92 -48.13 46.43
CA HIS B 295 12.98 -47.51 45.48
C HIS B 295 11.54 -47.40 46.02
N GLY B 296 11.28 -47.84 47.24
CA GLY B 296 9.90 -47.88 47.76
C GLY B 296 9.32 -49.28 47.84
N LEU B 297 9.50 -50.10 46.80
CA LEU B 297 9.11 -51.52 46.81
C LEU B 297 9.17 -52.26 48.15
N LEU B 298 8.30 -53.25 48.32
CA LEU B 298 8.27 -54.01 49.56
C LEU B 298 9.13 -55.26 49.44
N SER B 299 9.76 -55.64 50.56
CA SER B 299 10.40 -56.92 50.69
C SER B 299 9.51 -57.76 51.61
N THR B 300 9.35 -59.01 51.23
CA THR B 300 8.36 -59.84 51.88
C THR B 300 8.74 -61.32 51.73
N VAL B 301 7.98 -62.21 52.37
CA VAL B 301 8.27 -63.64 52.27
C VAL B 301 7.59 -64.15 51.01
N GLY B 302 8.34 -64.82 50.14
CA GLY B 302 7.78 -65.42 48.96
C GLY B 302 7.03 -66.69 49.33
N PHE B 303 7.75 -67.61 49.98
CA PHE B 303 7.15 -68.81 50.55
C PHE B 303 8.16 -69.58 51.41
N GLN B 304 7.70 -70.62 52.09
CA GLN B 304 8.53 -71.51 52.89
C GLN B 304 7.76 -72.80 53.02
N VAL B 305 8.06 -73.75 52.14
CA VAL B 305 7.48 -75.11 52.22
C VAL B 305 8.06 -75.88 53.44
N GLY B 306 7.32 -76.00 54.54
CA GLY B 306 7.66 -76.93 55.64
C GLY B 306 8.29 -76.23 56.84
N ARG B 307 8.18 -76.86 58.02
CA ARG B 307 8.88 -76.39 59.23
C ARG B 307 10.37 -76.58 59.00
N ASP B 308 11.14 -75.49 59.10
CA ASP B 308 12.57 -75.49 58.73
C ASP B 308 12.81 -75.92 57.25
N GLY B 309 11.93 -75.48 56.35
CA GLY B 309 12.15 -75.57 54.90
C GLY B 309 12.96 -74.38 54.41
N PRO B 310 13.56 -74.49 53.22
CA PRO B 310 14.23 -73.29 52.74
C PRO B 310 13.18 -72.16 52.53
N CYS B 311 13.49 -70.96 53.03
CA CYS B 311 12.61 -69.81 52.88
C CYS B 311 13.10 -68.92 51.75
N TYR B 312 12.32 -68.84 50.68
CA TYR B 312 12.56 -67.92 49.56
C TYR B 312 11.87 -66.56 49.82
N TYR B 313 12.52 -65.48 49.44
CA TYR B 313 12.04 -64.11 49.70
C TYR B 313 11.66 -63.48 48.42
N ALA B 314 10.95 -62.38 48.51
CA ALA B 314 10.59 -61.69 47.31
C ALA B 314 10.57 -60.19 47.47
N LEU B 315 10.61 -59.52 46.31
CA LEU B 315 10.26 -58.11 46.23
C LEU B 315 8.88 -57.96 45.62
N GLU B 316 8.20 -56.88 46.02
CA GLU B 316 6.81 -56.62 45.65
C GLU B 316 6.53 -55.17 45.35
N GLY B 317 5.90 -54.94 44.20
CA GLY B 317 5.32 -53.65 43.86
C GLY B 317 3.92 -53.78 43.27
N ALA B 318 3.19 -52.67 43.34
CA ALA B 318 1.79 -52.57 42.97
C ALA B 318 1.49 -51.44 41.95
N ILE B 319 0.47 -51.63 41.12
CA ILE B 319 -0.19 -50.50 40.42
C ILE B 319 -1.65 -50.46 40.87
N ALA B 320 -2.13 -49.27 41.26
CA ALA B 320 -3.49 -49.13 41.84
C ALA B 320 -4.62 -49.25 40.80
N CYS B 321 -4.42 -48.69 39.60
CA CYS B 321 -5.47 -48.68 38.58
C CYS B 321 -5.02 -49.34 37.28
N ALA B 322 -5.13 -50.68 37.29
CA ALA B 322 -4.91 -51.55 36.15
C ALA B 322 -6.22 -51.83 35.42
N GLY B 323 -6.96 -52.90 35.78
CA GLY B 323 -8.30 -53.19 35.19
C GLY B 323 -9.38 -52.20 35.56
N ALA B 324 -9.20 -51.46 36.63
CA ALA B 324 -10.08 -50.34 36.90
C ALA B 324 -10.01 -49.25 35.78
N THR B 325 -8.82 -49.03 35.20
CA THR B 325 -8.65 -48.06 34.12
C THR B 325 -9.48 -48.46 32.91
N VAL B 326 -9.42 -49.73 32.55
CA VAL B 326 -10.19 -50.24 31.43
C VAL B 326 -11.66 -50.10 31.75
N GLU B 327 -12.08 -50.58 32.90
CA GLU B 327 -13.47 -50.50 33.26
C GLU B 327 -13.94 -49.01 33.37
N TRP B 328 -13.05 -48.12 33.75
CA TRP B 328 -13.36 -46.70 33.85
C TRP B 328 -13.60 -46.09 32.47
N MET B 329 -12.74 -46.44 31.52
CA MET B 329 -12.90 -45.94 30.17
C MET B 329 -14.27 -46.34 29.64
N ARG B 330 -14.71 -47.54 30.03
CA ARG B 330 -16.00 -48.10 29.63
C ARG B 330 -17.14 -47.38 30.33
N ARG B 331 -17.24 -47.53 31.64
CA ARG B 331 -18.47 -47.19 32.32
C ARG B 331 -18.51 -45.69 32.67
N ASN B 332 -17.36 -45.07 32.91
CA ASN B 332 -17.32 -43.63 33.20
C ASN B 332 -17.26 -42.70 31.97
N MET B 333 -16.58 -43.16 30.90
CA MET B 333 -16.28 -42.31 29.75
C MET B 333 -16.98 -42.67 28.48
N ASN B 334 -17.57 -43.85 28.43
CA ASN B 334 -18.27 -44.31 27.24
C ASN B 334 -17.37 -44.49 26.05
N LEU B 335 -16.08 -44.76 26.29
CA LEU B 335 -15.14 -44.96 25.18
C LEU B 335 -15.36 -46.26 24.40
N PHE B 336 -15.91 -47.28 25.03
CA PHE B 336 -16.37 -48.47 24.30
C PHE B 336 -17.49 -49.05 25.14
N SER B 337 -18.20 -50.06 24.63
CA SER B 337 -19.25 -50.75 25.41
C SER B 337 -18.87 -52.18 25.80
N HIS B 338 -18.40 -52.98 24.86
CA HIS B 338 -18.13 -54.41 25.13
C HIS B 338 -16.64 -54.64 25.38
N ILE B 339 -16.32 -55.40 26.44
CA ILE B 339 -14.91 -55.74 26.84
C ILE B 339 -13.89 -55.97 25.72
N THR B 340 -14.29 -56.65 24.64
CA THR B 340 -13.37 -56.93 23.54
C THR B 340 -13.14 -55.76 22.62
N GLU B 341 -14.07 -54.79 22.58
CA GLU B 341 -13.88 -53.55 21.81
C GLU B 341 -12.63 -52.78 22.28
N CYS B 342 -12.33 -52.85 23.58
CA CYS B 342 -11.16 -52.22 24.16
C CYS B 342 -9.92 -52.60 23.38
N GLU B 343 -9.60 -53.88 23.37
CA GLU B 343 -8.46 -54.41 22.61
C GLU B 343 -8.57 -54.08 21.09
N LYS B 344 -9.74 -54.27 20.50
CA LYS B 344 -9.89 -54.08 19.05
C LYS B 344 -9.64 -52.61 18.67
N LEU B 345 -10.19 -51.69 19.47
CA LEU B 345 -9.96 -50.24 19.31
C LEU B 345 -8.45 -49.86 19.45
N ALA B 346 -7.74 -50.47 20.37
CA ALA B 346 -6.34 -50.11 20.53
C ALA B 346 -5.50 -50.57 19.35
N ARG B 347 -5.81 -51.76 18.84
CA ARG B 347 -5.13 -52.33 17.66
C ARG B 347 -5.42 -51.49 16.42
N SER B 348 -6.68 -51.13 16.20
CA SER B 348 -7.08 -50.28 15.04
C SER B 348 -6.19 -49.06 14.73
N VAL B 349 -5.35 -48.65 15.67
CA VAL B 349 -4.39 -47.58 15.44
C VAL B 349 -2.95 -48.06 15.61
N PRO B 350 -2.00 -47.45 14.88
CA PRO B 350 -0.60 -47.85 14.95
C PRO B 350 0.14 -47.44 16.24
N GLY B 351 -0.08 -46.22 16.71
CA GLY B 351 0.60 -45.72 17.92
C GLY B 351 -0.36 -44.83 18.71
N THR B 352 0.19 -44.17 19.72
CA THR B 352 -0.56 -43.19 20.47
C THR B 352 -0.37 -41.79 19.87
N GLN B 353 0.54 -41.70 18.90
CA GLN B 353 0.90 -40.47 18.15
C GLN B 353 0.85 -39.20 18.94
N GLY B 354 1.85 -39.06 19.80
CA GLY B 354 1.96 -37.89 20.64
C GLY B 354 1.45 -38.11 22.07
N ILE B 355 0.26 -38.69 22.24
CA ILE B 355 -0.39 -38.65 23.55
C ILE B 355 0.17 -39.61 24.57
N VAL B 356 0.21 -39.14 25.81
CA VAL B 356 0.33 -40.00 26.98
C VAL B 356 -0.87 -39.79 27.91
N PHE B 357 -1.36 -40.91 28.44
CA PHE B 357 -2.44 -40.97 29.44
C PHE B 357 -1.83 -41.70 30.62
N VAL B 358 -1.76 -41.04 31.75
CA VAL B 358 -1.18 -41.63 32.96
C VAL B 358 -2.31 -41.86 33.95
N PRO B 359 -2.77 -43.11 34.09
CA PRO B 359 -4.00 -43.36 34.84
C PRO B 359 -3.80 -43.45 36.37
N ALA B 360 -3.16 -42.43 36.93
CA ALA B 360 -2.91 -42.31 38.39
C ALA B 360 -4.11 -41.75 39.13
N PHE B 361 -5.26 -42.34 38.88
CA PHE B 361 -6.50 -41.87 39.39
C PHE B 361 -6.55 -41.70 40.92
N SER B 362 -5.90 -42.61 41.65
CA SER B 362 -5.83 -42.53 43.14
C SER B 362 -4.41 -42.36 43.65
N GLY B 363 -3.51 -41.98 42.74
CA GLY B 363 -2.14 -41.61 43.04
C GLY B 363 -1.20 -42.53 42.31
N LEU B 364 0.08 -42.24 42.43
CA LEU B 364 1.13 -43.04 41.78
C LEU B 364 1.71 -43.93 42.90
N LEU B 365 1.81 -45.25 42.64
CA LEU B 365 2.37 -46.23 43.61
C LEU B 365 3.84 -46.57 43.27
N ALA B 366 4.19 -47.86 43.17
CA ALA B 366 5.32 -48.30 42.34
C ALA B 366 6.68 -47.70 42.87
N PRO B 367 7.62 -47.27 41.97
CA PRO B 367 8.80 -46.57 42.49
C PRO B 367 8.74 -45.03 42.43
N TYR B 368 7.54 -44.48 42.65
CA TYR B 368 7.40 -43.03 42.81
C TYR B 368 6.10 -42.76 43.57
N TRP B 369 6.12 -42.84 44.89
CA TRP B 369 4.85 -42.74 45.66
C TRP B 369 4.39 -41.30 45.74
N ASP B 370 3.59 -40.90 44.77
CA ASP B 370 3.09 -39.54 44.71
C ASP B 370 1.57 -39.68 44.85
N PRO B 371 1.03 -39.40 46.03
CA PRO B 371 -0.41 -39.46 46.18
C PRO B 371 -1.06 -38.16 45.74
N SER B 372 -0.28 -37.16 45.31
CA SER B 372 -0.85 -35.99 44.63
C SER B 372 -1.09 -36.19 43.12
N ALA B 373 -0.57 -37.28 42.57
CA ALA B 373 -0.69 -37.59 41.17
C ALA B 373 -2.12 -38.00 40.88
N ARG B 374 -2.65 -37.46 39.78
CA ARG B 374 -4.02 -37.72 39.41
C ARG B 374 -4.05 -38.19 37.96
N GLY B 375 -5.21 -38.66 37.51
CA GLY B 375 -5.37 -39.14 36.14
C GLY B 375 -5.18 -38.00 35.16
N THR B 376 -4.32 -38.19 34.16
CA THR B 376 -3.93 -37.11 33.26
C THR B 376 -3.66 -37.55 31.83
N ILE B 377 -3.95 -36.69 30.89
CA ILE B 377 -3.72 -36.95 29.47
C ILE B 377 -3.03 -35.70 28.84
N VAL B 378 -1.90 -35.90 28.19
CA VAL B 378 -1.15 -34.76 27.60
C VAL B 378 -0.97 -35.07 26.12
N GLY B 379 -0.76 -34.01 25.33
CA GLY B 379 -0.33 -34.12 23.94
C GLY B 379 -1.38 -34.35 22.89
N MET B 380 -2.64 -34.11 23.23
CA MET B 380 -3.74 -34.40 22.31
C MET B 380 -3.81 -33.33 21.21
N THR B 381 -4.31 -33.74 20.05
CA THR B 381 -4.63 -32.87 18.95
C THR B 381 -6.00 -33.28 18.47
N LEU B 382 -6.52 -32.55 17.48
CA LEU B 382 -7.80 -32.91 16.87
C LEU B 382 -7.81 -34.26 16.17
N LYS B 383 -6.63 -34.83 15.87
CA LYS B 383 -6.51 -36.23 15.39
C LYS B 383 -6.68 -37.35 16.46
N THR B 384 -6.52 -37.03 17.76
CA THR B 384 -6.75 -37.97 18.86
C THR B 384 -8.21 -38.48 18.90
N THR B 385 -8.39 -39.77 18.69
CA THR B 385 -9.59 -40.53 19.05
C THR B 385 -9.44 -41.35 20.34
N ARG B 386 -10.58 -41.85 20.81
CA ARG B 386 -10.67 -42.85 21.90
C ARG B 386 -9.81 -44.09 21.73
N ALA B 387 -9.49 -44.46 20.49
CA ALA B 387 -8.57 -45.60 20.23
C ALA B 387 -7.16 -45.29 20.76
N HIS B 388 -6.68 -44.08 20.50
CA HIS B 388 -5.38 -43.67 20.95
C HIS B 388 -5.34 -43.56 22.46
N VAL B 389 -6.41 -43.03 23.05
CA VAL B 389 -6.54 -42.97 24.51
C VAL B 389 -6.53 -44.41 25.04
N ILE B 390 -7.32 -45.29 24.43
CA ILE B 390 -7.39 -46.66 24.89
C ILE B 390 -6.04 -47.33 24.79
N ARG B 391 -5.35 -47.10 23.67
CA ARG B 391 -4.03 -47.68 23.49
C ARG B 391 -3.02 -47.14 24.49
N ALA B 392 -3.18 -45.87 24.84
CA ALA B 392 -2.26 -45.19 25.74
C ALA B 392 -2.49 -45.62 27.18
N ALA B 393 -3.71 -46.00 27.53
CA ALA B 393 -3.99 -46.57 28.86
C ALA B 393 -3.24 -47.90 29.08
N LEU B 394 -3.23 -48.75 28.05
CA LEU B 394 -2.48 -50.01 28.07
C LEU B 394 -0.96 -49.78 28.05
N GLN B 395 -0.48 -48.86 27.22
CA GLN B 395 0.95 -48.54 27.26
C GLN B 395 1.35 -48.09 28.65
N ALA B 396 0.50 -47.31 29.30
CA ALA B 396 0.82 -46.78 30.63
C ALA B 396 0.91 -47.86 31.74
N ILE B 397 0.02 -48.85 31.68
CA ILE B 397 0.10 -49.93 32.68
C ILE B 397 1.45 -50.64 32.53
N ALA B 398 1.76 -50.97 31.26
CA ALA B 398 2.96 -51.69 30.92
C ALA B 398 4.21 -50.87 31.24
N LEU B 399 4.13 -49.55 31.08
CA LEU B 399 5.24 -48.67 31.47
C LEU B 399 5.44 -48.56 32.97
N GLN B 400 4.35 -48.60 33.75
CA GLN B 400 4.52 -48.61 35.20
C GLN B 400 5.18 -49.89 35.61
N LEU B 401 4.72 -51.01 35.06
N LEU B 401 4.72 -51.02 35.08
CA LEU B 401 5.30 -52.32 35.37
CA LEU B 401 5.33 -52.31 35.38
C LEU B 401 6.78 -52.44 34.98
C LEU B 401 6.82 -52.33 35.05
N ASN B 402 7.19 -51.70 33.93
CA ASN B 402 8.57 -51.56 33.53
C ASN B 402 9.41 -50.81 34.52
N ASP B 403 8.91 -49.66 34.91
CA ASP B 403 9.53 -48.89 35.97
C ASP B 403 9.61 -49.70 37.25
N VAL B 404 8.59 -50.49 37.55
CA VAL B 404 8.61 -51.36 38.72
C VAL B 404 9.70 -52.44 38.69
N VAL B 405 9.70 -53.19 37.59
CA VAL B 405 10.65 -54.29 37.35
C VAL B 405 12.11 -53.79 37.32
N GLY B 406 12.38 -52.66 36.67
CA GLY B 406 13.70 -52.02 36.68
C GLY B 406 14.18 -51.73 38.09
N SER B 407 13.29 -51.22 38.94
CA SER B 407 13.58 -51.01 40.36
C SER B 407 13.83 -52.29 41.14
N MET B 408 13.24 -53.41 40.72
CA MET B 408 13.57 -54.71 41.31
C MET B 408 14.94 -55.23 40.88
N LYS B 409 15.26 -55.10 39.59
CA LYS B 409 16.55 -55.56 39.07
C LYS B 409 17.74 -54.98 39.86
N ARG B 410 17.71 -53.66 40.11
CA ARG B 410 18.68 -52.98 41.00
C ARG B 410 18.64 -53.38 42.49
N ASP B 411 17.45 -53.49 43.07
CA ASP B 411 17.33 -53.96 44.45
C ASP B 411 17.75 -55.43 44.64
N ALA B 412 17.45 -56.28 43.66
CA ALA B 412 17.63 -57.72 43.79
C ALA B 412 18.96 -58.20 43.24
N GLY B 413 19.64 -57.36 42.46
CA GLY B 413 20.87 -57.75 41.79
C GLY B 413 20.77 -58.98 40.90
N LEU B 414 19.69 -59.08 40.12
CA LEU B 414 19.64 -60.06 39.02
C LEU B 414 18.51 -59.75 38.08
N ASN B 415 18.49 -60.43 36.94
CA ASN B 415 17.48 -60.15 35.92
C ASN B 415 16.15 -60.75 36.25
N LEU B 416 15.16 -60.28 35.51
CA LEU B 416 13.88 -60.93 35.41
C LEU B 416 14.10 -62.05 34.40
N SER B 417 13.97 -63.29 34.87
CA SER B 417 14.07 -64.47 34.02
C SER B 417 12.90 -64.42 33.04
N SER B 418 11.69 -64.74 33.52
CA SER B 418 10.44 -64.54 32.78
C SER B 418 9.32 -64.09 33.73
N LEU B 419 8.21 -63.68 33.15
CA LEU B 419 7.08 -63.08 33.87
C LEU B 419 5.78 -63.83 33.58
N ARG B 420 5.21 -64.42 34.63
CA ARG B 420 3.89 -65.03 34.53
C ARG B 420 2.88 -63.94 34.81
N VAL B 421 1.76 -64.04 34.10
CA VAL B 421 0.70 -63.09 34.20
C VAL B 421 -0.62 -63.81 34.23
N ASP B 422 -1.47 -63.42 35.16
CA ASP B 422 -2.82 -63.95 35.28
C ASP B 422 -3.75 -62.76 35.58
N GLY B 423 -5.05 -62.95 35.33
CA GLY B 423 -6.07 -61.93 35.65
C GLY B 423 -6.83 -61.48 34.41
N GLY B 424 -7.85 -60.65 34.62
CA GLY B 424 -8.69 -60.15 33.54
C GLY B 424 -7.85 -59.61 32.39
N LEU B 425 -6.99 -58.63 32.69
CA LEU B 425 -6.20 -57.91 31.68
C LEU B 425 -5.11 -58.73 30.92
N SER B 426 -4.74 -59.91 31.41
CA SER B 426 -3.80 -60.79 30.70
C SER B 426 -4.45 -61.59 29.55
N LYS B 427 -5.79 -61.54 29.45
CA LYS B 427 -6.50 -62.04 28.28
C LYS B 427 -6.38 -61.04 27.15
N ASN B 428 -6.02 -59.79 27.46
CA ASN B 428 -5.70 -58.78 26.44
C ASN B 428 -4.34 -59.10 25.80
N GLY B 429 -4.39 -59.55 24.54
CA GLY B 429 -3.20 -59.86 23.78
C GLY B 429 -2.29 -58.68 23.61
N LEU B 430 -2.86 -57.53 23.23
CA LEU B 430 -2.05 -56.34 22.94
C LEU B 430 -1.24 -55.87 24.17
N LEU B 431 -1.87 -55.89 25.35
CA LEU B 431 -1.18 -55.50 26.57
C LEU B 431 -0.01 -56.43 26.87
N MET B 432 -0.24 -57.73 26.74
CA MET B 432 0.83 -58.74 26.87
C MET B 432 1.97 -58.50 25.89
N GLU B 433 1.68 -58.13 24.65
CA GLU B 433 2.72 -57.81 23.69
C GLU B 433 3.49 -56.54 24.06
N ILE B 434 2.77 -55.49 24.41
CA ILE B 434 3.42 -54.24 24.85
C ILE B 434 4.27 -54.49 26.09
N GLN B 435 3.72 -55.26 27.02
CA GLN B 435 4.40 -55.59 28.26
C GLN B 435 5.70 -56.32 27.97
N ALA B 436 5.65 -57.33 27.09
CA ALA B 436 6.85 -58.13 26.72
C ALA B 436 7.91 -57.24 26.08
N SER B 437 7.52 -56.51 25.03
CA SER B 437 8.42 -55.58 24.34
C SER B 437 9.25 -54.70 25.24
N LEU B 438 8.61 -54.05 26.19
CA LEU B 438 9.31 -53.12 27.09
C LEU B 438 10.25 -53.79 28.09
N LEU B 439 9.89 -54.97 28.58
CA LEU B 439 10.70 -55.69 29.54
C LEU B 439 11.75 -56.52 28.83
N GLY B 440 11.48 -56.86 27.58
CA GLY B 440 12.32 -57.76 26.79
C GLY B 440 12.41 -59.14 27.40
N VAL B 441 11.27 -59.69 27.84
CA VAL B 441 11.23 -61.05 28.40
C VAL B 441 10.00 -61.82 27.92
N ASP B 442 9.99 -63.13 28.07
CA ASP B 442 8.76 -63.89 27.84
C ASP B 442 7.68 -63.69 28.96
N ILE B 443 6.44 -63.61 28.50
CA ILE B 443 5.30 -63.46 29.33
C ILE B 443 4.53 -64.73 29.13
N LEU B 444 4.33 -65.45 30.22
CA LEU B 444 3.70 -66.76 30.14
C LEU B 444 2.27 -66.66 30.70
N VAL B 445 1.27 -66.90 29.84
CA VAL B 445 -0.12 -66.77 30.22
C VAL B 445 -0.67 -68.17 30.44
N PRO B 446 -0.89 -68.59 31.71
CA PRO B 446 -1.37 -69.95 31.97
C PRO B 446 -2.84 -70.12 31.59
N SER B 447 -3.18 -71.23 30.93
CA SER B 447 -4.56 -71.49 30.52
C SER B 447 -5.37 -72.14 31.65
N MET B 448 -4.71 -72.64 32.70
CA MET B 448 -5.36 -72.88 33.98
C MET B 448 -5.10 -71.59 34.76
N HIS B 449 -6.05 -70.66 34.66
CA HIS B 449 -5.90 -69.31 35.25
C HIS B 449 -5.98 -69.31 36.78
N GLU B 450 -6.66 -70.34 37.32
CA GLU B 450 -6.92 -70.52 38.76
C GLU B 450 -5.69 -70.64 39.72
N THR B 451 -4.63 -69.87 39.47
CA THR B 451 -3.32 -70.10 40.08
C THR B 451 -3.15 -69.50 41.46
N THR B 452 -3.94 -68.50 41.82
CA THR B 452 -3.93 -68.00 43.19
C THR B 452 -4.48 -69.07 44.12
N ALA B 453 -5.58 -69.70 43.74
CA ALA B 453 -6.12 -70.77 44.51
C ALA B 453 -5.16 -71.98 44.48
N LEU B 454 -4.66 -72.36 43.31
CA LEU B 454 -3.67 -73.46 43.23
C LEU B 454 -2.50 -73.34 44.23
N GLY B 455 -1.95 -72.16 44.37
CA GLY B 455 -0.94 -71.96 45.39
C GLY B 455 -1.24 -72.66 46.70
N ALA B 456 -2.37 -72.36 47.31
CA ALA B 456 -2.62 -72.86 48.67
C ALA B 456 -2.83 -74.35 48.67
N ALA B 457 -3.32 -74.89 47.57
CA ALA B 457 -3.55 -76.32 47.40
C ALA B 457 -2.23 -77.06 47.21
N LEU B 458 -1.31 -76.47 46.46
CA LEU B 458 0.07 -77.00 46.38
C LEU B 458 0.72 -77.13 47.77
N CYS B 459 0.64 -76.07 48.58
CA CYS B 459 1.23 -76.10 49.93
C CYS B 459 0.70 -77.27 50.70
N ALA B 460 -0.62 -77.38 50.74
CA ALA B 460 -1.28 -78.40 51.51
C ALA B 460 -1.16 -79.79 50.87
N GLY B 461 -0.98 -79.89 49.57
CA GLY B 461 -0.63 -81.17 48.96
C GLY B 461 0.79 -81.66 49.27
N LEU B 462 1.75 -80.74 49.31
CA LEU B 462 3.15 -81.08 49.59
C LEU B 462 3.29 -81.56 51.01
N ALA B 463 2.63 -80.87 51.93
CA ALA B 463 2.68 -81.20 53.34
C ALA B 463 1.99 -82.50 53.66
N ALA B 464 1.05 -82.91 52.81
CA ALA B 464 0.25 -84.11 53.06
C ALA B 464 0.55 -85.26 52.10
N GLY B 465 1.56 -85.13 51.24
CA GLY B 465 1.97 -86.23 50.38
C GLY B 465 0.99 -86.60 49.29
N VAL B 466 0.46 -85.61 48.60
CA VAL B 466 -0.26 -85.79 47.33
C VAL B 466 0.77 -85.58 46.21
N TRP B 467 1.68 -84.65 46.48
CA TRP B 467 2.95 -84.52 45.79
C TRP B 467 3.98 -84.44 46.91
N THR B 468 5.26 -84.58 46.54
CA THR B 468 6.38 -84.74 47.50
C THR B 468 7.54 -83.74 47.34
N SER B 469 7.90 -83.48 46.09
CA SER B 469 8.93 -82.51 45.76
C SER B 469 8.34 -81.38 44.92
N LEU B 470 8.94 -80.20 45.01
CA LEU B 470 8.57 -79.11 44.14
C LEU B 470 8.81 -79.39 42.66
N GLU B 471 9.47 -80.51 42.35
CA GLU B 471 9.83 -80.87 40.97
C GLU B 471 8.70 -81.66 40.33
N GLU B 472 8.14 -82.61 41.09
CA GLU B 472 6.94 -83.36 40.67
C GLU B 472 5.82 -82.35 40.39
N VAL B 473 5.67 -81.39 41.32
CA VAL B 473 4.76 -80.26 41.09
C VAL B 473 5.03 -79.64 39.72
N LYS B 474 6.23 -79.11 39.48
CA LYS B 474 6.61 -78.56 38.16
C LYS B 474 6.28 -79.51 36.96
N ALA B 475 6.51 -80.81 37.14
CA ALA B 475 6.32 -81.80 36.07
C ALA B 475 4.84 -82.08 35.79
N VAL B 476 4.03 -82.25 36.85
CA VAL B 476 2.55 -82.43 36.72
C VAL B 476 1.94 -81.23 36.00
N SER B 477 2.28 -80.04 36.47
CA SER B 477 1.93 -78.78 35.83
C SER B 477 2.22 -78.79 34.32
N ARG B 478 3.50 -78.96 33.96
CA ARG B 478 3.99 -78.90 32.55
C ARG B 478 3.23 -79.85 31.63
N ARG B 479 2.96 -81.05 32.14
CA ARG B 479 2.17 -82.07 31.47
C ARG B 479 0.70 -81.69 31.26
N GLU B 480 0.09 -81.20 32.34
CA GLU B 480 -1.38 -81.08 32.47
C GLU B 480 -2.01 -79.72 32.10
N ASN B 481 -1.28 -78.64 32.32
CA ASN B 481 -1.87 -77.31 32.29
C ASN B 481 -1.04 -76.46 31.34
N SER B 482 -1.54 -76.25 30.12
CA SER B 482 -0.85 -75.48 29.06
C SER B 482 -0.69 -73.99 29.33
N TRP B 483 0.05 -73.31 28.46
CA TRP B 483 0.21 -71.88 28.58
C TRP B 483 0.60 -71.21 27.26
N LYS B 484 0.06 -70.01 27.05
CA LYS B 484 0.40 -69.18 25.90
C LYS B 484 1.63 -68.40 26.28
N THR B 485 2.62 -68.38 25.39
CA THR B 485 3.86 -67.64 25.62
C THR B 485 3.92 -66.52 24.57
N VAL B 486 4.25 -65.29 25.01
CA VAL B 486 4.25 -64.07 24.18
C VAL B 486 5.61 -63.42 24.28
N SER B 487 6.32 -63.29 23.17
CA SER B 487 7.73 -62.87 23.17
C SER B 487 7.86 -61.40 22.87
N PRO B 488 8.97 -60.77 23.29
CA PRO B 488 9.22 -59.39 22.92
C PRO B 488 9.49 -59.28 21.42
N SER B 489 9.10 -58.15 20.84
CA SER B 489 9.26 -57.93 19.41
C SER B 489 9.02 -56.46 19.12
N GLY B 490 10.03 -55.79 18.56
CA GLY B 490 10.04 -54.33 18.39
C GLY B 490 11.47 -53.81 18.47
N SER B 491 11.66 -52.49 18.45
CA SER B 491 13.01 -51.89 18.37
C SER B 491 13.62 -51.66 19.76
N ALA B 492 14.69 -50.88 19.83
CA ALA B 492 15.23 -50.37 21.09
C ALA B 492 14.98 -48.86 21.26
N MET B 493 15.03 -48.12 20.14
CA MET B 493 14.67 -46.70 20.13
C MET B 493 13.16 -46.48 19.93
N GLU B 494 12.37 -47.55 19.84
CA GLU B 494 10.93 -47.43 20.17
C GLU B 494 10.79 -47.43 21.69
N ARG B 495 11.29 -48.51 22.29
CA ARG B 495 11.30 -48.69 23.74
C ARG B 495 11.80 -47.44 24.45
N GLU B 496 12.95 -46.93 24.05
CA GLU B 496 13.52 -45.72 24.69
C GLU B 496 12.74 -44.40 24.38
N ALA B 497 12.11 -44.32 23.20
CA ALA B 497 11.23 -43.20 22.87
C ALA B 497 9.97 -43.22 23.74
N MET B 498 9.38 -44.41 23.87
CA MET B 498 8.15 -44.59 24.66
C MET B 498 8.36 -44.16 26.12
N ILE B 499 9.55 -44.42 26.66
CA ILE B 499 9.88 -44.17 28.08
C ILE B 499 10.25 -42.71 28.29
N ALA B 500 10.93 -42.11 27.32
CA ALA B 500 11.25 -40.67 27.33
C ALA B 500 9.97 -39.83 27.39
N GLU B 501 9.00 -40.19 26.53
CA GLU B 501 7.61 -39.68 26.59
C GLU B 501 6.96 -39.88 27.95
N TRP B 502 7.03 -41.11 28.45
CA TRP B 502 6.49 -41.48 29.78
C TRP B 502 7.09 -40.58 30.88
N ARG B 503 8.42 -40.44 30.86
CA ARG B 503 9.13 -39.64 31.84
C ARG B 503 8.60 -38.23 31.86
N GLU B 504 8.40 -37.65 30.67
CA GLU B 504 7.87 -36.28 30.58
C GLU B 504 6.39 -36.16 31.00
N ALA B 505 5.56 -37.12 30.59
CA ALA B 505 4.16 -37.15 31.06
C ALA B 505 4.08 -37.14 32.60
N LEU B 506 4.91 -37.95 33.27
CA LEU B 506 4.87 -38.08 34.73
C LEU B 506 5.12 -36.81 35.50
N LYS B 507 5.91 -35.90 34.94
CA LYS B 507 6.13 -34.56 35.54
C LYS B 507 4.84 -33.74 35.61
N ARG B 508 3.91 -33.99 34.69
CA ARG B 508 2.69 -33.18 34.57
C ARG B 508 1.50 -33.67 35.41
N THR B 509 1.73 -34.73 36.22
CA THR B 509 0.65 -35.43 36.88
C THR B 509 0.30 -34.92 38.27
N LYS B 510 1.14 -34.06 38.86
CA LYS B 510 0.93 -33.66 40.26
C LYS B 510 -0.21 -32.68 40.33
N TRP B 511 -1.16 -32.92 41.23
CA TRP B 511 -2.38 -32.11 41.25
C TRP B 511 -3.04 -32.00 42.62
N ALA B 512 -3.44 -33.08 43.26
CA ALA B 512 -4.22 -32.95 44.54
C ALA B 512 -3.44 -32.35 45.74
N LYS B 513 -4.20 -31.81 46.73
CA LYS B 513 -3.65 -31.09 47.91
C LYS B 513 -2.44 -30.19 47.63
N ALA C 1 3.33 63.81 25.09
CA ALA C 1 3.87 64.56 23.90
C ALA C 1 5.36 64.27 23.58
N THR C 2 5.82 63.04 23.87
CA THR C 2 7.09 62.49 23.37
C THR C 2 6.82 61.77 22.01
N MET C 3 7.87 61.45 21.24
CA MET C 3 7.70 60.72 19.96
C MET C 3 7.04 59.36 20.12
N LYS C 4 6.12 59.05 19.21
CA LYS C 4 5.45 57.72 19.17
C LYS C 4 5.95 56.81 18.02
N TYR C 5 5.92 55.50 18.34
CA TYR C 5 6.48 54.43 17.51
C TYR C 5 5.55 53.21 17.52
N VAL C 6 5.21 52.77 16.31
CA VAL C 6 4.47 51.54 16.06
C VAL C 6 5.37 50.58 15.29
N GLY C 7 5.30 49.31 15.62
CA GLY C 7 6.09 48.29 14.98
C GLY C 7 5.24 47.36 14.18
N SER C 8 5.86 46.72 13.19
CA SER C 8 5.15 45.87 12.24
C SER C 8 6.00 44.63 11.94
N ILE C 9 5.47 43.47 12.31
CA ILE C 9 6.00 42.19 11.90
C ILE C 9 5.42 41.89 10.54
N ASP C 10 6.30 41.61 9.59
CA ASP C 10 5.93 41.37 8.19
C ASP C 10 6.48 39.98 7.82
N GLN C 11 5.61 38.98 7.92
CA GLN C 11 6.01 37.60 7.90
C GLN C 11 5.60 37.14 6.51
N GLY C 12 6.58 36.98 5.64
CA GLY C 12 6.36 36.70 4.24
C GLY C 12 6.68 35.27 3.89
N THR C 13 6.52 34.91 2.61
CA THR C 13 6.78 33.55 2.20
C THR C 13 8.23 33.15 2.37
N THR C 14 9.18 34.04 2.13
CA THR C 14 10.62 33.70 2.16
C THR C 14 11.36 34.35 3.32
N SER C 15 10.75 35.31 4.01
CA SER C 15 11.38 35.90 5.20
C SER C 15 10.41 36.66 6.09
N THR C 16 10.92 37.05 7.26
CA THR C 16 10.22 37.87 8.23
C THR C 16 11.03 39.15 8.46
N ARG C 17 10.31 40.25 8.61
CA ARG C 17 10.89 41.55 8.94
C ARG C 17 10.18 42.15 10.10
N PHE C 18 10.90 42.93 10.87
CA PHE C 18 10.28 43.84 11.79
C PHE C 18 10.72 45.21 11.37
N ILE C 19 9.75 46.02 10.98
CA ILE C 19 9.92 47.44 10.71
C ILE C 19 9.25 48.28 11.78
N ILE C 20 10.00 49.22 12.39
CA ILE C 20 9.43 50.17 13.36
C ILE C 20 9.14 51.41 12.59
N PHE C 21 7.89 51.90 12.66
CA PHE C 21 7.54 53.18 12.04
C PHE C 21 7.39 54.26 13.09
N ASP C 22 7.72 55.50 12.75
CA ASP C 22 7.38 56.64 13.65
C ASP C 22 5.98 57.25 13.37
N GLU C 23 5.58 58.21 14.20
CA GLU C 23 4.27 58.86 14.05
C GLU C 23 4.11 59.61 12.71
N ARG C 24 5.20 59.89 12.02
CA ARG C 24 5.14 60.46 10.66
C ARG C 24 5.01 59.41 9.57
N GLN C 25 4.76 58.15 9.96
CA GLN C 25 4.73 56.98 9.05
C GLN C 25 6.03 56.69 8.30
N ARG C 26 7.15 56.98 8.95
CA ARG C 26 8.46 56.73 8.41
C ARG C 26 9.03 55.42 8.91
N PRO C 27 9.52 54.55 8.01
CA PRO C 27 10.27 53.41 8.53
C PRO C 27 11.56 53.94 9.09
N VAL C 28 11.84 53.67 10.37
CA VAL C 28 13.09 54.12 11.03
C VAL C 28 14.07 53.01 11.45
N SER C 29 13.57 51.81 11.66
CA SER C 29 14.44 50.62 11.88
C SER C 29 13.84 49.44 11.17
N VAL C 30 14.71 48.50 10.82
CA VAL C 30 14.37 47.33 10.03
C VAL C 30 15.37 46.23 10.37
N HIS C 31 14.87 45.01 10.54
CA HIS C 31 15.73 43.84 10.46
C HIS C 31 14.93 42.73 9.77
N GLN C 32 15.65 41.91 9.02
CA GLN C 32 15.10 40.84 8.19
C GLN C 32 15.84 39.53 8.47
N VAL C 33 15.10 38.45 8.68
CA VAL C 33 15.66 37.11 8.96
C VAL C 33 14.89 36.10 8.11
N PRO C 34 15.61 35.30 7.29
CA PRO C 34 14.89 34.34 6.45
C PRO C 34 14.67 33.03 7.15
N HIS C 35 13.82 32.21 6.56
CA HIS C 35 13.47 30.89 7.10
C HIS C 35 13.55 29.87 5.99
N THR C 36 13.64 28.62 6.39
CA THR C 36 13.95 27.54 5.46
C THR C 36 12.73 27.18 4.62
N GLN C 37 12.96 26.97 3.33
CA GLN C 37 11.97 26.46 2.41
C GLN C 37 12.09 24.92 2.27
N HIS C 38 11.20 24.22 2.92
CA HIS C 38 11.21 22.75 2.91
C HIS C 38 10.31 22.21 1.77
N THR C 39 10.93 21.65 0.72
CA THR C 39 10.26 20.99 -0.39
C THR C 39 10.40 19.42 -0.33
N PRO C 40 9.61 18.72 0.53
CA PRO C 40 9.77 17.24 0.63
C PRO C 40 9.47 16.40 -0.66
N HIS C 41 8.52 16.83 -1.48
CA HIS C 41 8.19 16.16 -2.75
C HIS C 41 7.98 17.27 -3.77
N PRO C 42 8.13 16.97 -5.08
CA PRO C 42 7.83 18.04 -6.07
C PRO C 42 6.40 18.59 -5.97
N GLY C 43 6.27 19.90 -6.15
CA GLY C 43 5.02 20.61 -5.88
C GLY C 43 4.70 20.95 -4.43
N TRP C 44 5.31 20.28 -3.45
CA TRP C 44 5.09 20.59 -2.03
C TRP C 44 6.01 21.73 -1.48
N LEU C 45 5.48 22.46 -0.48
CA LEU C 45 6.18 23.56 0.22
C LEU C 45 5.62 23.74 1.63
N GLU C 46 6.54 23.87 2.56
CA GLU C 46 6.21 23.72 3.92
C GLU C 46 7.18 24.63 4.64
N HIS C 47 6.75 25.23 5.75
CA HIS C 47 7.60 26.05 6.58
C HIS C 47 7.56 25.57 7.97
N ASP C 48 8.69 25.74 8.64
CA ASP C 48 8.86 25.35 10.02
C ASP C 48 8.32 26.45 10.89
N PRO C 49 7.23 26.19 11.63
CA PRO C 49 6.59 27.27 12.34
C PRO C 49 7.36 27.91 13.44
N MET C 50 8.26 27.14 14.04
CA MET C 50 8.99 27.60 15.23
C MET C 50 10.16 28.47 14.75
N GLU C 51 10.77 28.09 13.64
CA GLU C 51 11.78 28.94 12.97
C GLU C 51 11.15 30.33 12.63
N ILE C 52 9.92 30.33 12.14
CA ILE C 52 9.22 31.55 11.80
C ILE C 52 8.98 32.41 13.03
N PHE C 53 8.57 31.77 14.14
CA PHE C 53 8.29 32.50 15.40
C PHE C 53 9.55 33.14 15.99
N ARG C 54 10.68 32.45 15.83
CA ARG C 54 11.95 32.91 16.34
C ARG C 54 12.50 34.01 15.45
N SER C 55 12.26 33.90 14.14
CA SER C 55 12.67 34.94 13.20
C SER C 55 12.04 36.27 13.54
N ALA C 56 10.74 36.25 13.79
CA ALA C 56 9.99 37.42 14.17
C ALA C 56 10.59 38.01 15.41
N CYS C 57 10.90 37.16 16.37
CA CYS C 57 11.43 37.62 17.66
C CYS C 57 12.84 38.25 17.51
N LYS C 58 13.73 37.59 16.76
CA LYS C 58 15.04 38.15 16.44
C LYS C 58 14.89 39.53 15.74
N CYS C 59 13.99 39.60 14.75
CA CYS C 59 13.72 40.83 14.02
C CYS C 59 13.36 41.95 14.99
N MET C 60 12.50 41.63 15.94
CA MET C 60 12.04 42.63 16.88
C MET C 60 13.16 43.23 17.74
N SER C 61 14.05 42.39 18.24
CA SER C 61 15.00 42.81 19.28
C SER C 61 16.24 43.40 18.67
N VAL C 62 16.62 42.91 17.50
CA VAL C 62 17.68 43.52 16.69
C VAL C 62 17.26 44.92 16.18
N ALA C 63 16.09 45.02 15.58
CA ALA C 63 15.60 46.31 15.04
C ALA C 63 15.37 47.39 16.13
N ILE C 64 14.89 46.94 17.28
CA ILE C 64 14.77 47.80 18.44
C ILE C 64 16.17 48.21 18.96
N ALA C 65 17.08 47.26 19.12
CA ALA C 65 18.44 47.56 19.57
C ALA C 65 19.12 48.61 18.64
N LYS C 66 18.98 48.41 17.34
CA LYS C 66 19.54 49.37 16.40
C LYS C 66 18.91 50.73 16.55
N LEU C 67 17.58 50.78 16.73
CA LEU C 67 16.87 52.09 16.76
C LEU C 67 17.30 52.92 17.97
N ARG C 68 17.36 52.30 19.12
CA ARG C 68 17.72 53.05 20.31
C ARG C 68 19.19 53.51 20.33
N GLN C 69 20.03 52.84 19.54
CA GLN C 69 21.42 53.26 19.32
C GLN C 69 21.48 54.49 18.40
N LYS C 70 20.48 54.72 17.55
CA LYS C 70 20.46 55.86 16.60
C LYS C 70 19.31 56.89 16.74
N ASP C 71 18.43 56.69 17.71
CA ASP C 71 17.35 57.66 18.02
C ASP C 71 17.29 57.76 19.54
N ALA C 72 17.69 58.92 20.07
CA ALA C 72 17.71 59.15 21.51
C ALA C 72 16.32 59.43 22.04
N SER C 73 15.36 59.64 21.16
CA SER C 73 13.99 59.90 21.56
C SER C 73 13.07 58.66 21.46
N PHE C 74 13.58 57.55 20.95
CA PHE C 74 12.87 56.28 21.02
C PHE C 74 12.87 55.69 22.42
N ARG C 75 11.76 55.78 23.12
CA ARG C 75 11.58 55.16 24.44
C ARG C 75 11.00 53.73 24.29
N LYS C 76 9.90 53.60 23.53
CA LYS C 76 9.17 52.34 23.44
C LYS C 76 8.34 52.24 22.18
N ILE C 77 7.86 51.03 21.95
CA ILE C 77 6.89 50.74 20.92
C ILE C 77 5.51 50.84 21.53
N GLU C 78 4.68 51.67 20.94
CA GLU C 78 3.32 51.84 21.36
C GLU C 78 2.49 50.57 21.19
N ALA C 79 2.38 50.06 19.97
CA ALA C 79 1.80 48.74 19.70
C ALA C 79 2.50 48.13 18.53
N ILE C 80 2.16 46.87 18.28
CA ILE C 80 2.73 46.02 17.24
C ILE C 80 1.62 45.58 16.33
N GLY C 81 1.89 45.61 15.02
CA GLY C 81 0.96 45.09 14.00
C GLY C 81 1.57 43.83 13.39
N ILE C 82 0.74 42.93 12.89
CA ILE C 82 1.22 41.77 12.13
C ILE C 82 0.56 41.76 10.73
N THR C 83 1.39 41.57 9.70
CA THR C 83 0.90 41.24 8.37
C THR C 83 1.60 39.99 7.88
N ASN C 84 0.88 39.15 7.16
CA ASN C 84 1.37 37.80 6.97
C ASN C 84 1.03 37.23 5.61
N GLN C 85 1.87 36.33 5.13
CA GLN C 85 1.52 35.45 4.02
C GLN C 85 0.26 34.69 4.40
N ARG C 86 -0.74 34.77 3.56
CA ARG C 86 -2.06 34.25 3.89
C ARG C 86 -2.07 32.78 3.54
N GLU C 87 -3.08 32.05 4.03
CA GLU C 87 -3.41 30.70 3.58
C GLU C 87 -2.51 29.56 4.07
N THR C 88 -1.21 29.85 4.21
CA THR C 88 -0.29 29.01 4.95
C THR C 88 -0.87 28.62 6.31
N THR C 89 -0.89 27.30 6.59
CA THR C 89 -1.70 26.76 7.71
C THR C 89 -0.88 25.97 8.74
N VAL C 90 -1.07 26.29 10.00
CA VAL C 90 -0.24 25.73 11.04
C VAL C 90 -1.09 24.84 11.93
N ALA C 91 -0.63 23.60 12.14
CA ALA C 91 -1.32 22.72 13.13
C ALA C 91 -0.46 22.63 14.40
N TRP C 92 -0.99 23.12 15.53
CA TRP C 92 -0.29 23.01 16.80
C TRP C 92 -1.19 22.42 17.86
N ASP C 93 -0.58 22.18 19.03
CA ASP C 93 -1.21 21.47 20.14
C ASP C 93 -1.34 22.47 21.27
N ARG C 94 -2.52 22.60 21.87
CA ARG C 94 -2.73 23.64 22.87
C ARG C 94 -2.11 23.34 24.25
N VAL C 95 -1.42 22.20 24.41
CA VAL C 95 -0.64 21.93 25.64
C VAL C 95 0.88 21.82 25.43
N THR C 96 1.38 21.15 24.37
CA THR C 96 2.82 21.25 24.05
C THR C 96 3.15 22.68 23.53
N LYS C 97 2.15 23.37 22.94
CA LYS C 97 2.26 24.75 22.46
C LYS C 97 3.20 24.81 21.29
N GLU C 98 3.25 23.70 20.57
CA GLU C 98 4.27 23.39 19.58
C GLU C 98 3.54 22.83 18.36
N PRO C 99 4.11 22.98 17.15
CA PRO C 99 3.46 22.39 15.98
C PRO C 99 3.44 20.84 15.92
N LEU C 100 2.32 20.27 15.45
CA LEU C 100 2.23 18.85 15.22
C LEU C 100 2.96 18.47 13.95
N CYS C 101 3.32 19.45 13.12
CA CYS C 101 4.09 19.20 11.87
C CYS C 101 4.42 20.53 11.29
N TYR C 102 5.13 20.52 10.19
CA TYR C 102 5.38 21.73 9.44
C TYR C 102 4.14 22.29 8.76
N ALA C 103 4.19 23.59 8.48
CA ALA C 103 3.04 24.32 7.99
C ALA C 103 3.05 24.36 6.48
N PRO C 104 2.09 23.66 5.82
CA PRO C 104 2.00 23.77 4.36
C PRO C 104 1.68 25.21 3.89
N VAL C 105 2.38 25.63 2.85
CA VAL C 105 2.40 27.01 2.40
C VAL C 105 1.34 27.30 1.31
N TRP C 106 0.83 28.53 1.27
CA TRP C 106 -0.16 28.91 0.27
C TRP C 106 0.01 28.24 -1.12
N ASN C 107 1.19 28.28 -1.74
CA ASN C 107 1.31 27.76 -3.13
C ASN C 107 1.58 26.25 -3.24
N ASP C 108 1.53 25.56 -2.11
CA ASP C 108 1.74 24.12 -2.06
C ASP C 108 0.61 23.30 -2.75
N LEU C 109 1.01 22.30 -3.52
CA LEU C 109 0.06 21.57 -4.35
C LEU C 109 -0.35 20.18 -3.78
N ARG C 110 0.08 19.81 -2.56
CA ARG C 110 -0.26 18.47 -2.02
C ARG C 110 -1.74 18.25 -1.82
N THR C 111 -2.50 19.34 -1.77
CA THR C 111 -3.94 19.29 -1.58
C THR C 111 -4.71 19.08 -2.90
N TYR C 112 -4.05 18.91 -4.05
CA TYR C 112 -4.74 18.83 -5.34
C TYR C 112 -5.90 17.81 -5.31
N ASP C 113 -5.61 16.56 -4.88
CA ASP C 113 -6.61 15.47 -4.74
C ASP C 113 -7.82 15.83 -3.88
N ILE C 114 -7.59 16.27 -2.65
CA ILE C 114 -8.67 16.68 -1.76
C ILE C 114 -9.58 17.69 -2.45
N THR C 115 -8.96 18.50 -3.30
CA THR C 115 -9.64 19.56 -3.99
C THR C 115 -10.53 19.08 -5.16
N LYS C 116 -10.04 18.11 -5.94
CA LYS C 116 -10.83 17.46 -7.01
C LYS C 116 -12.07 16.77 -6.42
N LYS C 117 -11.85 16.10 -5.28
CA LYS C 117 -12.84 15.30 -4.57
C LYS C 117 -13.92 16.20 -3.95
N VAL C 118 -13.50 17.34 -3.39
CA VAL C 118 -14.43 18.34 -2.84
C VAL C 118 -15.29 18.91 -3.98
N THR C 119 -14.71 19.17 -5.14
CA THR C 119 -15.45 19.74 -6.27
C THR C 119 -16.50 18.72 -6.81
N ALA C 120 -16.06 17.50 -7.12
CA ALA C 120 -16.96 16.40 -7.49
C ALA C 120 -18.06 16.10 -6.42
N GLU C 121 -17.66 15.71 -5.21
CA GLU C 121 -18.61 15.19 -4.21
C GLU C 121 -19.47 16.22 -3.49
N LEU C 122 -18.92 17.38 -3.15
CA LEU C 122 -19.67 18.41 -2.42
C LEU C 122 -20.27 19.48 -3.32
N GLY C 123 -19.67 19.69 -4.49
CA GLY C 123 -20.05 20.78 -5.39
C GLY C 123 -20.67 20.33 -6.70
N GLY C 124 -20.89 19.03 -6.87
CA GLY C 124 -21.49 18.48 -8.08
C GLY C 124 -20.64 18.56 -9.35
N GLY C 125 -19.32 18.75 -9.19
CA GLY C 125 -18.43 19.12 -10.32
C GLY C 125 -18.28 20.63 -10.53
N ASP C 126 -18.99 21.42 -9.71
CA ASP C 126 -18.81 22.85 -9.68
C ASP C 126 -17.82 23.30 -8.55
N SER C 127 -16.65 23.81 -8.97
CA SER C 127 -15.67 24.41 -8.05
C SER C 127 -16.17 25.68 -7.36
N MET C 128 -17.15 26.36 -7.98
CA MET C 128 -17.70 27.63 -7.48
C MET C 128 -18.90 27.46 -6.56
N PHE C 129 -19.19 26.23 -6.12
CA PHE C 129 -20.45 25.98 -5.39
C PHE C 129 -20.59 26.75 -4.09
N ALA C 130 -19.48 27.03 -3.41
CA ALA C 130 -19.51 27.75 -2.14
C ALA C 130 -19.13 29.25 -2.25
N SER C 131 -18.86 29.69 -3.47
CA SER C 131 -18.34 31.02 -3.71
C SER C 131 -19.24 32.16 -3.29
N LYS C 132 -20.54 31.95 -3.18
CA LYS C 132 -21.45 32.99 -2.64
C LYS C 132 -21.40 33.07 -1.12
N ILE C 133 -20.94 32.02 -0.44
CA ILE C 133 -20.65 32.08 0.99
C ILE C 133 -19.21 32.62 1.25
N THR C 134 -18.21 31.88 0.79
CA THR C 134 -16.80 32.19 1.04
C THR C 134 -16.23 33.36 0.23
N GLY C 135 -16.74 33.56 -0.98
CA GLY C 135 -16.14 34.51 -1.96
C GLY C 135 -15.06 33.86 -2.81
N LEU C 136 -14.92 32.53 -2.71
CA LEU C 136 -13.79 31.76 -3.23
C LEU C 136 -14.19 30.49 -3.96
N PRO C 137 -13.37 30.05 -4.92
CA PRO C 137 -13.59 28.74 -5.52
C PRO C 137 -12.78 27.69 -4.80
N VAL C 138 -13.06 26.44 -5.14
CA VAL C 138 -12.33 25.33 -4.60
C VAL C 138 -10.96 25.31 -5.29
N SER C 139 -9.93 25.22 -4.46
CA SER C 139 -8.57 25.49 -4.90
C SER C 139 -7.53 25.06 -3.85
N THR C 140 -6.33 24.69 -4.31
CA THR C 140 -5.21 24.29 -3.42
C THR C 140 -4.79 25.37 -2.40
N TYR C 141 -4.97 26.64 -2.73
CA TYR C 141 -4.55 27.74 -1.84
C TYR C 141 -5.18 27.71 -0.43
N PHE C 142 -6.49 27.51 -0.37
CA PHE C 142 -7.19 27.91 0.85
C PHE C 142 -7.00 26.96 2.04
N ALA C 143 -7.11 27.55 3.23
CA ALA C 143 -6.61 26.95 4.48
C ALA C 143 -7.31 25.65 4.80
N ALA C 144 -8.64 25.65 4.63
CA ALA C 144 -9.49 24.51 4.97
C ALA C 144 -8.96 23.21 4.36
N PHE C 145 -8.50 23.25 3.11
CA PHE C 145 -7.95 22.07 2.41
C PHE C 145 -6.61 21.55 2.92
N LYS C 146 -5.83 22.45 3.53
CA LYS C 146 -4.56 22.07 4.19
C LYS C 146 -4.86 21.50 5.56
N MET C 147 -5.84 22.08 6.24
CA MET C 147 -6.33 21.54 7.50
C MET C 147 -6.81 20.10 7.23
N ARG C 148 -7.80 19.97 6.36
CA ARG C 148 -8.29 18.67 5.91
C ARG C 148 -7.11 17.75 5.58
N TRP C 149 -6.13 18.20 4.81
CA TRP C 149 -5.05 17.30 4.39
C TRP C 149 -4.23 16.79 5.53
N MET C 150 -4.08 17.60 6.56
CA MET C 150 -3.22 17.26 7.70
C MET C 150 -3.91 16.24 8.61
N LEU C 151 -5.21 16.39 8.81
CA LEU C 151 -6.03 15.36 9.49
C LEU C 151 -5.95 13.98 8.80
N GLU C 152 -6.00 13.96 7.49
CA GLU C 152 -5.89 12.75 6.72
C GLU C 152 -4.50 12.17 6.57
N ASN C 153 -3.48 13.00 6.46
CA ASN C 153 -2.14 12.47 6.21
C ASN C 153 -1.15 12.58 7.36
N VAL C 154 -1.53 13.17 8.50
CA VAL C 154 -0.56 13.43 9.59
C VAL C 154 -1.10 12.79 10.85
N PRO C 155 -0.46 11.67 11.27
CA PRO C 155 -0.90 10.97 12.48
C PRO C 155 -1.01 11.84 13.77
N ALA C 156 0.00 12.67 14.02
CA ALA C 156 0.02 13.54 15.22
C ALA C 156 -1.18 14.49 15.27
N VAL C 157 -1.55 15.02 14.09
CA VAL C 157 -2.66 15.96 13.96
C VAL C 157 -3.98 15.24 14.16
N ALA C 158 -4.10 14.07 13.53
CA ALA C 158 -5.26 13.17 13.78
C ALA C 158 -5.43 12.86 15.29
N ASP C 159 -4.33 12.47 15.96
CA ASP C 159 -4.40 12.19 17.41
C ASP C 159 -4.83 13.46 18.16
N ALA C 160 -4.09 14.56 17.90
CA ALA C 160 -4.38 15.84 18.55
C ALA C 160 -5.86 16.26 18.42
N CYS C 161 -6.41 16.03 17.22
CA CYS C 161 -7.83 16.32 16.98
C CYS C 161 -8.69 15.57 17.99
N ARG C 162 -8.53 14.24 18.01
CA ARG C 162 -9.20 13.32 18.98
C ARG C 162 -9.11 13.79 20.47
N ARG C 163 -7.91 14.12 20.91
CA ARG C 163 -7.69 14.50 22.31
C ARG C 163 -8.31 15.89 22.68
N GLY C 164 -8.77 16.66 21.67
CA GLY C 164 -9.38 17.98 21.88
C GLY C 164 -8.34 19.05 22.23
N THR C 165 -7.09 18.81 21.78
CA THR C 165 -5.97 19.76 21.96
C THR C 165 -5.51 20.47 20.62
N LEU C 166 -6.30 20.36 19.56
CA LEU C 166 -5.89 20.84 18.23
C LEU C 166 -6.19 22.32 18.03
N CYS C 167 -5.15 23.02 17.57
CA CYS C 167 -5.28 24.38 17.08
C CYS C 167 -4.81 24.39 15.64
N PHE C 168 -5.74 24.73 14.75
CA PHE C 168 -5.37 25.22 13.41
C PHE C 168 -5.33 26.75 13.41
N GLY C 169 -4.46 27.29 12.59
CA GLY C 169 -4.26 28.75 12.52
C GLY C 169 -3.52 29.16 11.27
N THR C 170 -3.90 30.31 10.71
CA THR C 170 -3.08 30.95 9.66
C THR C 170 -1.98 31.68 10.43
N ILE C 171 -1.00 32.25 9.74
CA ILE C 171 0.23 32.75 10.39
C ILE C 171 -0.08 33.92 11.30
N ASP C 172 -1.07 34.76 10.97
CA ASP C 172 -1.48 35.79 11.93
C ASP C 172 -1.73 35.11 13.29
N THR C 173 -2.51 34.01 13.24
CA THR C 173 -3.02 33.33 14.43
C THR C 173 -1.91 32.66 15.23
N TRP C 174 -1.07 31.91 14.53
CA TRP C 174 0.12 31.33 15.09
C TRP C 174 1.11 32.31 15.73
N LEU C 175 1.30 33.47 15.10
CA LEU C 175 2.20 34.48 15.65
C LEU C 175 1.60 35.11 16.89
N MET C 176 0.34 35.42 16.86
CA MET C 176 -0.31 35.96 18.07
C MET C 176 -0.44 34.93 19.18
N TYR C 177 -0.51 33.65 18.83
CA TYR C 177 -0.48 32.58 19.81
C TYR C 177 0.83 32.61 20.59
N LYS C 178 1.94 32.41 19.89
CA LYS C 178 3.24 32.31 20.51
C LYS C 178 3.77 33.61 21.10
N LEU C 179 3.43 34.76 20.52
CA LEU C 179 3.84 36.05 21.08
C LEU C 179 3.14 36.28 22.41
N SER C 180 1.95 35.70 22.57
CA SER C 180 1.17 35.81 23.80
C SER C 180 1.66 34.92 24.93
N GLY C 181 2.62 34.05 24.63
CA GLY C 181 2.94 32.89 25.45
C GLY C 181 1.83 31.85 25.42
N GLY C 182 1.04 31.85 24.34
CA GLY C 182 -0.16 31.02 24.23
C GLY C 182 -1.46 31.53 24.83
N LYS C 183 -1.52 32.79 25.29
CA LYS C 183 -2.80 33.41 25.83
C LYS C 183 -3.87 33.94 24.84
N ALA C 184 -3.57 33.90 23.54
CA ALA C 184 -4.45 34.52 22.53
C ALA C 184 -4.62 33.57 21.37
N PHE C 185 -5.86 33.17 21.11
CA PHE C 185 -6.17 32.29 19.99
C PHE C 185 -7.20 33.00 19.09
N VAL C 186 -6.67 33.86 18.20
CA VAL C 186 -7.48 34.79 17.38
C VAL C 186 -6.99 34.84 15.92
N THR C 187 -7.89 35.29 15.04
CA THR C 187 -7.55 35.61 13.67
C THR C 187 -8.33 36.86 13.31
N ASP C 188 -7.81 37.59 12.36
CA ASP C 188 -8.47 38.81 11.88
C ASP C 188 -9.34 38.44 10.66
N VAL C 189 -10.31 39.30 10.35
CA VAL C 189 -11.28 39.03 9.30
C VAL C 189 -10.70 38.76 7.94
N THR C 190 -9.59 39.42 7.60
CA THR C 190 -9.00 39.27 6.29
C THR C 190 -8.35 37.91 6.13
N ASN C 191 -7.56 37.49 7.12
CA ASN C 191 -7.02 36.10 7.12
C ASN C 191 -8.11 34.99 7.17
N ALA C 192 -9.08 35.18 8.03
CA ALA C 192 -10.24 34.28 8.10
C ALA C 192 -10.89 34.14 6.72
N SER C 193 -10.98 35.25 5.97
CA SER C 193 -11.61 35.24 4.65
C SER C 193 -10.92 34.33 3.65
N ARG C 194 -9.79 33.74 4.01
CA ARG C 194 -9.00 32.91 3.11
C ARG C 194 -8.96 31.46 3.48
N THR C 195 -9.74 31.09 4.49
CA THR C 195 -9.75 29.74 4.98
C THR C 195 -10.70 28.84 4.21
N PHE C 196 -11.72 29.44 3.56
CA PHE C 196 -12.84 28.72 2.91
C PHE C 196 -13.80 28.19 4.02
N LEU C 197 -13.66 28.68 5.27
CA LEU C 197 -14.56 28.31 6.35
C LEU C 197 -15.34 29.48 6.85
N MET C 198 -15.13 30.69 6.33
CA MET C 198 -15.87 31.86 6.83
C MET C 198 -16.95 32.35 5.85
N ASP C 199 -18.05 32.82 6.43
CA ASP C 199 -19.14 33.37 5.66
C ASP C 199 -18.91 34.88 5.56
N LEU C 200 -18.81 35.38 4.31
CA LEU C 200 -18.55 36.80 4.06
C LEU C 200 -19.65 37.71 4.52
N ARG C 201 -20.90 37.25 4.43
CA ARG C 201 -22.07 38.08 4.86
C ARG C 201 -22.09 38.35 6.40
N THR C 202 -21.61 37.35 7.15
CA THR C 202 -21.55 37.41 8.60
C THR C 202 -20.14 37.66 9.14
N ARG C 203 -19.13 37.35 8.33
CA ARG C 203 -17.73 37.34 8.79
C ARG C 203 -17.63 36.48 10.06
N LYS C 204 -18.37 35.36 10.08
CA LYS C 204 -18.28 34.36 11.13
C LYS C 204 -18.06 33.04 10.49
N TRP C 205 -17.48 32.11 11.24
CA TRP C 205 -17.28 30.74 10.76
C TRP C 205 -18.62 30.13 10.35
N SER C 206 -18.63 29.39 9.24
CA SER C 206 -19.84 28.82 8.66
C SER C 206 -20.07 27.43 9.22
N PRO C 207 -21.18 27.25 9.96
CA PRO C 207 -21.44 25.90 10.47
C PRO C 207 -21.55 24.86 9.34
N GLU C 208 -22.31 25.15 8.28
N GLU C 208 -22.34 25.20 8.31
CA GLU C 208 -22.46 24.15 7.21
CA GLU C 208 -22.51 24.41 7.07
C GLU C 208 -21.13 23.78 6.50
C GLU C 208 -21.18 23.84 6.55
N LEU C 209 -20.26 24.75 6.21
CA LEU C 209 -18.96 24.43 5.57
C LEU C 209 -18.00 23.65 6.47
N CYS C 210 -17.91 24.07 7.74
CA CYS C 210 -17.15 23.29 8.68
C CYS C 210 -17.63 21.84 8.73
N GLU C 211 -18.94 21.64 8.89
CA GLU C 211 -19.56 20.30 8.75
C GLU C 211 -19.15 19.61 7.44
N LYS C 212 -19.54 20.16 6.31
CA LYS C 212 -19.23 19.53 5.01
C LYS C 212 -17.73 19.15 4.73
N LEU C 213 -16.77 19.97 5.18
CA LEU C 213 -15.35 19.67 4.95
C LEU C 213 -14.72 18.89 6.11
N LYS C 214 -15.40 18.86 7.25
CA LYS C 214 -15.05 18.06 8.42
C LYS C 214 -13.77 18.53 9.10
N ILE C 215 -13.88 19.81 9.42
CA ILE C 215 -12.98 20.56 10.26
C ILE C 215 -13.87 20.93 11.45
N PRO C 216 -13.54 20.40 12.65
CA PRO C 216 -14.36 20.74 13.79
C PRO C 216 -14.08 22.15 14.24
N MET C 217 -15.14 22.87 14.57
CA MET C 217 -15.07 24.28 14.86
C MET C 217 -14.28 24.66 16.11
N GLU C 218 -14.00 23.71 16.99
CA GLU C 218 -13.21 23.98 18.19
C GLU C 218 -11.70 23.97 17.93
N THR C 219 -11.27 23.53 16.75
CA THR C 219 -9.92 23.79 16.27
C THR C 219 -9.70 25.22 15.79
N LEU C 220 -10.72 26.08 15.73
CA LEU C 220 -10.60 27.33 15.02
C LEU C 220 -10.62 28.53 15.98
N PRO C 221 -9.73 29.51 15.74
CA PRO C 221 -9.65 30.69 16.58
C PRO C 221 -10.82 31.63 16.36
N GLU C 222 -10.95 32.59 17.26
CA GLU C 222 -11.99 33.58 17.22
C GLU C 222 -11.69 34.69 16.18
N ILE C 223 -12.71 35.06 15.44
CA ILE C 223 -12.58 36.05 14.42
C ILE C 223 -12.73 37.44 15.03
N ARG C 224 -11.73 38.30 14.81
CA ARG C 224 -11.78 39.69 15.24
C ARG C 224 -11.45 40.58 14.06
N SER C 225 -11.46 41.88 14.27
CA SER C 225 -11.21 42.84 13.21
C SER C 225 -9.68 42.91 12.87
N ASN C 226 -9.29 43.89 12.06
CA ASN C 226 -7.87 44.15 11.83
C ASN C 226 -7.19 45.02 12.84
N SER C 227 -7.99 45.86 13.52
CA SER C 227 -7.48 46.90 14.40
C SER C 227 -8.24 46.93 15.72
N GLU C 228 -7.60 46.41 16.77
CA GLU C 228 -8.16 46.30 18.14
C GLU C 228 -7.15 45.57 19.04
N LEU C 229 -7.44 45.46 20.33
CA LEU C 229 -6.57 44.69 21.23
C LEU C 229 -6.67 43.21 20.99
N PHE C 230 -5.58 42.61 20.51
CA PHE C 230 -5.50 41.14 20.35
C PHE C 230 -4.88 40.37 21.49
N GLY C 231 -4.17 41.03 22.40
CA GLY C 231 -3.13 40.36 23.21
C GLY C 231 -1.97 41.27 23.55
N TYR C 232 -0.90 40.71 24.11
CA TYR C 232 0.31 41.45 24.54
C TYR C 232 1.51 40.55 24.30
N VAL C 233 2.66 41.15 24.00
CA VAL C 233 3.88 40.38 23.84
C VAL C 233 4.45 40.02 25.22
N GLU C 234 4.51 38.74 25.52
CA GLU C 234 4.98 38.28 26.81
C GLU C 234 5.62 36.94 26.59
N THR C 235 6.64 36.97 25.76
CA THR C 235 7.54 35.86 25.60
C THR C 235 8.90 36.54 25.68
N ASP C 236 9.93 35.76 25.91
CA ASP C 236 11.25 36.34 26.00
C ASP C 236 12.15 35.58 25.05
N GLU C 237 11.58 35.09 23.95
CA GLU C 237 12.22 34.05 23.15
C GLU C 237 13.63 34.43 22.72
N CYS C 238 13.80 35.49 21.93
CA CYS C 238 15.17 35.94 21.54
C CYS C 238 15.45 37.32 22.13
N GLY C 239 15.13 37.46 23.42
CA GLY C 239 15.40 38.68 24.18
C GLY C 239 14.42 39.79 23.87
N VAL C 240 13.22 39.41 23.49
CA VAL C 240 12.31 40.35 22.83
C VAL C 240 11.47 41.15 23.84
N ALA C 241 11.11 40.53 24.96
CA ALA C 241 10.52 41.29 26.10
C ALA C 241 11.59 42.17 26.76
N ALA C 242 12.82 41.69 26.86
CA ALA C 242 13.94 42.53 27.30
C ALA C 242 14.08 43.80 26.42
N ALA C 243 13.98 43.60 25.10
CA ALA C 243 14.12 44.70 24.12
C ALA C 243 12.91 45.63 24.09
N LEU C 244 11.71 45.08 24.25
CA LEU C 244 10.51 45.90 24.29
C LEU C 244 10.47 46.73 25.56
N ASN C 245 11.05 46.20 26.64
CA ASN C 245 11.19 46.91 27.90
C ASN C 245 9.88 47.12 28.69
N GLU C 246 8.88 47.77 28.09
CA GLU C 246 7.54 47.94 28.70
C GLU C 246 6.60 46.85 28.15
N ARG C 247 5.36 46.84 28.64
CA ARG C 247 4.33 45.94 28.12
C ARG C 247 3.83 46.47 26.75
N THR C 248 3.94 45.65 25.71
CA THR C 248 3.65 46.09 24.35
C THR C 248 2.49 45.26 23.84
N PRO C 249 1.34 45.91 23.56
CA PRO C 249 0.19 45.21 23.08
C PRO C 249 0.27 44.90 21.57
N ILE C 250 -0.39 43.81 21.17
CA ILE C 250 -0.48 43.45 19.76
C ILE C 250 -1.84 43.97 19.37
N MET C 251 -1.89 44.98 18.50
CA MET C 251 -3.13 45.65 18.18
C MET C 251 -3.48 45.75 16.70
N GLY C 252 -2.80 44.92 15.90
CA GLY C 252 -2.97 44.96 14.48
C GLY C 252 -2.68 43.61 13.89
N SER C 253 -3.55 43.24 12.97
CA SER C 253 -3.39 41.98 12.31
C SER C 253 -4.18 42.03 11.02
N ILE C 254 -3.50 41.79 9.91
CA ILE C 254 -4.11 41.94 8.56
C ILE C 254 -3.33 41.19 7.49
N GLY C 255 -3.98 40.42 6.65
CA GLY C 255 -3.26 39.65 5.61
C GLY C 255 -2.45 40.54 4.64
N ASP C 256 -1.35 40.01 4.11
CA ASP C 256 -0.42 40.82 3.27
C ASP C 256 -1.05 41.65 2.15
N GLN C 257 -1.86 41.07 1.27
CA GLN C 257 -2.45 41.86 0.20
C GLN C 257 -3.36 43.00 0.72
N GLN C 258 -4.20 42.67 1.66
CA GLN C 258 -5.10 43.61 2.27
C GLN C 258 -4.31 44.65 3.02
N SER C 259 -3.20 44.25 3.60
CA SER C 259 -2.35 45.20 4.31
C SER C 259 -1.83 46.26 3.33
N ALA C 260 -1.41 45.83 2.16
CA ALA C 260 -1.01 46.73 1.09
C ALA C 260 -2.14 47.64 0.65
N LEU C 261 -3.35 47.12 0.47
CA LEU C 261 -4.54 47.94 0.21
C LEU C 261 -4.69 49.05 1.28
N PHE C 262 -4.55 48.72 2.56
CA PHE C 262 -4.70 49.63 3.66
C PHE C 262 -3.53 50.60 3.83
N GLY C 263 -2.31 50.07 3.76
CA GLY C 263 -1.15 50.96 3.71
C GLY C 263 -1.10 51.93 2.54
N ASN C 264 -1.82 51.60 1.48
CA ASN C 264 -1.97 52.45 0.31
C ASN C 264 -3.15 53.40 0.41
N MET C 265 -3.81 53.40 1.57
CA MET C 265 -4.85 54.36 1.87
C MET C 265 -6.14 54.20 1.00
N CYS C 266 -6.40 52.99 0.52
CA CYS C 266 -7.57 52.70 -0.32
C CYS C 266 -8.81 52.47 0.54
N PHE C 267 -9.14 53.49 1.33
CA PHE C 267 -10.15 53.37 2.35
C PHE C 267 -11.57 53.55 1.82
N GLU C 268 -11.75 54.14 0.62
CA GLU C 268 -13.08 54.34 0.00
C GLU C 268 -13.31 53.39 -1.18
N LYS C 269 -14.59 53.10 -1.46
CA LYS C 269 -14.98 52.25 -2.59
C LYS C 269 -14.49 52.84 -3.92
N GLY C 270 -13.88 52.02 -4.77
CA GLY C 270 -13.34 52.46 -6.03
C GLY C 270 -11.85 52.71 -6.03
N GLU C 271 -11.21 52.79 -4.85
CA GLU C 271 -9.73 52.92 -4.76
C GLU C 271 -9.12 51.51 -4.78
N ALA C 272 -8.21 51.26 -5.73
CA ALA C 272 -7.50 50.01 -5.83
C ALA C 272 -6.01 50.15 -5.59
N LYS C 273 -5.36 49.06 -5.19
CA LYS C 273 -3.88 48.94 -5.20
C LYS C 273 -3.51 47.83 -6.14
N ASN C 274 -2.36 47.96 -6.80
CA ASN C 274 -1.75 46.86 -7.51
C ASN C 274 -0.32 46.71 -7.07
N THR C 275 0.08 45.50 -6.72
CA THR C 275 1.50 45.20 -6.42
C THR C 275 2.12 44.62 -7.69
N TYR C 276 3.12 45.29 -8.23
CA TYR C 276 3.87 44.83 -9.41
C TYR C 276 5.07 44.11 -8.85
N GLY C 277 4.87 42.85 -8.48
CA GLY C 277 5.95 41.93 -8.01
C GLY C 277 6.26 40.91 -9.11
N THR C 278 6.85 39.77 -8.74
CA THR C 278 7.02 38.60 -9.64
C THR C 278 5.77 38.37 -10.50
N GLY C 279 4.63 38.41 -9.82
CA GLY C 279 3.34 38.55 -10.44
C GLY C 279 2.68 39.80 -9.87
N CYS C 280 1.39 39.92 -10.14
CA CYS C 280 0.61 41.10 -9.84
C CYS C 280 -0.57 40.63 -9.02
N PHE C 281 -0.81 41.29 -7.91
CA PHE C 281 -2.01 41.15 -7.14
C PHE C 281 -2.70 42.52 -7.12
N LEU C 282 -3.90 42.56 -7.68
CA LEU C 282 -4.70 43.76 -7.73
C LEU C 282 -5.85 43.54 -6.79
N LEU C 283 -6.04 44.48 -5.87
CA LEU C 283 -7.20 44.56 -4.98
C LEU C 283 -7.87 45.93 -5.06
N MET C 284 -9.18 45.91 -5.22
CA MET C 284 -10.04 47.09 -5.16
C MET C 284 -11.04 47.04 -3.98
N ASN C 285 -11.06 48.09 -3.16
CA ASN C 285 -12.15 48.35 -2.19
C ASN C 285 -13.51 48.55 -2.92
N VAL C 286 -14.48 47.71 -2.67
CA VAL C 286 -15.76 47.80 -3.35
C VAL C 286 -16.87 48.31 -2.42
N GLY C 287 -16.53 48.70 -1.17
CA GLY C 287 -17.50 49.20 -0.20
C GLY C 287 -17.95 48.21 0.86
N GLU C 288 -18.99 48.61 1.61
CA GLU C 288 -19.48 47.87 2.77
C GLU C 288 -20.30 46.60 2.50
N GLU C 289 -20.65 46.39 1.24
CA GLU C 289 -21.38 45.21 0.78
C GLU C 289 -20.46 44.40 -0.14
N ALA C 290 -20.44 43.08 0.10
CA ALA C 290 -19.64 42.15 -0.65
C ALA C 290 -20.15 42.11 -2.06
N ARG C 291 -19.22 41.95 -3.00
CA ARG C 291 -19.52 41.76 -4.39
C ARG C 291 -18.85 40.49 -4.83
N PHE C 292 -19.57 39.73 -5.64
CA PHE C 292 -19.09 38.51 -6.23
C PHE C 292 -18.84 38.71 -7.71
N SER C 293 -17.95 37.90 -8.23
CA SER C 293 -17.38 38.06 -9.55
C SER C 293 -18.03 37.09 -10.48
N LYS C 294 -18.35 37.57 -11.68
CA LYS C 294 -18.75 36.72 -12.80
C LYS C 294 -17.55 36.18 -13.56
N HIS C 295 -16.34 36.63 -13.21
CA HIS C 295 -15.16 36.43 -14.04
C HIS C 295 -14.06 35.67 -13.35
N GLY C 296 -14.34 35.01 -12.23
CA GLY C 296 -13.32 34.20 -11.52
C GLY C 296 -12.42 34.93 -10.54
N LEU C 297 -12.72 36.21 -10.30
CA LEU C 297 -12.00 36.99 -9.30
C LEU C 297 -12.50 36.57 -7.94
N LEU C 298 -11.69 36.75 -6.93
CA LEU C 298 -12.04 36.41 -5.58
C LEU C 298 -12.77 37.59 -4.89
N SER C 299 -13.79 37.31 -4.08
CA SER C 299 -14.33 38.31 -3.18
C SER C 299 -13.74 38.02 -1.83
N THR C 300 -13.35 39.07 -1.14
CA THR C 300 -12.68 38.92 0.08
C THR C 300 -12.95 40.10 1.00
N VAL C 301 -12.51 40.00 2.25
CA VAL C 301 -12.56 41.18 3.12
C VAL C 301 -11.32 42.06 2.85
N GLY C 302 -11.51 43.37 2.71
CA GLY C 302 -10.41 44.32 2.51
C GLY C 302 -9.84 44.80 3.82
N PHE C 303 -10.70 45.30 4.70
CA PHE C 303 -10.33 45.63 6.08
C PHE C 303 -11.52 45.95 6.99
N GLN C 304 -11.26 46.03 8.29
CA GLN C 304 -12.26 46.26 9.31
C GLN C 304 -11.55 46.91 10.50
N VAL C 305 -11.75 48.21 10.69
CA VAL C 305 -11.11 48.92 11.76
C VAL C 305 -12.03 48.89 12.97
N GLY C 306 -11.60 48.28 14.07
CA GLY C 306 -12.38 48.21 15.31
C GLY C 306 -13.23 46.96 15.37
N ARG C 307 -13.23 46.30 16.52
CA ARG C 307 -14.16 45.20 16.79
C ARG C 307 -15.62 45.55 16.39
N ASP C 308 -16.18 44.74 15.49
CA ASP C 308 -17.48 45.01 14.88
C ASP C 308 -17.64 46.45 14.31
N GLY C 309 -16.55 46.97 13.74
CA GLY C 309 -16.54 48.27 13.06
C GLY C 309 -17.03 48.07 11.64
N PRO C 310 -17.09 49.17 10.86
CA PRO C 310 -17.46 48.96 9.48
C PRO C 310 -16.43 48.04 8.77
N CYS C 311 -16.93 47.28 7.81
CA CYS C 311 -16.17 46.27 7.16
C CYS C 311 -16.19 46.60 5.72
N TYR C 312 -15.03 46.82 5.12
CA TYR C 312 -14.93 47.12 3.71
C TYR C 312 -14.46 45.85 3.05
N TYR C 313 -15.22 45.42 2.04
CA TYR C 313 -14.92 44.28 1.18
C TYR C 313 -14.10 44.69 -0.07
N ALA C 314 -13.55 43.68 -0.73
CA ALA C 314 -12.70 43.88 -1.87
C ALA C 314 -12.88 42.76 -2.86
N LEU C 315 -12.52 43.04 -4.12
CA LEU C 315 -12.31 42.03 -5.11
C LEU C 315 -10.81 41.96 -5.28
N GLU C 316 -10.35 40.75 -5.54
CA GLU C 316 -8.96 40.46 -5.74
C GLU C 316 -8.74 39.71 -7.07
N GLY C 317 -7.78 40.22 -7.86
CA GLY C 317 -7.26 39.52 -9.02
C GLY C 317 -5.75 39.35 -9.03
N ALA C 318 -5.29 38.39 -9.80
CA ALA C 318 -3.85 38.12 -9.93
C ALA C 318 -3.44 37.96 -11.39
N ILE C 319 -2.22 38.36 -11.71
CA ILE C 319 -1.56 37.89 -12.94
C ILE C 319 -0.27 37.20 -12.54
N ALA C 320 0.02 36.10 -13.19
CA ALA C 320 1.12 35.20 -12.77
C ALA C 320 2.49 35.76 -13.01
N CYS C 321 2.69 36.33 -14.20
CA CYS C 321 4.03 36.67 -14.65
C CYS C 321 4.09 38.14 -14.97
N ALA C 322 4.86 38.86 -14.16
CA ALA C 322 5.10 40.25 -14.36
C ALA C 322 6.61 40.44 -14.26
N GLY C 323 7.14 40.70 -13.07
CA GLY C 323 8.58 40.69 -12.85
C GLY C 323 9.23 39.38 -13.31
N ALA C 324 8.49 38.28 -13.27
CA ALA C 324 9.03 37.06 -13.79
C ALA C 324 9.33 37.19 -15.28
N THR C 325 8.48 37.93 -16.03
CA THR C 325 8.69 38.13 -17.47
C THR C 325 9.93 39.04 -17.65
N VAL C 326 10.10 40.02 -16.79
CA VAL C 326 11.30 40.85 -16.88
C VAL C 326 12.56 40.02 -16.67
N GLU C 327 12.56 39.21 -15.63
CA GLU C 327 13.67 38.31 -15.30
C GLU C 327 13.92 37.31 -16.45
N TRP C 328 12.87 36.66 -16.93
CA TRP C 328 12.96 35.77 -18.11
C TRP C 328 13.65 36.38 -19.31
N MET C 329 13.21 37.55 -19.72
CA MET C 329 13.83 38.22 -20.87
C MET C 329 15.36 38.39 -20.64
N ARG C 330 15.74 38.65 -19.41
CA ARG C 330 17.14 38.90 -19.04
C ARG C 330 17.92 37.58 -18.92
N ARG C 331 17.46 36.71 -18.03
CA ARG C 331 18.26 35.56 -17.70
C ARG C 331 18.12 34.47 -18.78
N ASN C 332 16.93 34.29 -19.37
CA ASN C 332 16.74 33.23 -20.38
C ASN C 332 17.01 33.61 -21.82
N MET C 333 16.69 34.85 -22.15
CA MET C 333 16.72 35.31 -23.52
C MET C 333 17.79 36.37 -23.80
N ASN C 334 18.46 36.88 -22.77
CA ASN C 334 19.59 37.75 -22.96
C ASN C 334 19.20 39.06 -23.65
N LEU C 335 17.97 39.53 -23.43
CA LEU C 335 17.54 40.74 -24.09
C LEU C 335 18.15 41.97 -23.44
N PHE C 336 18.54 41.87 -22.18
CA PHE C 336 19.32 42.93 -21.54
C PHE C 336 20.15 42.32 -20.41
N SER C 337 20.99 43.12 -19.74
CA SER C 337 21.73 42.66 -18.52
C SER C 337 21.41 43.49 -17.25
N HIS C 338 21.89 44.73 -17.18
CA HIS C 338 21.56 45.60 -16.05
C HIS C 338 20.06 45.88 -16.07
N ILE C 339 19.44 45.85 -14.90
CA ILE C 339 17.99 46.00 -14.77
C ILE C 339 17.43 47.32 -15.29
N THR C 340 18.26 48.38 -15.27
CA THR C 340 17.87 49.68 -15.80
C THR C 340 17.67 49.66 -17.30
N GLU C 341 18.26 48.66 -17.98
CA GLU C 341 18.20 48.56 -19.44
C GLU C 341 16.79 48.20 -19.93
N CYS C 342 16.07 47.47 -19.10
CA CYS C 342 14.74 47.07 -19.45
C CYS C 342 13.94 48.32 -19.85
N GLU C 343 13.79 49.29 -18.93
CA GLU C 343 13.13 50.55 -19.26
C GLU C 343 13.79 51.37 -20.41
N LYS C 344 15.11 51.50 -20.44
CA LYS C 344 15.78 52.28 -21.52
C LYS C 344 15.53 51.71 -22.94
N LEU C 345 15.66 50.40 -23.10
CA LEU C 345 15.33 49.76 -24.36
C LEU C 345 13.85 49.94 -24.73
N ALA C 346 12.96 49.79 -23.76
CA ALA C 346 11.52 49.99 -23.99
C ALA C 346 11.21 51.44 -24.40
N ARG C 347 11.90 52.41 -23.81
CA ARG C 347 11.76 53.84 -24.19
C ARG C 347 12.27 54.19 -25.60
N SER C 348 13.30 53.47 -26.04
CA SER C 348 14.03 53.86 -27.24
C SER C 348 13.28 53.63 -28.52
N VAL C 349 12.12 52.96 -28.46
CA VAL C 349 11.20 52.87 -29.59
C VAL C 349 9.87 53.53 -29.20
N PRO C 350 9.17 54.14 -30.16
CA PRO C 350 7.90 54.81 -29.86
C PRO C 350 6.68 53.91 -29.58
N GLY C 351 6.67 52.70 -30.13
CA GLY C 351 5.64 51.69 -29.82
C GLY C 351 6.11 50.28 -30.18
N THR C 352 5.17 49.34 -30.23
CA THR C 352 5.52 47.95 -30.53
C THR C 352 5.46 47.62 -32.02
N GLN C 353 4.89 48.54 -32.81
CA GLN C 353 4.96 48.50 -34.29
C GLN C 353 4.37 47.17 -34.76
N GLY C 354 3.22 46.86 -34.17
CA GLY C 354 2.45 45.69 -34.52
C GLY C 354 2.67 44.44 -33.71
N ILE C 355 3.78 44.28 -32.98
CA ILE C 355 3.93 43.01 -32.24
C ILE C 355 3.11 42.99 -30.95
N VAL C 356 2.75 41.77 -30.52
CA VAL C 356 2.18 41.54 -29.20
C VAL C 356 2.87 40.32 -28.61
N PHE C 357 3.34 40.47 -27.37
CA PHE C 357 4.00 39.41 -26.59
C PHE C 357 3.09 39.10 -25.40
N VAL C 358 2.36 38.00 -25.47
CA VAL C 358 1.52 37.53 -24.35
C VAL C 358 2.30 36.59 -23.43
N PRO C 359 2.68 37.04 -22.23
CA PRO C 359 3.61 36.23 -21.45
C PRO C 359 2.85 35.26 -20.56
N ALA C 360 2.12 34.36 -21.21
CA ALA C 360 1.28 33.41 -20.48
C ALA C 360 2.04 32.11 -20.23
N PHE C 361 3.26 32.21 -19.69
CA PHE C 361 4.16 31.06 -19.55
C PHE C 361 3.49 29.87 -18.80
N SER C 362 2.72 30.18 -17.78
CA SER C 362 1.97 29.19 -17.04
C SER C 362 0.48 29.43 -17.22
N GLY C 363 0.08 29.70 -18.45
CA GLY C 363 -1.33 29.97 -18.78
C GLY C 363 -1.81 31.36 -18.44
N LEU C 364 -3.08 31.58 -18.71
CA LEU C 364 -3.78 32.82 -18.39
C LEU C 364 -4.64 32.63 -17.11
N LEU C 365 -4.44 33.51 -16.15
CA LEU C 365 -5.23 33.57 -14.93
C LEU C 365 -6.29 34.64 -15.10
N ALA C 366 -6.31 35.65 -14.22
CA ALA C 366 -6.93 36.98 -14.54
C ALA C 366 -8.42 36.74 -14.90
N PRO C 367 -9.02 37.37 -15.94
CA PRO C 367 -10.43 37.02 -16.23
C PRO C 367 -10.68 36.20 -17.49
N TYR C 368 -9.67 35.45 -17.94
CA TYR C 368 -9.84 34.50 -19.03
C TYR C 368 -9.08 33.27 -18.58
N TRP C 369 -9.75 32.25 -18.08
CA TRP C 369 -9.01 31.09 -17.57
C TRP C 369 -8.59 30.16 -18.66
N ASP C 370 -7.29 30.05 -18.84
CA ASP C 370 -6.78 29.13 -19.80
C ASP C 370 -5.40 28.58 -19.39
N PRO C 371 -5.39 27.37 -18.79
CA PRO C 371 -4.16 26.67 -18.47
C PRO C 371 -3.45 26.14 -19.70
N SER C 372 -4.15 26.09 -20.83
CA SER C 372 -3.50 25.77 -22.11
C SER C 372 -2.70 26.93 -22.78
N ALA C 373 -2.96 28.16 -22.34
CA ALA C 373 -2.38 29.35 -22.97
C ALA C 373 -0.92 29.35 -22.61
N ARG C 374 -0.09 29.67 -23.57
CA ARG C 374 1.34 29.65 -23.32
C ARG C 374 1.92 30.97 -23.76
N GLY C 375 3.21 31.16 -23.48
CA GLY C 375 3.93 32.35 -23.82
C GLY C 375 4.09 32.49 -25.29
N THR C 376 3.59 33.59 -25.84
CA THR C 376 3.52 33.75 -27.29
C THR C 376 3.85 35.14 -27.81
N ILE C 377 4.59 35.19 -28.92
CA ILE C 377 4.81 36.41 -29.65
C ILE C 377 4.29 36.29 -31.07
N VAL C 378 3.60 37.34 -31.54
CA VAL C 378 3.03 37.40 -32.88
C VAL C 378 3.33 38.77 -33.48
N GLY C 379 3.45 38.78 -34.81
CA GLY C 379 3.48 40.01 -35.60
C GLY C 379 4.87 40.54 -35.93
N MET C 380 5.92 39.75 -35.73
CA MET C 380 7.26 40.23 -35.90
C MET C 380 7.62 40.38 -37.41
N THR C 381 8.42 41.42 -37.69
CA THR C 381 9.02 41.70 -38.99
C THR C 381 10.53 41.73 -38.74
N LEU C 382 11.31 41.98 -39.79
CA LEU C 382 12.75 42.12 -39.64
C LEU C 382 13.12 43.45 -39.04
N LYS C 383 12.15 44.37 -38.95
CA LYS C 383 12.35 45.63 -38.19
C LYS C 383 12.19 45.45 -36.67
N THR C 384 11.62 44.32 -36.22
CA THR C 384 11.42 44.06 -34.80
C THR C 384 12.74 43.83 -34.13
N THR C 385 12.90 44.43 -32.95
CA THR C 385 14.13 44.31 -32.16
C THR C 385 13.73 43.96 -30.74
N ARG C 386 14.75 43.69 -29.92
CA ARG C 386 14.53 43.39 -28.52
C ARG C 386 13.85 44.54 -27.79
N ALA C 387 14.10 45.76 -28.26
CA ALA C 387 13.43 46.94 -27.74
C ALA C 387 11.93 46.84 -27.89
N HIS C 388 11.47 46.45 -29.07
CA HIS C 388 10.03 46.25 -29.30
C HIS C 388 9.45 45.12 -28.44
N VAL C 389 10.20 44.05 -28.27
CA VAL C 389 9.75 42.92 -27.46
C VAL C 389 9.66 43.26 -25.97
N ILE C 390 10.64 44.01 -25.46
CA ILE C 390 10.67 44.38 -24.03
C ILE C 390 9.49 45.27 -23.73
N ARG C 391 9.29 46.25 -24.60
CA ARG C 391 8.17 47.18 -24.48
C ARG C 391 6.87 46.47 -24.59
N ALA C 392 6.77 45.52 -25.54
CA ALA C 392 5.53 44.69 -25.65
C ALA C 392 5.23 43.84 -24.39
N ALA C 393 6.28 43.34 -23.73
CA ALA C 393 6.14 42.68 -22.44
C ALA C 393 5.52 43.64 -21.41
N LEU C 394 6.02 44.89 -21.40
CA LEU C 394 5.50 45.90 -20.46
C LEU C 394 4.07 46.20 -20.79
N GLN C 395 3.79 46.40 -22.08
CA GLN C 395 2.40 46.60 -22.54
C GLN C 395 1.46 45.51 -22.07
N ALA C 396 1.91 44.27 -22.25
CA ALA C 396 1.16 43.08 -21.89
C ALA C 396 0.75 43.03 -20.43
N ILE C 397 1.67 43.43 -19.58
CA ILE C 397 1.41 43.44 -18.16
C ILE C 397 0.30 44.40 -17.89
N ALA C 398 0.40 45.59 -18.49
CA ALA C 398 -0.59 46.67 -18.28
C ALA C 398 -1.94 46.33 -18.88
N LEU C 399 -1.94 45.60 -19.99
CA LEU C 399 -3.17 45.13 -20.62
C LEU C 399 -3.95 44.08 -19.83
N GLN C 400 -3.25 43.18 -19.16
CA GLN C 400 -3.94 42.24 -18.25
C GLN C 400 -4.50 42.99 -17.06
N LEU C 401 -3.73 43.89 -16.45
CA LEU C 401 -4.31 44.70 -15.38
C LEU C 401 -5.55 45.41 -15.83
N ASN C 402 -5.52 46.00 -17.03
CA ASN C 402 -6.69 46.65 -17.64
C ASN C 402 -7.90 45.73 -17.69
N ASP C 403 -7.73 44.55 -18.25
CA ASP C 403 -8.77 43.51 -18.25
C ASP C 403 -9.28 43.14 -16.86
N VAL C 404 -8.36 43.06 -15.89
CA VAL C 404 -8.70 42.65 -14.54
C VAL C 404 -9.51 43.78 -13.93
N VAL C 405 -9.03 44.99 -14.10
CA VAL C 405 -9.77 46.18 -13.66
C VAL C 405 -11.17 46.25 -14.29
N GLY C 406 -11.25 45.90 -15.59
CA GLY C 406 -12.48 45.87 -16.34
C GLY C 406 -13.50 45.09 -15.57
N SER C 407 -13.14 43.83 -15.30
CA SER C 407 -14.02 42.87 -14.67
C SER C 407 -14.49 43.33 -13.30
N MET C 408 -13.56 43.84 -12.49
CA MET C 408 -13.89 44.39 -11.19
C MET C 408 -14.95 45.50 -11.24
N LYS C 409 -14.82 46.40 -12.21
CA LYS C 409 -15.71 47.57 -12.32
C LYS C 409 -17.15 47.17 -12.59
N ARG C 410 -17.33 46.05 -13.30
CA ARG C 410 -18.64 45.60 -13.70
C ARG C 410 -19.19 44.79 -12.53
N ASP C 411 -18.36 43.93 -11.92
CA ASP C 411 -18.78 43.19 -10.76
C ASP C 411 -19.11 44.11 -9.61
N ALA C 412 -18.26 45.10 -9.37
CA ALA C 412 -18.49 45.99 -8.22
C ALA C 412 -19.58 47.00 -8.50
N GLY C 413 -19.82 47.31 -9.79
CA GLY C 413 -20.72 48.42 -10.20
C GLY C 413 -20.10 49.79 -9.94
N LEU C 414 -18.78 49.90 -10.12
CA LEU C 414 -18.06 51.11 -9.77
C LEU C 414 -17.04 51.47 -10.84
N ASN C 415 -16.67 52.75 -10.90
CA ASN C 415 -15.47 53.15 -11.61
C ASN C 415 -14.26 53.03 -10.71
N LEU C 416 -13.12 52.86 -11.36
CA LEU C 416 -11.84 52.90 -10.71
C LEU C 416 -11.55 54.35 -10.51
N SER C 417 -11.31 54.71 -9.25
CA SER C 417 -11.04 56.08 -8.81
C SER C 417 -9.60 56.46 -9.08
N SER C 418 -8.67 55.74 -8.44
CA SER C 418 -7.27 55.80 -8.82
C SER C 418 -6.57 54.52 -8.40
N LEU C 419 -5.32 54.37 -8.85
CA LEU C 419 -4.53 53.16 -8.63
C LEU C 419 -3.27 53.50 -7.93
N ARG C 420 -3.12 53.05 -6.67
CA ARG C 420 -1.82 53.05 -6.04
C ARG C 420 -1.06 51.82 -6.51
N VAL C 421 0.26 51.93 -6.54
CA VAL C 421 1.12 50.91 -7.11
C VAL C 421 2.33 50.80 -6.21
N ASP C 422 2.83 49.58 -6.03
CA ASP C 422 4.03 49.30 -5.24
C ASP C 422 4.58 48.02 -5.86
N GLY C 423 5.59 47.45 -5.22
CA GLY C 423 6.37 46.37 -5.80
C GLY C 423 7.50 46.95 -6.63
N GLY C 424 8.53 46.12 -6.83
CA GLY C 424 9.67 46.45 -7.69
C GLY C 424 9.39 47.00 -9.08
N LEU C 425 8.45 46.41 -9.79
CA LEU C 425 8.13 46.86 -11.13
C LEU C 425 7.43 48.25 -11.23
N SER C 426 6.91 48.77 -10.13
CA SER C 426 6.43 50.14 -10.10
C SER C 426 7.55 51.21 -10.21
N LYS C 427 8.83 50.82 -10.09
CA LYS C 427 9.95 51.74 -10.35
C LYS C 427 10.21 51.90 -11.86
N ASN C 428 9.44 51.20 -12.70
CA ASN C 428 9.60 51.35 -14.13
C ASN C 428 8.56 52.38 -14.54
N GLY C 429 9.05 53.58 -14.82
CA GLY C 429 8.21 54.68 -15.16
C GLY C 429 7.38 54.44 -16.38
N LEU C 430 7.99 53.87 -17.41
CA LEU C 430 7.29 53.63 -18.67
C LEU C 430 6.09 52.67 -18.41
N LEU C 431 6.33 51.58 -17.68
CA LEU C 431 5.21 50.69 -17.31
C LEU C 431 4.13 51.45 -16.62
N MET C 432 4.49 52.31 -15.67
CA MET C 432 3.50 53.18 -14.99
C MET C 432 2.73 54.14 -15.96
N GLU C 433 3.45 54.72 -16.92
CA GLU C 433 2.82 55.59 -17.94
C GLU C 433 1.90 54.82 -18.88
N ILE C 434 2.38 53.70 -19.38
CA ILE C 434 1.54 52.85 -20.22
C ILE C 434 0.24 52.54 -19.50
N GLN C 435 0.33 52.29 -18.20
CA GLN C 435 -0.81 51.87 -17.39
C GLN C 435 -1.79 53.00 -17.09
N ALA C 436 -1.27 54.17 -16.73
CA ALA C 436 -2.14 55.35 -16.62
C ALA C 436 -2.93 55.59 -17.90
N SER C 437 -2.23 55.59 -19.03
CA SER C 437 -2.82 55.77 -20.38
C SER C 437 -3.88 54.72 -20.71
N LEU C 438 -3.65 53.46 -20.38
CA LEU C 438 -4.67 52.42 -20.65
C LEU C 438 -5.85 52.56 -19.75
N LEU C 439 -5.64 52.78 -18.46
CA LEU C 439 -6.78 52.79 -17.53
C LEU C 439 -7.45 54.11 -17.57
N GLY C 440 -6.67 55.14 -17.94
CA GLY C 440 -7.15 56.49 -17.94
C GLY C 440 -7.50 57.05 -16.57
N VAL C 441 -6.82 56.60 -15.52
CA VAL C 441 -6.97 57.22 -14.19
C VAL C 441 -5.56 57.58 -13.87
N ASP C 442 -5.39 58.32 -12.79
CA ASP C 442 -4.08 58.63 -12.30
C ASP C 442 -3.54 57.40 -11.56
N ILE C 443 -2.23 57.22 -11.68
CA ILE C 443 -1.52 56.22 -10.93
C ILE C 443 -0.64 56.90 -9.91
N LEU C 444 -0.79 56.47 -8.67
CA LEU C 444 -0.17 57.09 -7.51
C LEU C 444 1.00 56.21 -7.06
N VAL C 445 2.21 56.75 -7.10
CA VAL C 445 3.40 56.00 -6.73
C VAL C 445 3.94 56.57 -5.44
N PRO C 446 3.83 55.81 -4.33
CA PRO C 446 4.34 56.24 -3.02
C PRO C 446 5.85 56.17 -2.96
N SER C 447 6.49 57.17 -2.41
CA SER C 447 7.96 57.13 -2.30
C SER C 447 8.40 56.31 -1.09
N MET C 448 7.59 56.32 -0.04
CA MET C 448 7.75 55.42 1.09
C MET C 448 7.05 54.11 0.65
N HIS C 449 7.83 53.22 0.05
CA HIS C 449 7.26 52.04 -0.65
C HIS C 449 6.97 50.81 0.26
N GLU C 450 7.19 50.96 1.55
CA GLU C 450 7.05 49.90 2.51
C GLU C 450 5.55 49.77 2.90
N THR C 451 4.71 49.51 1.89
CA THR C 451 3.28 49.66 2.05
C THR C 451 2.63 48.45 2.75
N THR C 452 3.17 47.26 2.57
CA THR C 452 2.61 46.10 3.24
C THR C 452 2.79 46.21 4.73
N ALA C 453 4.00 46.54 5.11
CA ALA C 453 4.32 46.66 6.52
C ALA C 453 3.52 47.84 7.14
N LEU C 454 3.28 48.89 6.39
CA LEU C 454 2.62 50.08 6.95
C LEU C 454 1.18 49.83 7.24
N GLY C 455 0.55 48.98 6.44
CA GLY C 455 -0.79 48.56 6.71
C GLY C 455 -0.98 48.07 8.13
N ALA C 456 -0.14 47.12 8.51
CA ALA C 456 -0.20 46.53 9.83
C ALA C 456 0.16 47.55 10.91
N ALA C 457 1.17 48.38 10.64
CA ALA C 457 1.50 49.49 11.55
C ALA C 457 0.33 50.50 11.69
N LEU C 458 -0.39 50.79 10.61
CA LEU C 458 -1.54 51.72 10.72
C LEU C 458 -2.67 51.11 11.53
N CYS C 459 -2.90 49.81 11.34
CA CYS C 459 -3.99 49.16 12.06
C CYS C 459 -3.69 49.26 13.56
N ALA C 460 -2.50 48.81 13.95
CA ALA C 460 -2.09 48.81 15.38
C ALA C 460 -2.05 50.20 16.02
N GLY C 461 -1.79 51.22 15.20
CA GLY C 461 -1.56 52.58 15.66
C GLY C 461 -2.87 53.28 15.80
N LEU C 462 -3.80 52.97 14.90
CA LEU C 462 -5.18 53.43 15.03
C LEU C 462 -5.77 52.95 16.36
N ALA C 463 -5.57 51.67 16.64
CA ALA C 463 -6.06 51.07 17.86
C ALA C 463 -5.43 51.64 19.14
N ALA C 464 -4.17 52.09 19.07
CA ALA C 464 -3.51 52.66 20.21
C ALA C 464 -3.53 54.18 20.23
N GLY C 465 -4.24 54.82 19.31
CA GLY C 465 -4.34 56.27 19.32
C GLY C 465 -3.10 57.05 18.90
N VAL C 466 -2.14 56.40 18.20
CA VAL C 466 -1.02 57.08 17.51
C VAL C 466 -1.56 57.92 16.35
N TRP C 467 -2.57 57.36 15.67
CA TRP C 467 -3.39 58.09 14.70
C TRP C 467 -4.87 57.95 15.15
N THR C 468 -5.58 59.08 15.19
CA THR C 468 -6.94 59.13 15.75
C THR C 468 -8.03 58.81 14.67
N SER C 469 -7.77 59.00 13.38
CA SER C 469 -8.74 58.57 12.38
C SER C 469 -8.10 58.22 11.04
N LEU C 470 -8.89 57.65 10.14
CA LEU C 470 -8.43 57.44 8.77
C LEU C 470 -8.09 58.75 8.06
N GLU C 471 -8.82 59.84 8.31
CA GLU C 471 -8.48 61.10 7.63
C GLU C 471 -7.14 61.64 8.14
N GLU C 472 -6.79 61.31 9.39
CA GLU C 472 -5.47 61.69 9.95
C GLU C 472 -4.28 60.85 9.39
N VAL C 473 -4.50 59.54 9.26
CA VAL C 473 -3.60 58.65 8.54
C VAL C 473 -3.31 59.19 7.13
N LYS C 474 -4.37 59.57 6.39
CA LYS C 474 -4.23 60.15 5.00
C LYS C 474 -3.46 61.45 5.01
N ALA C 475 -3.83 62.35 5.92
CA ALA C 475 -3.16 63.67 5.99
C ALA C 475 -1.68 63.57 6.39
N VAL C 476 -1.33 62.73 7.37
CA VAL C 476 0.06 62.52 7.72
C VAL C 476 0.84 61.97 6.52
N SER C 477 0.29 61.01 5.81
CA SER C 477 0.99 60.50 4.64
C SER C 477 1.28 61.63 3.66
N ARG C 478 0.28 62.49 3.42
CA ARG C 478 0.41 63.56 2.42
C ARG C 478 1.50 64.56 2.82
N ARG C 479 1.36 65.14 4.00
CA ARG C 479 2.40 66.00 4.58
C ARG C 479 3.80 65.37 4.60
N GLU C 480 3.92 64.08 4.95
CA GLU C 480 5.26 63.55 5.31
C GLU C 480 5.94 62.71 4.25
N ASN C 481 5.16 62.03 3.41
CA ASN C 481 5.69 61.12 2.41
C ASN C 481 5.21 61.53 1.01
N SER C 482 6.15 61.69 0.08
CA SER C 482 5.81 62.13 -1.27
C SER C 482 5.12 61.00 -2.03
N TRP C 483 4.11 61.35 -2.81
CA TRP C 483 3.53 60.49 -3.82
C TRP C 483 3.89 61.17 -5.16
N LYS C 484 4.45 60.40 -6.08
CA LYS C 484 4.58 60.79 -7.47
C LYS C 484 3.28 60.48 -8.16
N THR C 485 2.74 61.40 -8.96
CA THR C 485 1.49 61.11 -9.69
C THR C 485 1.72 61.02 -11.18
N VAL C 486 1.24 59.96 -11.80
CA VAL C 486 1.56 59.62 -13.19
C VAL C 486 0.20 59.58 -13.84
N SER C 487 0.08 60.31 -14.95
CA SER C 487 -1.24 60.66 -15.48
C SER C 487 -1.35 60.09 -16.84
N PRO C 488 -2.57 59.78 -17.29
CA PRO C 488 -2.72 59.26 -18.62
C PRO C 488 -2.09 60.22 -19.66
N SER C 489 -1.51 59.65 -20.71
CA SER C 489 -0.84 60.50 -21.68
C SER C 489 -0.62 59.79 -22.98
N GLY C 490 -1.63 59.09 -23.46
CA GLY C 490 -1.60 58.63 -24.82
C GLY C 490 -2.84 59.17 -25.47
N SER C 491 -3.14 58.66 -26.65
CA SER C 491 -4.40 58.94 -27.28
C SER C 491 -5.38 57.81 -27.02
N ALA C 492 -6.63 58.19 -26.79
CA ALA C 492 -7.76 57.28 -26.81
C ALA C 492 -7.82 56.38 -28.05
N MET C 493 -7.26 56.85 -29.17
CA MET C 493 -7.23 56.03 -30.38
C MET C 493 -6.13 54.97 -30.30
N GLU C 494 -4.97 55.32 -29.74
CA GLU C 494 -3.86 54.37 -29.49
C GLU C 494 -4.24 53.32 -28.44
N ARG C 495 -4.89 53.80 -27.38
CA ARG C 495 -5.45 52.92 -26.36
C ARG C 495 -6.26 51.84 -27.06
N GLU C 496 -7.18 52.26 -27.93
CA GLU C 496 -8.17 51.35 -28.51
C GLU C 496 -7.49 50.30 -29.41
N ALA C 497 -6.47 50.71 -30.17
CA ALA C 497 -5.71 49.82 -31.04
C ALA C 497 -4.82 48.83 -30.30
N MET C 498 -4.30 49.25 -29.15
CA MET C 498 -3.46 48.39 -28.31
C MET C 498 -4.33 47.23 -27.78
N ILE C 499 -5.49 47.61 -27.27
CA ILE C 499 -6.47 46.66 -26.75
C ILE C 499 -7.02 45.70 -27.81
N ALA C 500 -7.27 46.19 -29.02
CA ALA C 500 -7.74 45.36 -30.15
C ALA C 500 -6.69 44.35 -30.67
N GLU C 501 -5.42 44.75 -30.70
CA GLU C 501 -4.30 43.84 -30.95
C GLU C 501 -4.14 42.78 -29.82
N TRP C 502 -4.25 43.22 -28.57
CA TRP C 502 -4.20 42.34 -27.41
C TRP C 502 -5.29 41.24 -27.57
N ARG C 503 -6.53 41.67 -27.80
CA ARG C 503 -7.64 40.72 -27.98
C ARG C 503 -7.41 39.76 -29.14
N GLU C 504 -6.86 40.22 -30.26
CA GLU C 504 -6.52 39.30 -31.37
C GLU C 504 -5.43 38.31 -30.97
N ALA C 505 -4.40 38.81 -30.28
CA ALA C 505 -3.23 37.99 -29.90
C ALA C 505 -3.61 36.80 -29.00
N LEU C 506 -4.51 37.06 -28.05
CA LEU C 506 -5.06 36.05 -27.12
C LEU C 506 -5.60 34.79 -27.79
N LYS C 507 -6.31 34.94 -28.90
CA LYS C 507 -6.76 33.81 -29.73
C LYS C 507 -5.67 32.90 -30.32
N ARG C 508 -4.41 33.30 -30.16
CA ARG C 508 -3.34 32.55 -30.75
C ARG C 508 -2.54 31.87 -29.67
N THR C 509 -2.99 31.99 -28.42
CA THR C 509 -2.17 31.54 -27.29
C THR C 509 -2.34 30.11 -26.81
N LYS C 510 -3.46 29.49 -27.23
CA LYS C 510 -3.81 28.10 -26.89
C LYS C 510 -2.78 27.11 -27.43
N TRP C 511 -2.08 26.42 -26.56
CA TRP C 511 -1.04 25.48 -27.02
C TRP C 511 -0.96 24.16 -26.27
N ALA C 512 -0.81 24.20 -24.97
CA ALA C 512 -0.52 23.01 -24.14
C ALA C 512 -1.48 21.79 -24.31
N LYS C 513 -0.88 20.59 -24.28
CA LYS C 513 -1.58 19.29 -24.33
C LYS C 513 -2.50 19.12 -25.55
N ALA D 1 48.96 21.12 -75.18
CA ALA D 1 48.32 21.25 -73.83
C ALA D 1 49.10 22.23 -72.90
N THR D 2 48.46 23.36 -72.58
CA THR D 2 49.00 24.40 -71.66
C THR D 2 47.78 25.11 -70.99
N MET D 3 47.83 25.46 -69.69
CA MET D 3 46.58 25.56 -68.89
C MET D 3 45.52 26.56 -69.39
N LYS D 4 44.31 26.05 -69.62
CA LYS D 4 43.18 26.87 -70.13
C LYS D 4 42.31 27.36 -68.98
N TYR D 5 41.54 28.42 -69.27
CA TYR D 5 40.80 29.20 -68.28
C TYR D 5 39.46 29.70 -68.77
N VAL D 6 38.44 29.68 -67.89
CA VAL D 6 37.09 30.14 -68.21
C VAL D 6 36.68 31.12 -67.13
N GLY D 7 36.07 32.21 -67.56
CA GLY D 7 35.67 33.29 -66.67
C GLY D 7 34.17 33.25 -66.47
N SER D 8 33.73 33.59 -65.25
CA SER D 8 32.32 33.72 -64.90
C SER D 8 32.13 35.13 -64.35
N ILE D 9 31.20 35.89 -64.91
CA ILE D 9 30.70 37.10 -64.26
C ILE D 9 29.52 36.69 -63.41
N ASP D 10 29.60 36.91 -62.09
CA ASP D 10 28.53 36.57 -61.13
C ASP D 10 27.89 37.87 -60.61
N GLN D 11 26.82 38.29 -61.25
CA GLN D 11 26.22 39.59 -60.98
C GLN D 11 25.09 39.33 -60.03
N GLY D 12 25.28 39.63 -58.75
CA GLY D 12 24.28 39.35 -57.70
C GLY D 12 23.52 40.60 -57.26
N THR D 13 22.55 40.42 -56.39
CA THR D 13 21.70 41.48 -55.87
C THR D 13 22.50 42.65 -55.28
N THR D 14 23.53 42.33 -54.46
CA THR D 14 24.34 43.33 -53.72
C THR D 14 25.79 43.54 -54.15
N SER D 15 26.37 42.62 -54.92
CA SER D 15 27.63 42.84 -55.59
C SER D 15 27.75 42.05 -56.87
N THR D 16 28.79 42.38 -57.65
CA THR D 16 29.18 41.68 -58.84
C THR D 16 30.57 41.11 -58.58
N ARG D 17 30.83 39.92 -59.12
CA ARG D 17 32.16 39.31 -59.04
C ARG D 17 32.55 38.73 -60.36
N PHE D 18 33.83 38.43 -60.51
CA PHE D 18 34.31 37.71 -61.65
C PHE D 18 35.25 36.66 -61.12
N ILE D 19 35.01 35.43 -61.52
CA ILE D 19 35.78 34.29 -61.04
C ILE D 19 36.42 33.65 -62.26
N ILE D 20 37.71 33.38 -62.18
CA ILE D 20 38.36 32.62 -63.24
C ILE D 20 38.54 31.18 -62.83
N PHE D 21 38.06 30.30 -63.68
CA PHE D 21 38.19 28.86 -63.45
C PHE D 21 39.24 28.29 -64.36
N ASP D 22 39.99 27.31 -63.86
CA ASP D 22 40.85 26.51 -64.75
C ASP D 22 40.08 25.29 -65.23
N GLU D 23 40.72 24.44 -66.03
CA GLU D 23 40.01 23.30 -66.64
C GLU D 23 39.69 22.18 -65.65
N ARG D 24 40.41 22.14 -64.53
CA ARG D 24 40.04 21.35 -63.36
C ARG D 24 38.85 21.92 -62.55
N GLN D 25 38.21 23.01 -63.03
CA GLN D 25 37.06 23.68 -62.35
C GLN D 25 37.39 24.35 -60.97
N ARG D 26 38.67 24.66 -60.75
CA ARG D 26 39.11 25.36 -59.56
C ARG D 26 39.04 26.87 -59.82
N PRO D 27 38.46 27.66 -58.87
CA PRO D 27 38.53 29.13 -58.94
C PRO D 27 39.95 29.57 -58.63
N VAL D 28 40.58 30.30 -59.55
CA VAL D 28 42.00 30.66 -59.40
C VAL D 28 42.21 32.15 -59.18
N SER D 29 41.28 32.96 -59.70
CA SER D 29 41.25 34.40 -59.47
C SER D 29 39.83 34.84 -59.28
N VAL D 30 39.64 35.85 -58.43
CA VAL D 30 38.34 36.44 -58.14
C VAL D 30 38.48 37.89 -57.76
N HIS D 31 37.51 38.72 -58.13
CA HIS D 31 37.41 40.04 -57.58
C HIS D 31 35.95 40.46 -57.45
N GLN D 32 35.61 41.17 -56.36
CA GLN D 32 34.24 41.60 -56.05
C GLN D 32 34.15 43.12 -55.97
N VAL D 33 33.07 43.67 -56.52
CA VAL D 33 32.78 45.09 -56.39
C VAL D 33 31.30 45.24 -56.06
N PRO D 34 31.01 45.99 -54.98
CA PRO D 34 29.58 46.18 -54.60
C PRO D 34 28.88 47.27 -55.43
N HIS D 35 27.58 47.39 -55.27
CA HIS D 35 26.83 48.45 -55.94
C HIS D 35 25.69 48.82 -55.03
N THR D 36 25.14 49.98 -55.34
CA THR D 36 24.32 50.76 -54.41
C THR D 36 22.89 50.24 -54.40
N GLN D 37 22.34 50.05 -53.21
CA GLN D 37 21.02 49.51 -53.05
C GLN D 37 20.04 50.67 -52.81
N HIS D 38 19.60 51.30 -53.90
CA HIS D 38 18.67 52.46 -53.83
C HIS D 38 17.26 52.08 -53.37
N THR D 39 16.82 52.65 -52.24
CA THR D 39 15.48 52.48 -51.71
C THR D 39 14.72 53.83 -51.71
N PRO D 40 14.25 54.31 -52.89
CA PRO D 40 13.57 55.61 -52.93
C PRO D 40 12.30 55.72 -52.05
N HIS D 41 11.50 54.66 -52.00
CA HIS D 41 10.30 54.55 -51.14
C HIS D 41 10.30 53.22 -50.36
N PRO D 42 9.72 53.18 -49.15
CA PRO D 42 9.72 51.90 -48.38
C PRO D 42 9.06 50.76 -49.17
N GLY D 43 9.75 49.62 -49.32
CA GLY D 43 9.39 48.56 -50.28
C GLY D 43 10.09 48.55 -51.66
N TRP D 44 10.61 49.67 -52.13
CA TRP D 44 11.29 49.75 -53.41
C TRP D 44 12.77 49.45 -53.29
N LEU D 45 13.35 48.92 -54.37
CA LEU D 45 14.79 48.69 -54.52
C LEU D 45 15.19 48.80 -56.01
N GLU D 46 16.17 49.62 -56.27
CA GLU D 46 16.63 49.93 -57.65
C GLU D 46 18.15 49.76 -57.67
N HIS D 47 18.68 49.33 -58.79
CA HIS D 47 20.10 49.40 -59.02
C HIS D 47 20.37 50.30 -60.22
N ASP D 48 21.56 50.91 -60.24
CA ASP D 48 22.03 51.75 -61.32
C ASP D 48 22.72 50.79 -62.33
N PRO D 49 22.23 50.69 -63.59
CA PRO D 49 22.78 49.68 -64.53
C PRO D 49 24.20 49.91 -64.95
N MET D 50 24.61 51.18 -65.02
CA MET D 50 25.98 51.52 -65.36
C MET D 50 26.92 51.20 -64.20
N GLU D 51 26.49 51.41 -62.96
CA GLU D 51 27.29 50.89 -61.80
C GLU D 51 27.60 49.38 -61.96
N ILE D 52 26.58 48.60 -62.33
CA ILE D 52 26.73 47.15 -62.48
C ILE D 52 27.72 46.73 -63.56
N PHE D 53 27.55 47.34 -64.72
CA PHE D 53 28.47 47.18 -65.86
C PHE D 53 29.85 47.66 -65.50
N ARG D 54 29.92 48.83 -64.91
CA ARG D 54 31.21 49.27 -64.36
C ARG D 54 31.81 48.25 -63.38
N SER D 55 30.99 47.75 -62.46
CA SER D 55 31.48 46.78 -61.49
C SER D 55 31.98 45.51 -62.18
N ALA D 56 31.24 45.03 -63.15
CA ALA D 56 31.61 43.83 -63.84
C ALA D 56 32.96 43.99 -64.50
N CYS D 57 33.19 45.15 -65.12
CA CYS D 57 34.44 45.41 -65.84
C CYS D 57 35.62 45.56 -64.92
N LYS D 58 35.44 46.23 -63.80
CA LYS D 58 36.52 46.34 -62.79
C LYS D 58 36.90 44.96 -62.30
N CYS D 59 35.87 44.15 -62.01
CA CYS D 59 36.03 42.76 -61.61
C CYS D 59 36.88 41.96 -62.60
N MET D 60 36.55 42.08 -63.87
CA MET D 60 37.28 41.34 -64.88
C MET D 60 38.77 41.73 -64.93
N SER D 61 39.05 43.02 -64.91
CA SER D 61 40.44 43.45 -65.03
C SER D 61 41.29 43.35 -63.76
N VAL D 62 40.68 43.30 -62.58
CA VAL D 62 41.42 43.03 -61.35
C VAL D 62 41.72 41.55 -61.24
N ALA D 63 40.74 40.69 -61.54
CA ALA D 63 40.94 39.22 -61.53
C ALA D 63 41.98 38.75 -62.57
N ILE D 64 41.91 39.29 -63.80
CA ILE D 64 42.87 38.95 -64.86
C ILE D 64 44.29 39.31 -64.41
N ALA D 65 44.53 40.61 -64.19
CA ALA D 65 45.77 41.10 -63.51
C ALA D 65 46.30 40.21 -62.41
N LYS D 66 45.43 39.75 -61.51
CA LYS D 66 45.87 38.91 -60.37
C LYS D 66 46.29 37.47 -60.74
N LEU D 67 45.52 36.83 -61.61
CA LEU D 67 45.87 35.52 -62.13
C LEU D 67 47.25 35.59 -62.79
N ARG D 68 47.45 36.64 -63.58
CA ARG D 68 48.66 36.78 -64.36
C ARG D 68 49.94 37.08 -63.56
N GLN D 69 49.83 37.40 -62.27
CA GLN D 69 50.99 37.34 -61.35
C GLN D 69 51.25 35.94 -60.83
N LYS D 70 50.21 35.12 -60.67
CA LYS D 70 50.39 33.74 -60.17
C LYS D 70 50.64 32.67 -61.27
N ASP D 71 50.29 33.01 -62.51
CA ASP D 71 50.52 32.21 -63.70
C ASP D 71 50.91 33.17 -64.79
N ALA D 72 52.23 33.40 -64.93
CA ALA D 72 52.75 34.34 -65.93
C ALA D 72 52.68 33.86 -67.38
N SER D 73 52.07 32.69 -67.64
CA SER D 73 51.79 32.17 -69.00
C SER D 73 50.35 32.39 -69.47
N PHE D 74 49.44 32.62 -68.54
CA PHE D 74 48.08 32.99 -68.88
C PHE D 74 48.10 34.21 -69.79
N ARG D 75 47.87 34.00 -71.08
CA ARG D 75 47.65 35.12 -72.01
C ARG D 75 46.22 35.23 -72.57
N LYS D 76 45.33 34.29 -72.27
CA LYS D 76 43.91 34.43 -72.65
C LYS D 76 42.94 33.54 -71.86
N ILE D 77 41.69 33.99 -71.87
CA ILE D 77 40.57 33.27 -71.34
C ILE D 77 39.90 32.62 -72.54
N GLU D 78 39.48 31.36 -72.42
CA GLU D 78 38.78 30.68 -73.55
C GLU D 78 37.42 31.32 -73.89
N ALA D 79 36.62 31.51 -72.86
CA ALA D 79 35.35 32.21 -72.99
C ALA D 79 34.85 32.71 -71.63
N ILE D 80 33.81 33.53 -71.69
CA ILE D 80 33.22 34.11 -70.52
C ILE D 80 31.79 33.62 -70.50
N GLY D 81 31.36 33.19 -69.30
CA GLY D 81 29.95 32.95 -69.00
C GLY D 81 29.41 34.01 -68.06
N ILE D 82 28.10 34.19 -68.08
CA ILE D 82 27.45 35.14 -67.20
C ILE D 82 26.40 34.40 -66.40
N THR D 83 26.34 34.68 -65.10
CA THR D 83 25.19 34.33 -64.29
C THR D 83 24.78 35.59 -63.51
N ASN D 84 23.49 35.74 -63.27
CA ASN D 84 23.00 37.02 -62.82
C ASN D 84 21.77 36.89 -62.00
N GLN D 85 21.57 37.87 -61.12
CA GLN D 85 20.28 38.05 -60.46
C GLN D 85 19.24 38.17 -61.58
N ARG D 86 18.19 37.39 -61.43
CA ARG D 86 17.09 37.27 -62.41
C ARG D 86 15.99 38.25 -62.09
N GLU D 87 15.18 38.50 -63.12
CA GLU D 87 14.00 39.35 -63.06
C GLU D 87 14.25 40.85 -62.96
N THR D 88 15.43 41.25 -62.51
CA THR D 88 15.77 42.64 -62.36
C THR D 88 15.82 43.13 -63.78
N THR D 89 15.12 44.23 -64.05
CA THR D 89 14.86 44.67 -65.46
C THR D 89 15.39 46.05 -65.77
N VAL D 90 16.21 46.10 -66.82
CA VAL D 90 16.83 47.33 -67.25
C VAL D 90 16.14 47.86 -68.52
N ALA D 91 16.05 49.20 -68.62
CA ALA D 91 15.53 49.88 -69.79
C ALA D 91 16.58 50.80 -70.47
N TRP D 92 17.02 50.42 -71.66
CA TRP D 92 18.02 51.21 -72.39
C TRP D 92 17.69 51.59 -73.83
N ASP D 93 18.52 52.50 -74.36
CA ASP D 93 18.32 53.15 -75.65
C ASP D 93 19.27 52.55 -76.68
N ARG D 94 18.70 52.11 -77.81
CA ARG D 94 19.48 51.50 -78.91
C ARG D 94 20.60 52.39 -79.47
N VAL D 95 20.43 53.71 -79.46
CA VAL D 95 21.47 54.63 -80.00
C VAL D 95 22.24 55.39 -78.91
N THR D 96 21.58 56.02 -77.95
CA THR D 96 22.32 56.71 -76.84
C THR D 96 23.13 55.76 -75.94
N LYS D 97 22.86 54.45 -76.04
CA LYS D 97 23.61 53.37 -75.35
C LYS D 97 23.31 53.27 -73.85
N GLU D 98 22.52 54.20 -73.33
CA GLU D 98 22.54 54.63 -71.92
C GLU D 98 21.29 54.06 -71.25
N PRO D 99 21.31 53.91 -69.92
CA PRO D 99 20.05 53.59 -69.24
C PRO D 99 19.09 54.77 -69.22
N LEU D 100 17.85 54.48 -69.59
CA LEU D 100 16.77 55.43 -69.50
C LEU D 100 16.41 55.75 -68.03
N CYS D 101 16.56 54.78 -67.13
CA CYS D 101 16.32 54.97 -65.68
C CYS D 101 16.96 53.82 -64.88
N TYR D 102 16.84 53.87 -63.57
CA TYR D 102 17.27 52.77 -62.72
C TYR D 102 16.43 51.52 -62.95
N ALA D 103 17.00 50.40 -62.49
CA ALA D 103 16.51 49.12 -62.85
C ALA D 103 15.82 48.52 -61.65
N PRO D 104 14.47 48.44 -61.67
CA PRO D 104 13.80 47.81 -60.56
C PRO D 104 14.28 46.36 -60.42
N VAL D 105 14.50 45.97 -59.16
CA VAL D 105 15.21 44.76 -58.82
C VAL D 105 14.18 43.69 -58.50
N TRP D 106 14.58 42.43 -58.62
CA TRP D 106 13.64 41.32 -58.46
C TRP D 106 12.61 41.43 -57.37
N ASN D 107 13.02 41.89 -56.17
CA ASN D 107 12.10 41.96 -55.00
C ASN D 107 11.51 43.33 -54.74
N ASP D 108 11.57 44.21 -55.72
CA ASP D 108 10.90 45.50 -55.67
C ASP D 108 9.36 45.33 -55.62
N LEU D 109 8.66 46.11 -54.80
CA LEU D 109 7.18 46.09 -54.67
C LEU D 109 6.51 47.35 -55.29
N ARG D 110 7.13 47.97 -56.30
CA ARG D 110 6.48 49.11 -56.98
C ARG D 110 5.44 48.60 -57.98
N THR D 111 5.56 47.35 -58.39
CA THR D 111 4.69 46.76 -59.35
C THR D 111 3.44 46.15 -58.69
N TYR D 112 3.08 46.63 -57.49
CA TYR D 112 1.91 46.13 -56.75
C TYR D 112 0.59 46.35 -57.54
N ASP D 113 0.36 47.59 -57.98
CA ASP D 113 -0.88 47.93 -58.69
C ASP D 113 -0.99 47.20 -60.02
N ILE D 114 0.04 47.29 -60.85
CA ILE D 114 0.07 46.56 -62.12
C ILE D 114 -0.25 45.07 -61.94
N THR D 115 0.28 44.44 -60.89
CA THR D 115 0.07 43.00 -60.67
C THR D 115 -1.43 42.69 -60.36
N LYS D 116 -2.12 43.64 -59.71
CA LYS D 116 -3.55 43.52 -59.35
C LYS D 116 -4.46 43.70 -60.57
N LYS D 117 -4.22 44.80 -61.28
CA LYS D 117 -4.89 45.15 -62.51
C LYS D 117 -4.73 44.04 -63.55
N VAL D 118 -3.51 43.51 -63.71
CA VAL D 118 -3.24 42.40 -64.64
C VAL D 118 -3.98 41.12 -64.24
N THR D 119 -3.93 40.75 -62.95
CA THR D 119 -4.64 39.56 -62.50
C THR D 119 -6.17 39.74 -62.69
N ALA D 120 -6.69 40.93 -62.39
CA ALA D 120 -8.14 41.19 -62.54
C ALA D 120 -8.50 41.30 -64.06
N GLU D 121 -8.09 42.38 -64.70
CA GLU D 121 -8.44 42.63 -66.12
C GLU D 121 -8.08 41.53 -67.15
N LEU D 122 -7.06 40.71 -66.88
CA LEU D 122 -6.62 39.64 -67.84
C LEU D 122 -6.82 38.17 -67.40
N GLY D 123 -6.65 37.88 -66.11
CA GLY D 123 -6.84 36.52 -65.59
C GLY D 123 -8.19 36.28 -64.89
N GLY D 124 -9.13 37.23 -65.07
CA GLY D 124 -10.44 37.21 -64.38
C GLY D 124 -10.31 36.93 -62.90
N GLY D 125 -9.29 37.54 -62.29
CA GLY D 125 -8.90 37.28 -60.89
C GLY D 125 -8.04 36.06 -60.57
N ASP D 126 -7.85 35.13 -61.52
CA ASP D 126 -6.94 33.97 -61.33
C ASP D 126 -5.44 34.32 -61.58
N SER D 127 -4.63 34.26 -60.51
CA SER D 127 -3.23 34.62 -60.58
C SER D 127 -2.51 33.63 -61.50
N MET D 128 -2.96 32.36 -61.49
CA MET D 128 -2.37 31.32 -62.33
C MET D 128 -2.79 31.35 -63.80
N PHE D 129 -3.48 32.40 -64.27
CA PHE D 129 -4.14 32.33 -65.58
C PHE D 129 -3.16 32.00 -66.72
N ALA D 130 -1.94 32.54 -66.65
CA ALA D 130 -0.98 32.38 -67.73
C ALA D 130 0.00 31.26 -67.48
N SER D 131 -0.26 30.45 -66.45
CA SER D 131 0.75 29.59 -65.88
C SER D 131 1.06 28.33 -66.69
N LYS D 132 0.16 27.93 -67.60
CA LYS D 132 0.50 26.87 -68.52
C LYS D 132 1.36 27.37 -69.69
N ILE D 133 1.35 28.68 -69.96
CA ILE D 133 2.32 29.31 -70.91
C ILE D 133 3.70 29.57 -70.23
N THR D 134 3.70 30.42 -69.19
CA THR D 134 4.95 30.88 -68.54
C THR D 134 5.59 29.81 -67.64
N GLY D 135 4.77 29.27 -66.75
CA GLY D 135 5.19 28.41 -65.65
C GLY D 135 5.09 29.11 -64.31
N LEU D 136 4.44 30.28 -64.26
CA LEU D 136 4.53 31.19 -63.11
C LEU D 136 3.20 31.87 -62.78
N PRO D 137 2.97 32.20 -61.49
CA PRO D 137 1.86 33.10 -61.18
C PRO D 137 2.19 34.54 -61.55
N VAL D 138 1.17 35.38 -61.48
CA VAL D 138 1.35 36.82 -61.66
C VAL D 138 1.78 37.33 -60.30
N SER D 139 2.96 37.93 -60.26
CA SER D 139 3.46 38.59 -59.05
C SER D 139 4.39 39.73 -59.42
N THR D 140 4.78 40.49 -58.38
CA THR D 140 5.62 41.68 -58.51
C THR D 140 7.04 41.35 -59.00
N TYR D 141 7.43 40.09 -58.87
CA TYR D 141 8.79 39.67 -59.08
C TYR D 141 9.17 39.60 -60.57
N PHE D 142 8.23 39.26 -61.44
CA PHE D 142 8.62 38.93 -62.81
C PHE D 142 8.76 40.14 -63.75
N ALA D 143 9.54 39.91 -64.79
CA ALA D 143 10.19 41.00 -65.52
C ALA D 143 9.22 41.92 -66.27
N ALA D 144 8.30 41.33 -67.05
CA ALA D 144 7.18 42.06 -67.76
C ALA D 144 6.41 43.13 -66.94
N PHE D 145 6.11 42.84 -65.69
CA PHE D 145 5.45 43.80 -64.80
C PHE D 145 6.31 45.03 -64.44
N LYS D 146 7.64 44.86 -64.51
CA LYS D 146 8.59 45.97 -64.33
C LYS D 146 8.66 46.78 -65.62
N MET D 147 8.80 46.06 -66.73
CA MET D 147 8.70 46.62 -68.09
C MET D 147 7.48 47.49 -68.20
N ARG D 148 6.36 46.95 -67.75
CA ARG D 148 5.10 47.67 -67.69
C ARG D 148 5.15 48.94 -66.83
N TRP D 149 5.76 48.88 -65.64
CA TRP D 149 5.78 50.04 -64.73
C TRP D 149 6.64 51.17 -65.26
N MET D 150 7.76 50.82 -65.87
CA MET D 150 8.65 51.82 -66.44
C MET D 150 8.02 52.46 -67.69
N LEU D 151 7.37 51.66 -68.55
CA LEU D 151 6.65 52.23 -69.70
C LEU D 151 5.58 53.23 -69.25
N GLU D 152 4.74 52.81 -68.30
CA GLU D 152 3.73 53.69 -67.71
C GLU D 152 4.31 54.92 -66.99
N ASN D 153 5.21 54.71 -66.00
CA ASN D 153 5.63 55.78 -65.07
C ASN D 153 6.91 56.60 -65.33
N VAL D 154 7.64 56.32 -66.41
CA VAL D 154 8.94 56.94 -66.66
C VAL D 154 9.01 57.70 -68.02
N PRO D 155 8.85 59.05 -67.99
CA PRO D 155 8.99 59.89 -69.20
C PRO D 155 9.94 59.38 -70.28
N ALA D 156 11.20 59.11 -69.93
CA ALA D 156 12.18 58.65 -70.92
C ALA D 156 11.84 57.27 -71.54
N VAL D 157 11.23 56.38 -70.75
CA VAL D 157 10.97 55.01 -71.23
C VAL D 157 9.77 54.97 -72.18
N ALA D 158 8.71 55.73 -71.86
CA ALA D 158 7.57 55.96 -72.78
C ALA D 158 8.02 56.53 -74.13
N ASP D 159 8.75 57.64 -74.02
CA ASP D 159 9.36 58.35 -75.15
C ASP D 159 10.15 57.40 -76.03
N ALA D 160 11.11 56.71 -75.44
CA ALA D 160 11.98 55.79 -76.17
C ALA D 160 11.23 54.66 -76.91
N CYS D 161 10.13 54.15 -76.33
CA CYS D 161 9.25 53.17 -77.00
C CYS D 161 8.61 53.77 -78.24
N ARG D 162 7.95 54.91 -78.05
CA ARG D 162 7.38 55.73 -79.15
C ARG D 162 8.30 55.78 -80.38
N ARG D 163 9.59 56.08 -80.13
CA ARG D 163 10.57 56.33 -81.20
C ARG D 163 11.28 55.07 -81.76
N GLY D 164 10.93 53.88 -81.27
CA GLY D 164 11.65 52.65 -81.65
C GLY D 164 13.14 52.59 -81.25
N THR D 165 13.52 53.31 -80.18
CA THR D 165 14.87 53.20 -79.59
C THR D 165 14.94 52.18 -78.45
N LEU D 166 13.78 51.75 -77.94
CA LEU D 166 13.71 51.13 -76.63
C LEU D 166 14.21 49.71 -76.65
N CYS D 167 15.13 49.42 -75.73
CA CYS D 167 15.52 48.07 -75.37
C CYS D 167 15.19 47.78 -73.91
N PHE D 168 14.65 46.58 -73.68
CA PHE D 168 14.48 46.03 -72.34
C PHE D 168 15.37 44.80 -72.26
N GLY D 169 15.79 44.47 -71.05
CA GLY D 169 16.55 43.24 -70.83
C GLY D 169 16.64 42.90 -69.35
N THR D 170 16.74 41.59 -69.06
CA THR D 170 17.18 41.17 -67.74
C THR D 170 18.74 41.41 -67.65
N ILE D 171 19.36 41.16 -66.51
CA ILE D 171 20.74 41.62 -66.30
C ILE D 171 21.70 40.89 -67.23
N ASP D 172 21.40 39.66 -67.65
CA ASP D 172 22.26 38.99 -68.61
C ASP D 172 22.28 39.74 -69.96
N THR D 173 21.09 40.16 -70.42
CA THR D 173 20.91 40.88 -71.69
C THR D 173 21.72 42.20 -71.60
N TRP D 174 21.41 43.05 -70.63
CA TRP D 174 22.18 44.27 -70.33
C TRP D 174 23.71 44.08 -70.29
N LEU D 175 24.18 43.13 -69.48
CA LEU D 175 25.63 42.87 -69.42
C LEU D 175 26.18 42.53 -70.80
N MET D 176 25.46 41.67 -71.51
CA MET D 176 25.93 41.11 -72.80
C MET D 176 25.87 42.17 -73.90
N TYR D 177 24.87 43.05 -73.79
CA TYR D 177 24.76 44.19 -74.65
C TYR D 177 25.96 45.11 -74.46
N LYS D 178 26.17 45.61 -73.25
CA LYS D 178 27.24 46.60 -72.97
C LYS D 178 28.65 46.06 -73.17
N LEU D 179 28.87 44.81 -72.80
CA LEU D 179 30.16 44.11 -73.05
C LEU D 179 30.54 43.99 -74.55
N SER D 180 29.54 43.91 -75.40
CA SER D 180 29.73 43.76 -76.84
C SER D 180 29.82 45.07 -77.62
N GLY D 181 29.65 46.21 -76.94
CA GLY D 181 29.67 47.52 -77.58
C GLY D 181 28.32 47.99 -78.08
N GLY D 182 27.32 47.11 -78.04
CA GLY D 182 26.02 47.34 -78.65
C GLY D 182 25.62 46.25 -79.60
N LYS D 183 26.51 45.31 -79.87
CA LYS D 183 26.35 44.33 -80.94
C LYS D 183 25.32 43.25 -80.65
N ALA D 184 25.57 42.44 -79.62
CA ALA D 184 24.66 41.36 -79.21
C ALA D 184 23.51 41.91 -78.39
N PHE D 185 22.29 41.47 -78.74
CA PHE D 185 21.06 41.75 -77.98
C PHE D 185 20.32 40.43 -77.79
N VAL D 186 20.62 39.77 -76.68
CA VAL D 186 20.27 38.37 -76.49
C VAL D 186 19.97 38.02 -75.05
N THR D 187 19.38 36.85 -74.88
CA THR D 187 19.12 36.28 -73.58
C THR D 187 19.16 34.77 -73.68
N ASP D 188 19.29 34.13 -72.52
CA ASP D 188 19.25 32.68 -72.41
C ASP D 188 17.86 32.27 -71.98
N VAL D 189 17.56 31.00 -72.15
CA VAL D 189 16.26 30.47 -71.81
C VAL D 189 15.93 30.57 -70.33
N THR D 190 16.90 30.27 -69.46
CA THR D 190 16.62 30.33 -68.01
C THR D 190 16.18 31.73 -67.60
N ASN D 191 16.89 32.76 -68.04
CA ASN D 191 16.53 34.14 -67.70
C ASN D 191 15.21 34.54 -68.32
N ALA D 192 15.01 34.05 -69.55
CA ALA D 192 13.83 34.33 -70.34
C ALA D 192 12.64 33.73 -69.67
N SER D 193 12.82 32.54 -69.14
CA SER D 193 11.74 31.89 -68.37
C SER D 193 11.18 32.72 -67.23
N ARG D 194 11.83 33.82 -66.85
CA ARG D 194 11.40 34.67 -65.75
C ARG D 194 10.75 35.96 -66.20
N THR D 195 10.56 36.16 -67.50
CA THR D 195 9.97 37.43 -68.01
C THR D 195 8.48 37.57 -67.75
N PHE D 196 7.78 36.43 -67.83
CA PHE D 196 6.33 36.33 -67.94
C PHE D 196 5.91 36.58 -69.41
N LEU D 197 6.85 36.42 -70.33
CA LEU D 197 6.60 36.57 -71.76
C LEU D 197 7.03 35.37 -72.56
N MET D 198 7.65 34.37 -71.94
CA MET D 198 8.18 33.24 -72.67
C MET D 198 7.30 32.01 -72.47
N ASP D 199 7.20 31.18 -73.52
CA ASP D 199 6.52 29.89 -73.44
C ASP D 199 7.48 28.83 -72.94
N LEU D 200 7.11 28.16 -71.86
CA LEU D 200 8.00 27.24 -71.17
C LEU D 200 8.39 26.03 -72.01
N ARG D 201 7.39 25.38 -72.62
CA ARG D 201 7.60 24.18 -73.45
C ARG D 201 8.36 24.44 -74.77
N THR D 202 8.03 25.52 -75.47
CA THR D 202 8.65 25.83 -76.76
C THR D 202 9.92 26.69 -76.68
N ARG D 203 10.15 27.34 -75.53
CA ARG D 203 11.24 28.32 -75.32
C ARG D 203 11.22 29.46 -76.34
N LYS D 204 10.02 29.97 -76.59
CA LYS D 204 9.77 31.06 -77.54
C LYS D 204 8.95 32.14 -76.87
N TRP D 205 9.08 33.38 -77.33
CA TRP D 205 8.20 34.45 -76.83
C TRP D 205 6.77 34.11 -77.18
N SER D 206 5.85 34.37 -76.24
CA SER D 206 4.41 34.36 -76.51
C SER D 206 3.95 35.73 -77.03
N PRO D 207 3.48 35.80 -78.30
CA PRO D 207 2.90 37.07 -78.82
C PRO D 207 1.56 37.48 -78.17
N GLU D 208 0.81 36.52 -77.64
CA GLU D 208 -0.46 36.86 -76.99
C GLU D 208 -0.13 37.76 -75.83
N LEU D 209 0.67 37.23 -74.91
CA LEU D 209 0.98 37.92 -73.65
C LEU D 209 1.67 39.26 -73.85
N CYS D 210 2.70 39.29 -74.70
CA CYS D 210 3.37 40.55 -75.02
C CYS D 210 2.30 41.57 -75.38
N GLU D 211 1.40 41.17 -76.31
CA GLU D 211 0.29 42.01 -76.77
C GLU D 211 -0.78 42.28 -75.68
N LYS D 212 -1.29 41.22 -75.04
CA LYS D 212 -2.15 41.34 -73.82
C LYS D 212 -1.57 42.23 -72.70
N LEU D 213 -0.24 42.27 -72.58
CA LEU D 213 0.45 43.08 -71.55
C LEU D 213 1.06 44.39 -72.07
N LYS D 214 1.00 44.62 -73.38
CA LYS D 214 1.38 45.91 -73.98
C LYS D 214 2.91 46.15 -73.99
N ILE D 215 3.61 45.17 -74.57
CA ILE D 215 5.04 45.16 -74.70
C ILE D 215 5.38 44.92 -76.17
N PRO D 216 5.80 45.99 -76.87
CA PRO D 216 6.26 45.86 -78.24
C PRO D 216 7.36 44.84 -78.37
N MET D 217 7.14 43.77 -79.13
CA MET D 217 8.16 42.73 -79.27
C MET D 217 9.54 43.17 -79.86
N GLU D 218 9.63 44.36 -80.45
CA GLU D 218 10.93 44.94 -80.90
C GLU D 218 11.87 45.25 -79.72
N THR D 219 11.30 45.55 -78.53
CA THR D 219 12.06 45.79 -77.27
C THR D 219 12.75 44.55 -76.70
N LEU D 220 12.28 43.36 -77.05
CA LEU D 220 12.82 42.10 -76.52
C LEU D 220 14.02 41.61 -77.30
N PRO D 221 14.97 40.96 -76.64
CA PRO D 221 16.05 40.28 -77.35
C PRO D 221 15.67 38.92 -77.90
N GLU D 222 16.62 38.35 -78.63
CA GLU D 222 16.54 36.99 -79.12
C GLU D 222 16.89 36.01 -78.00
N ILE D 223 16.06 35.00 -77.86
CA ILE D 223 16.30 33.92 -76.96
C ILE D 223 17.33 32.96 -77.56
N ARG D 224 18.19 32.40 -76.69
CA ARG D 224 19.08 31.32 -77.08
C ARG D 224 19.19 30.27 -75.97
N SER D 225 20.03 29.26 -76.16
CA SER D 225 20.29 28.32 -75.09
C SER D 225 21.27 28.95 -74.00
N ASN D 226 21.74 28.15 -73.07
CA ASN D 226 22.66 28.63 -72.07
C ASN D 226 24.14 28.52 -72.47
N SER D 227 24.40 27.82 -73.60
CA SER D 227 25.73 27.34 -73.94
C SER D 227 26.05 27.37 -75.44
N GLU D 228 26.54 28.53 -75.90
CA GLU D 228 26.71 28.85 -77.33
C GLU D 228 27.21 30.30 -77.54
N LEU D 229 27.73 30.60 -78.72
CA LEU D 229 28.17 31.96 -79.08
C LEU D 229 27.05 32.99 -78.88
N PHE D 230 27.24 33.89 -77.91
CA PHE D 230 26.35 35.04 -77.70
C PHE D 230 26.86 36.36 -78.30
N GLY D 231 28.18 36.51 -78.37
CA GLY D 231 28.81 37.78 -78.63
C GLY D 231 30.29 37.71 -78.32
N TYR D 232 30.95 38.84 -78.45
CA TYR D 232 32.33 38.96 -78.05
C TYR D 232 32.43 40.11 -77.06
N VAL D 233 33.38 40.02 -76.14
CA VAL D 233 33.70 41.17 -75.30
C VAL D 233 34.59 42.09 -76.12
N GLU D 234 34.04 43.25 -76.48
CA GLU D 234 34.81 44.25 -77.16
C GLU D 234 34.64 45.67 -76.63
N THR D 235 34.14 45.84 -75.39
CA THR D 235 34.12 47.18 -74.79
C THR D 235 35.50 47.54 -74.26
N ASP D 236 35.67 48.81 -73.98
CA ASP D 236 36.87 49.28 -73.34
C ASP D 236 36.47 50.17 -72.17
N GLU D 237 35.64 49.64 -71.28
CA GLU D 237 35.24 50.36 -70.07
C GLU D 237 36.47 50.41 -69.13
N CYS D 238 36.66 49.49 -68.19
CA CYS D 238 37.79 49.63 -67.26
C CYS D 238 38.99 48.88 -67.79
N GLY D 239 39.39 49.26 -69.01
CA GLY D 239 40.42 48.59 -69.80
C GLY D 239 40.18 47.13 -70.12
N VAL D 240 38.91 46.71 -70.17
CA VAL D 240 38.58 45.28 -70.07
C VAL D 240 39.00 44.41 -71.28
N ALA D 241 38.70 44.86 -72.51
CA ALA D 241 39.13 44.12 -73.73
C ALA D 241 40.65 44.15 -73.87
N ALA D 242 41.27 45.27 -73.49
CA ALA D 242 42.72 45.42 -73.38
C ALA D 242 43.32 44.35 -72.45
N ALA D 243 42.73 44.21 -71.26
CA ALA D 243 43.19 43.21 -70.26
C ALA D 243 42.95 41.73 -70.67
N LEU D 244 41.90 41.47 -71.46
CA LEU D 244 41.65 40.14 -72.05
C LEU D 244 42.63 39.74 -73.14
N ASN D 245 43.13 40.72 -73.89
CA ASN D 245 44.19 40.53 -74.90
C ASN D 245 43.64 39.97 -76.23
N GLU D 246 43.09 38.75 -76.24
CA GLU D 246 42.42 38.17 -77.43
C GLU D 246 40.96 38.60 -77.46
N ARG D 247 40.35 38.52 -78.65
CA ARG D 247 38.91 38.71 -78.78
C ARG D 247 38.24 37.54 -78.05
N THR D 248 37.66 37.83 -76.89
CA THR D 248 37.11 36.82 -75.99
C THR D 248 35.58 36.69 -76.19
N PRO D 249 35.12 35.49 -76.56
CA PRO D 249 33.68 35.27 -76.74
C PRO D 249 32.92 35.14 -75.42
N ILE D 250 31.67 35.61 -75.42
CA ILE D 250 30.73 35.28 -74.37
C ILE D 250 29.98 34.02 -74.85
N MET D 251 30.15 32.92 -74.13
CA MET D 251 29.53 31.66 -74.50
C MET D 251 28.74 30.92 -73.37
N GLY D 252 28.44 31.63 -72.28
CA GLY D 252 27.67 31.11 -71.15
C GLY D 252 26.72 32.20 -70.73
N SER D 253 25.46 31.86 -70.47
CA SER D 253 24.54 32.79 -69.86
C SER D 253 23.46 31.99 -69.18
N ILE D 254 23.18 32.29 -67.92
CA ILE D 254 22.31 31.45 -67.10
C ILE D 254 21.96 32.16 -65.80
N GLY D 255 20.67 32.27 -65.51
CA GLY D 255 20.16 32.84 -64.25
C GLY D 255 20.79 32.22 -63.03
N ASP D 256 20.81 32.97 -61.92
CA ASP D 256 21.69 32.58 -60.80
C ASP D 256 21.27 31.25 -60.17
N GLN D 257 19.98 31.09 -59.89
CA GLN D 257 19.53 29.88 -59.20
C GLN D 257 19.75 28.63 -60.07
N GLN D 258 19.49 28.72 -61.36
CA GLN D 258 19.78 27.61 -62.26
C GLN D 258 21.25 27.40 -62.45
N SER D 259 22.04 28.47 -62.38
CA SER D 259 23.49 28.30 -62.42
C SER D 259 23.98 27.54 -61.22
N ALA D 260 23.34 27.71 -60.08
CA ALA D 260 23.68 26.87 -58.92
C ALA D 260 23.29 25.40 -59.20
N LEU D 261 22.11 25.17 -59.81
CA LEU D 261 21.69 23.82 -60.21
C LEU D 261 22.74 23.13 -61.15
N PHE D 262 23.02 23.78 -62.27
CA PHE D 262 24.05 23.27 -63.18
C PHE D 262 25.37 23.13 -62.50
N GLY D 263 25.74 24.13 -61.70
CA GLY D 263 27.01 24.12 -61.01
C GLY D 263 27.19 22.99 -60.03
N ASN D 264 26.08 22.44 -59.55
CA ASN D 264 26.12 21.33 -58.58
C ASN D 264 25.94 19.95 -59.22
N MET D 265 26.11 19.84 -60.54
CA MET D 265 25.96 18.57 -61.24
C MET D 265 24.56 17.98 -60.97
N CYS D 266 23.53 18.79 -61.13
CA CYS D 266 22.16 18.32 -60.92
C CYS D 266 21.55 18.12 -62.30
N PHE D 267 22.14 17.15 -63.01
CA PHE D 267 21.87 16.90 -64.44
C PHE D 267 20.74 15.90 -64.67
N GLU D 268 20.57 14.94 -63.75
CA GLU D 268 19.49 13.92 -63.81
C GLU D 268 18.26 14.40 -63.05
N LYS D 269 17.07 14.27 -63.64
CA LYS D 269 15.81 14.46 -62.91
C LYS D 269 15.83 13.79 -61.55
N GLY D 270 15.27 14.46 -60.54
CA GLY D 270 15.32 13.99 -59.15
C GLY D 270 16.36 14.71 -58.28
N GLU D 271 17.44 15.15 -58.92
CA GLU D 271 18.54 15.84 -58.27
C GLU D 271 18.13 17.31 -58.07
N ALA D 272 18.36 17.79 -56.86
CA ALA D 272 17.88 19.12 -56.49
C ALA D 272 18.96 19.87 -55.74
N LYS D 273 18.78 21.19 -55.68
CA LYS D 273 19.73 22.05 -55.00
C LYS D 273 19.01 23.11 -54.17
N ASN D 274 19.60 23.45 -53.04
CA ASN D 274 19.09 24.54 -52.21
C ASN D 274 20.19 25.56 -51.97
N THR D 275 19.92 26.84 -52.23
CA THR D 275 20.90 27.88 -51.96
C THR D 275 20.40 28.72 -50.83
N TYR D 276 21.12 28.61 -49.71
CA TYR D 276 20.87 29.39 -48.51
C TYR D 276 21.60 30.72 -48.67
N GLY D 277 20.90 31.80 -48.40
CA GLY D 277 21.55 33.09 -48.10
C GLY D 277 20.62 33.81 -47.17
N THR D 278 20.22 35.02 -47.56
CA THR D 278 19.16 35.79 -46.90
C THR D 278 17.87 34.95 -46.82
N GLY D 279 17.57 34.34 -47.96
CA GLY D 279 16.54 33.36 -48.07
C GLY D 279 17.12 32.08 -48.61
N CYS D 280 16.26 31.37 -49.32
CA CYS D 280 16.46 30.02 -49.80
C CYS D 280 15.73 29.99 -51.13
N PHE D 281 16.38 29.43 -52.15
CA PHE D 281 15.68 28.96 -53.35
C PHE D 281 16.02 27.52 -53.46
N LEU D 282 14.98 26.72 -53.67
CA LEU D 282 15.14 25.29 -53.95
C LEU D 282 14.74 25.09 -55.39
N LEU D 283 15.58 24.39 -56.14
CA LEU D 283 15.23 23.91 -57.48
C LEU D 283 15.57 22.44 -57.60
N MET D 284 14.60 21.71 -58.12
CA MET D 284 14.74 20.30 -58.47
C MET D 284 14.67 20.17 -60.00
N ASN D 285 15.57 19.37 -60.55
CA ASN D 285 15.50 18.97 -61.93
C ASN D 285 14.35 17.97 -62.05
N VAL D 286 13.38 18.30 -62.91
CA VAL D 286 12.20 17.41 -63.15
C VAL D 286 12.37 16.49 -64.36
N GLY D 287 13.07 16.95 -65.41
CA GLY D 287 13.50 16.13 -66.55
C GLY D 287 13.29 16.86 -67.86
N GLU D 288 13.08 16.13 -68.95
CA GLU D 288 12.84 16.73 -70.28
C GLU D 288 11.38 17.22 -70.50
N GLU D 289 10.42 16.68 -69.76
N GLU D 289 10.48 16.74 -69.65
CA GLU D 289 9.04 17.22 -69.80
CA GLU D 289 9.05 17.09 -69.68
C GLU D 289 8.86 18.16 -68.62
C GLU D 289 8.82 18.15 -68.59
N ALA D 290 8.42 19.37 -68.97
CA ALA D 290 8.05 20.40 -68.02
C ALA D 290 6.90 19.97 -67.13
N ARG D 291 7.02 20.20 -65.81
CA ARG D 291 5.96 19.94 -64.80
C ARG D 291 5.37 21.23 -64.28
N PHE D 292 4.09 21.21 -63.93
CA PHE D 292 3.35 22.38 -63.47
C PHE D 292 2.80 22.16 -62.07
N SER D 293 2.42 23.25 -61.40
CA SER D 293 2.25 23.22 -59.95
C SER D 293 0.85 23.52 -59.47
N LYS D 294 0.34 22.54 -58.72
CA LYS D 294 -0.92 22.60 -57.99
C LYS D 294 -0.74 23.41 -56.69
N HIS D 295 0.53 23.58 -56.28
CA HIS D 295 0.89 24.18 -54.98
C HIS D 295 1.44 25.62 -55.07
N GLY D 296 1.31 26.28 -56.21
CA GLY D 296 1.82 27.65 -56.35
C GLY D 296 3.30 27.85 -56.68
N LEU D 297 4.13 26.82 -56.45
CA LEU D 297 5.53 26.76 -56.90
C LEU D 297 5.75 27.19 -58.35
N LEU D 298 7.01 27.38 -58.74
CA LEU D 298 7.31 27.83 -60.09
C LEU D 298 7.81 26.69 -60.96
N SER D 299 7.39 26.71 -62.22
CA SER D 299 8.00 25.88 -63.24
C SER D 299 8.85 26.80 -64.09
N THR D 300 10.05 26.34 -64.39
CA THR D 300 11.05 27.21 -64.99
C THR D 300 12.00 26.33 -65.81
N VAL D 301 12.94 26.95 -66.50
CA VAL D 301 13.92 26.20 -67.29
C VAL D 301 15.11 25.86 -66.39
N GLY D 302 15.44 24.58 -66.29
CA GLY D 302 16.59 24.13 -65.57
C GLY D 302 17.85 24.56 -66.32
N PHE D 303 18.03 24.00 -67.51
CA PHE D 303 19.16 24.36 -68.38
C PHE D 303 19.06 23.65 -69.73
N GLN D 304 19.56 24.28 -70.78
CA GLN D 304 19.64 23.73 -72.10
C GLN D 304 21.05 23.98 -72.61
N VAL D 305 21.89 22.96 -72.56
CA VAL D 305 23.24 23.03 -73.18
C VAL D 305 23.19 23.06 -74.74
N GLY D 306 23.36 24.24 -75.35
CA GLY D 306 23.64 24.31 -76.80
C GLY D 306 22.40 24.56 -77.63
N ARG D 307 22.57 25.04 -78.87
CA ARG D 307 21.44 25.28 -79.76
C ARG D 307 20.65 23.98 -79.92
N ASP D 308 19.48 23.94 -79.30
CA ASP D 308 18.62 22.77 -79.24
C ASP D 308 19.36 21.45 -78.88
N GLY D 309 20.15 21.51 -77.82
CA GLY D 309 20.46 20.35 -77.00
C GLY D 309 19.24 20.02 -76.14
N PRO D 310 19.32 18.92 -75.38
CA PRO D 310 18.18 18.64 -74.52
C PRO D 310 17.92 19.80 -73.52
N CYS D 311 16.68 20.30 -73.50
CA CYS D 311 16.25 21.23 -72.46
C CYS D 311 15.61 20.49 -71.31
N TYR D 312 16.28 20.54 -70.14
CA TYR D 312 15.75 20.07 -68.85
C TYR D 312 14.98 21.20 -68.10
N TYR D 313 13.92 20.83 -67.41
CA TYR D 313 13.00 21.78 -66.75
C TYR D 313 13.15 21.65 -65.27
N ALA D 314 12.58 22.60 -64.52
CA ALA D 314 12.64 22.47 -63.09
C ALA D 314 11.42 23.00 -62.37
N LEU D 315 11.29 22.55 -61.12
CA LEU D 315 10.41 23.20 -60.17
C LEU D 315 11.23 24.03 -59.18
N GLU D 316 10.65 25.18 -58.81
CA GLU D 316 11.31 26.15 -57.93
C GLU D 316 10.38 26.68 -56.85
N GLY D 317 10.92 26.70 -55.64
CA GLY D 317 10.30 27.35 -54.50
C GLY D 317 11.31 28.05 -53.64
N ALA D 318 10.80 29.00 -52.87
CA ALA D 318 11.58 29.93 -52.07
C ALA D 318 11.19 29.91 -50.57
N ILE D 319 12.15 30.17 -49.69
CA ILE D 319 11.86 30.73 -48.34
C ILE D 319 12.48 32.14 -48.27
N ALA D 320 11.71 33.12 -47.79
CA ALA D 320 12.20 34.53 -47.71
C ALA D 320 13.27 34.77 -46.60
N CYS D 321 13.02 34.24 -45.40
CA CYS D 321 13.86 34.53 -44.25
C CYS D 321 14.51 33.24 -43.74
N ALA D 322 15.62 32.88 -44.39
CA ALA D 322 16.50 31.81 -44.01
C ALA D 322 17.69 32.38 -43.22
N GLY D 323 18.82 32.68 -43.86
CA GLY D 323 19.97 33.36 -43.19
C GLY D 323 19.68 34.74 -42.62
N ALA D 324 18.67 35.42 -43.12
CA ALA D 324 18.23 36.65 -42.46
C ALA D 324 17.75 36.36 -41.04
N THR D 325 17.02 35.24 -40.83
CA THR D 325 16.49 34.86 -39.51
C THR D 325 17.61 34.71 -38.50
N VAL D 326 18.70 34.10 -38.91
CA VAL D 326 19.83 33.91 -38.01
C VAL D 326 20.45 35.26 -37.72
N GLU D 327 20.64 36.07 -38.73
CA GLU D 327 21.28 37.34 -38.51
C GLU D 327 20.36 38.23 -37.65
N TRP D 328 19.06 38.06 -37.82
CA TRP D 328 18.07 38.76 -37.04
C TRP D 328 18.15 38.41 -35.55
N MET D 329 18.33 37.13 -35.23
CA MET D 329 18.37 36.72 -33.83
C MET D 329 19.52 37.40 -33.12
N ARG D 330 20.60 37.61 -33.88
CA ARG D 330 21.83 38.19 -33.38
C ARG D 330 21.77 39.68 -33.37
N ARG D 331 21.65 40.30 -34.54
CA ARG D 331 21.76 41.74 -34.61
C ARG D 331 20.50 42.44 -34.05
N ASN D 332 19.31 41.88 -34.25
CA ASN D 332 18.09 42.51 -33.71
C ASN D 332 17.74 42.11 -32.29
N MET D 333 18.02 40.87 -31.92
CA MET D 333 17.50 40.34 -30.68
C MET D 333 18.54 40.12 -29.63
N ASN D 334 19.81 40.22 -30.01
CA ASN D 334 20.91 39.94 -29.08
C ASN D 334 20.93 38.54 -28.52
N LEU D 335 20.37 37.56 -29.23
CA LEU D 335 20.37 36.18 -28.77
C LEU D 335 21.74 35.49 -28.79
N PHE D 336 22.66 35.93 -29.60
CA PHE D 336 24.05 35.51 -29.49
C PHE D 336 24.84 36.62 -30.17
N SER D 337 26.18 36.58 -30.14
CA SER D 337 26.96 37.60 -30.87
C SER D 337 27.86 37.10 -31.98
N HIS D 338 28.42 35.90 -31.89
CA HIS D 338 29.32 35.39 -32.94
C HIS D 338 28.65 34.23 -33.67
N ILE D 339 28.63 34.26 -35.01
CA ILE D 339 27.90 33.24 -35.84
C ILE D 339 28.02 31.79 -35.37
N THR D 340 29.19 31.41 -34.85
CA THR D 340 29.42 30.05 -34.38
C THR D 340 28.62 29.72 -33.14
N GLU D 341 28.36 30.71 -32.28
CA GLU D 341 27.52 30.54 -31.07
C GLU D 341 26.10 30.07 -31.42
N CYS D 342 25.56 30.54 -32.54
CA CYS D 342 24.24 30.16 -33.00
C CYS D 342 24.11 28.64 -33.00
N GLU D 343 24.94 27.98 -33.80
CA GLU D 343 24.99 26.52 -33.83
C GLU D 343 25.23 25.93 -32.43
N LYS D 344 26.25 26.42 -31.73
CA LYS D 344 26.53 25.89 -30.40
C LYS D 344 25.34 25.96 -29.42
N LEU D 345 24.64 27.11 -29.39
CA LEU D 345 23.43 27.22 -28.56
C LEU D 345 22.33 26.16 -28.92
N ALA D 346 22.10 25.97 -30.20
CA ALA D 346 21.05 25.03 -30.60
C ALA D 346 21.41 23.58 -30.26
N ARG D 347 22.71 23.28 -30.29
CA ARG D 347 23.24 21.97 -29.86
C ARG D 347 23.15 21.80 -28.35
N SER D 348 23.40 22.84 -27.58
CA SER D 348 23.32 22.74 -26.10
C SER D 348 21.97 22.28 -25.51
N VAL D 349 20.93 22.10 -26.32
CA VAL D 349 19.65 21.57 -25.85
C VAL D 349 19.20 20.43 -26.76
N PRO D 350 18.41 19.49 -26.21
CA PRO D 350 17.94 18.32 -26.97
C PRO D 350 16.80 18.58 -27.98
N GLY D 351 15.96 19.57 -27.72
CA GLY D 351 14.85 19.85 -28.65
C GLY D 351 14.29 21.23 -28.37
N THR D 352 13.17 21.54 -28.98
CA THR D 352 12.56 22.83 -28.82
C THR D 352 11.61 22.82 -27.63
N GLN D 353 11.29 21.62 -27.13
CA GLN D 353 10.65 21.43 -25.83
C GLN D 353 9.32 22.17 -25.74
N GLY D 354 8.45 21.91 -26.71
CA GLY D 354 7.16 22.57 -26.78
C GLY D 354 7.08 23.70 -27.81
N ILE D 355 8.13 24.51 -27.94
CA ILE D 355 8.02 25.77 -28.71
C ILE D 355 8.22 25.54 -30.21
N VAL D 356 7.41 26.24 -31.00
CA VAL D 356 7.66 26.48 -32.41
C VAL D 356 7.88 27.99 -32.67
N PHE D 357 8.86 28.30 -33.49
CA PHE D 357 9.12 29.67 -33.96
C PHE D 357 8.94 29.60 -35.46
N VAL D 358 7.99 30.34 -35.99
CA VAL D 358 7.77 30.42 -37.43
C VAL D 358 8.28 31.76 -37.92
N PRO D 359 9.44 31.78 -38.58
CA PRO D 359 10.08 33.05 -38.90
C PRO D 359 9.59 33.63 -40.23
N ALA D 360 8.27 33.81 -40.34
CA ALA D 360 7.60 34.40 -41.51
C ALA D 360 7.58 35.90 -41.42
N PHE D 361 8.72 36.47 -41.14
CA PHE D 361 8.84 37.88 -40.90
C PHE D 361 8.26 38.73 -42.01
N SER D 362 8.26 38.22 -43.24
CA SER D 362 7.70 38.97 -44.39
C SER D 362 6.65 38.17 -45.13
N GLY D 363 5.98 37.26 -44.42
CA GLY D 363 4.95 36.44 -44.98
C GLY D 363 5.52 35.09 -45.27
N LEU D 364 4.62 34.18 -45.63
CA LEU D 364 4.96 32.78 -45.96
C LEU D 364 4.97 32.69 -47.49
N LEU D 365 6.07 32.13 -48.02
CA LEU D 365 6.21 31.81 -49.45
C LEU D 365 5.91 30.32 -49.66
N ALA D 366 6.90 29.51 -50.13
CA ALA D 366 6.87 28.05 -49.95
C ALA D 366 5.56 27.47 -50.56
N PRO D 367 4.97 26.36 -50.03
CA PRO D 367 3.70 25.96 -50.65
C PRO D 367 2.46 26.76 -50.27
N TYR D 368 2.55 27.69 -49.34
CA TYR D 368 1.37 28.35 -48.77
C TYR D 368 1.61 29.85 -48.84
N TRP D 369 1.05 30.54 -49.83
CA TRP D 369 1.44 31.95 -50.07
C TRP D 369 0.62 32.93 -49.25
N ASP D 370 1.01 33.14 -48.01
CA ASP D 370 0.25 33.94 -47.06
C ASP D 370 1.11 35.16 -46.72
N PRO D 371 0.77 36.34 -47.26
CA PRO D 371 1.57 37.52 -46.93
C PRO D 371 1.08 38.19 -45.65
N SER D 372 -0.03 37.71 -45.08
CA SER D 372 -0.46 38.18 -43.78
C SER D 372 0.30 37.53 -42.64
N ALA D 373 1.07 36.48 -42.93
CA ALA D 373 1.80 35.75 -41.92
C ALA D 373 2.99 36.57 -41.45
N ARG D 374 3.20 36.57 -40.15
CA ARG D 374 4.31 37.31 -39.55
C ARG D 374 5.12 36.38 -38.68
N GLY D 375 6.20 36.91 -38.13
CA GLY D 375 7.08 36.15 -37.23
C GLY D 375 6.37 35.86 -35.92
N THR D 376 6.38 34.60 -35.50
CA THR D 376 5.59 34.16 -34.38
C THR D 376 6.27 33.08 -33.55
N ILE D 377 6.09 33.12 -32.26
CA ILE D 377 6.65 32.10 -31.39
C ILE D 377 5.52 31.64 -30.47
N VAL D 378 5.30 30.33 -30.42
CA VAL D 378 4.22 29.76 -29.60
C VAL D 378 4.80 28.73 -28.62
N GLY D 379 4.08 28.53 -27.51
CA GLY D 379 4.34 27.42 -26.60
C GLY D 379 5.43 27.62 -25.59
N MET D 380 5.82 28.87 -25.34
CA MET D 380 6.92 29.14 -24.44
C MET D 380 6.51 28.92 -22.97
N THR D 381 7.48 28.58 -22.13
CA THR D 381 7.33 28.52 -20.70
C THR D 381 8.55 29.17 -20.09
N LEU D 382 8.55 29.28 -18.77
CA LEU D 382 9.67 29.87 -18.06
C LEU D 382 10.95 29.07 -18.21
N LYS D 383 10.84 27.84 -18.71
CA LYS D 383 12.01 27.01 -19.07
C LYS D 383 12.64 27.33 -20.45
N THR D 384 11.88 27.95 -21.37
CA THR D 384 12.42 28.42 -22.64
C THR D 384 13.62 29.40 -22.50
N THR D 385 14.76 29.02 -23.08
CA THR D 385 15.87 29.96 -23.33
C THR D 385 16.03 30.28 -24.83
N ARG D 386 16.91 31.23 -25.10
CA ARG D 386 17.41 31.53 -26.46
C ARG D 386 17.99 30.33 -27.19
N ALA D 387 18.51 29.33 -26.46
CA ALA D 387 18.98 28.07 -27.05
C ALA D 387 17.83 27.34 -27.80
N HIS D 388 16.68 27.23 -27.16
CA HIS D 388 15.52 26.63 -27.76
C HIS D 388 14.96 27.46 -28.88
N VAL D 389 15.04 28.79 -28.77
CA VAL D 389 14.49 29.66 -29.79
C VAL D 389 15.39 29.55 -31.02
N ILE D 390 16.70 29.57 -30.78
CA ILE D 390 17.67 29.42 -31.85
C ILE D 390 17.46 28.10 -32.54
N ARG D 391 17.30 27.03 -31.76
CA ARG D 391 17.09 25.70 -32.35
C ARG D 391 15.79 25.62 -33.16
N ALA D 392 14.74 26.23 -32.64
CA ALA D 392 13.44 26.27 -33.29
C ALA D 392 13.42 27.08 -34.57
N ALA D 393 14.31 28.06 -34.70
CA ALA D 393 14.48 28.79 -35.94
C ALA D 393 15.04 27.88 -37.04
N LEU D 394 16.10 27.15 -36.70
CA LEU D 394 16.70 26.18 -37.61
C LEU D 394 15.69 25.11 -38.04
N GLN D 395 14.92 24.56 -37.10
CA GLN D 395 13.92 23.53 -37.43
C GLN D 395 12.87 24.06 -38.37
N ALA D 396 12.45 25.30 -38.13
CA ALA D 396 11.46 25.97 -38.98
C ALA D 396 11.95 26.16 -40.43
N ILE D 397 13.24 26.44 -40.61
CA ILE D 397 13.74 26.54 -41.99
C ILE D 397 13.65 25.17 -42.66
N ALA D 398 14.17 24.16 -41.97
CA ALA D 398 14.16 22.80 -42.45
C ALA D 398 12.72 22.28 -42.69
N LEU D 399 11.80 22.72 -41.85
CA LEU D 399 10.39 22.39 -41.99
C LEU D 399 9.70 23.08 -43.16
N GLN D 400 10.15 24.27 -43.57
CA GLN D 400 9.57 24.90 -44.77
C GLN D 400 10.07 24.20 -45.99
N LEU D 401 11.35 23.84 -45.99
CA LEU D 401 11.93 23.12 -47.13
C LEU D 401 11.27 21.77 -47.33
N ASN D 402 10.91 21.15 -46.22
CA ASN D 402 10.17 19.91 -46.23
C ASN D 402 8.81 20.03 -46.87
N ASP D 403 8.07 21.05 -46.49
CA ASP D 403 6.78 21.33 -47.08
C ASP D 403 6.96 21.62 -48.57
N VAL D 404 7.99 22.41 -48.92
CA VAL D 404 8.30 22.74 -50.31
C VAL D 404 8.60 21.52 -51.16
N VAL D 405 9.48 20.68 -50.65
CA VAL D 405 9.95 19.47 -51.34
C VAL D 405 8.80 18.44 -51.47
N GLY D 406 7.94 18.34 -50.45
CA GLY D 406 6.73 17.52 -50.50
C GLY D 406 5.85 17.91 -51.67
N SER D 407 5.67 19.21 -51.89
CA SER D 407 4.94 19.75 -53.06
C SER D 407 5.61 19.40 -54.37
N MET D 408 6.93 19.47 -54.42
CA MET D 408 7.63 19.15 -55.66
C MET D 408 7.48 17.67 -56.02
N LYS D 409 7.66 16.77 -55.05
CA LYS D 409 7.40 15.35 -55.25
C LYS D 409 6.03 15.07 -55.93
N ARG D 410 4.96 15.72 -55.47
CA ARG D 410 3.62 15.54 -56.03
C ARG D 410 3.43 16.15 -57.42
N ASP D 411 3.92 17.37 -57.64
CA ASP D 411 3.90 18.00 -58.96
C ASP D 411 4.79 17.23 -59.95
N ALA D 412 5.99 16.88 -59.51
CA ALA D 412 7.01 16.31 -60.40
C ALA D 412 6.87 14.82 -60.63
N GLY D 413 6.06 14.16 -59.80
CA GLY D 413 5.85 12.73 -59.88
C GLY D 413 7.12 11.91 -59.79
N LEU D 414 8.02 12.27 -58.89
CA LEU D 414 9.18 11.41 -58.57
C LEU D 414 9.86 11.89 -57.31
N ASN D 415 10.80 11.08 -56.81
CA ASN D 415 11.44 11.41 -55.54
C ASN D 415 12.56 12.44 -55.62
N LEU D 416 13.02 12.81 -54.45
CA LEU D 416 14.22 13.57 -54.29
C LEU D 416 15.29 12.51 -54.11
N SER D 417 16.19 12.41 -55.09
CA SER D 417 17.34 11.54 -55.00
C SER D 417 18.28 12.11 -53.93
N SER D 418 18.94 13.23 -54.26
CA SER D 418 19.89 13.93 -53.39
C SER D 418 19.50 15.40 -53.34
N LEU D 419 20.01 16.09 -52.31
CA LEU D 419 19.86 17.54 -52.16
C LEU D 419 21.24 18.16 -51.92
N ARG D 420 21.68 18.99 -52.87
CA ARG D 420 22.92 19.73 -52.75
C ARG D 420 22.56 21.03 -52.07
N VAL D 421 23.49 21.52 -51.27
CA VAL D 421 23.28 22.71 -50.49
C VAL D 421 24.54 23.56 -50.46
N ASP D 422 24.37 24.86 -50.66
CA ASP D 422 25.46 25.85 -50.59
C ASP D 422 24.95 27.14 -49.92
N GLY D 423 25.88 27.98 -49.49
CA GLY D 423 25.56 29.27 -48.88
C GLY D 423 25.88 29.33 -47.41
N GLY D 424 25.70 30.52 -46.82
CA GLY D 424 26.00 30.76 -45.41
C GLY D 424 25.54 29.64 -44.49
N LEU D 425 24.24 29.35 -44.50
CA LEU D 425 23.63 28.38 -43.59
C LEU D 425 24.00 26.89 -43.81
N SER D 426 24.60 26.55 -44.94
CA SER D 426 25.04 25.15 -45.17
C SER D 426 26.37 24.79 -44.44
N LYS D 427 27.04 25.78 -43.84
CA LYS D 427 28.17 25.53 -42.96
C LYS D 427 27.66 25.15 -41.57
N ASN D 428 26.38 25.38 -41.28
CA ASN D 428 25.74 24.96 -40.03
C ASN D 428 25.41 23.46 -40.14
N GLY D 429 26.15 22.65 -39.39
CA GLY D 429 26.04 21.20 -39.39
C GLY D 429 24.71 20.73 -38.85
N LEU D 430 24.26 21.33 -37.74
CA LEU D 430 22.98 20.96 -37.15
C LEU D 430 21.80 21.13 -38.13
N LEU D 431 21.77 22.27 -38.85
CA LEU D 431 20.67 22.53 -39.80
C LEU D 431 20.60 21.49 -40.90
N MET D 432 21.76 21.20 -41.48
CA MET D 432 21.91 20.11 -42.47
C MET D 432 21.42 18.78 -41.89
N GLU D 433 21.81 18.46 -40.66
CA GLU D 433 21.38 17.20 -40.07
C GLU D 433 19.87 17.14 -39.90
N ILE D 434 19.26 18.24 -39.43
CA ILE D 434 17.80 18.32 -39.29
C ILE D 434 17.13 18.28 -40.64
N GLN D 435 17.67 19.02 -41.59
CA GLN D 435 17.19 18.99 -42.96
C GLN D 435 17.17 17.55 -43.48
N ALA D 436 18.31 16.84 -43.34
CA ALA D 436 18.45 15.45 -43.89
C ALA D 436 17.39 14.52 -43.30
N SER D 437 17.22 14.58 -41.98
CA SER D 437 16.25 13.74 -41.28
C SER D 437 14.84 13.93 -41.75
N LEU D 438 14.38 15.16 -41.88
CA LEU D 438 12.98 15.41 -42.29
C LEU D 438 12.65 14.98 -43.73
N LEU D 439 13.61 15.07 -44.63
CA LEU D 439 13.42 14.67 -46.02
C LEU D 439 13.79 13.21 -46.25
N GLY D 440 14.64 12.68 -45.38
CA GLY D 440 15.11 11.32 -45.51
C GLY D 440 16.03 11.10 -46.69
N VAL D 441 16.89 12.08 -46.99
CA VAL D 441 17.84 11.96 -48.11
C VAL D 441 19.25 12.41 -47.76
N ASP D 442 20.20 12.09 -48.61
CA ASP D 442 21.55 12.67 -48.44
C ASP D 442 21.66 14.16 -48.87
N ILE D 443 22.27 14.94 -47.99
CA ILE D 443 22.56 16.32 -48.20
C ILE D 443 24.03 16.35 -48.49
N LEU D 444 24.39 16.96 -49.61
CA LEU D 444 25.77 17.01 -50.05
C LEU D 444 26.23 18.48 -49.99
N VAL D 445 27.34 18.71 -49.30
CA VAL D 445 27.85 20.03 -49.06
C VAL D 445 29.19 20.15 -49.76
N PRO D 446 29.27 20.90 -50.89
CA PRO D 446 30.52 21.01 -51.65
C PRO D 446 31.55 21.94 -50.99
N SER D 447 32.78 21.46 -50.74
CA SER D 447 33.83 22.33 -50.15
C SER D 447 34.64 23.12 -51.20
N MET D 448 34.18 23.11 -52.46
CA MET D 448 34.37 24.21 -53.40
C MET D 448 33.03 24.95 -53.35
N HIS D 449 32.95 26.05 -52.61
CA HIS D 449 31.64 26.69 -52.37
C HIS D 449 31.09 27.42 -53.61
N GLU D 450 31.99 27.79 -54.51
CA GLU D 450 31.75 28.74 -55.60
C GLU D 450 30.86 28.27 -56.79
N THR D 451 29.77 27.57 -56.49
CA THR D 451 29.04 26.77 -57.49
C THR D 451 28.07 27.55 -58.35
N THR D 452 27.56 28.67 -57.87
CA THR D 452 26.68 29.52 -58.68
C THR D 452 27.50 30.10 -59.82
N ALA D 453 28.74 30.45 -59.52
CA ALA D 453 29.64 30.97 -60.46
C ALA D 453 30.17 29.85 -61.39
N LEU D 454 30.47 28.67 -60.84
CA LEU D 454 30.87 27.54 -61.67
C LEU D 454 29.85 27.23 -62.79
N GLY D 455 28.58 27.19 -62.45
CA GLY D 455 27.57 26.98 -63.47
C GLY D 455 27.85 27.71 -64.78
N ALA D 456 28.08 29.00 -64.72
CA ALA D 456 28.13 29.77 -65.95
C ALA D 456 29.42 29.49 -66.67
N ALA D 457 30.48 29.18 -65.93
CA ALA D 457 31.75 28.81 -66.49
C ALA D 457 31.59 27.47 -67.18
N LEU D 458 30.89 26.55 -66.53
CA LEU D 458 30.54 25.27 -67.17
C LEU D 458 29.83 25.43 -68.53
N CYS D 459 28.81 26.29 -68.61
CA CYS D 459 28.10 26.52 -69.88
C CYS D 459 29.06 27.03 -70.95
N ALA D 460 29.82 28.07 -70.60
CA ALA D 460 30.76 28.66 -71.55
C ALA D 460 31.92 27.72 -71.89
N GLY D 461 32.38 26.92 -70.94
CA GLY D 461 33.35 25.89 -71.23
C GLY D 461 32.86 24.78 -72.16
N LEU D 462 31.65 24.29 -71.92
CA LEU D 462 31.05 23.24 -72.76
C LEU D 462 30.93 23.73 -74.19
N ALA D 463 30.56 24.98 -74.38
CA ALA D 463 30.43 25.55 -75.73
C ALA D 463 31.76 25.72 -76.45
N ALA D 464 32.88 25.76 -75.73
CA ALA D 464 34.19 26.08 -76.31
C ALA D 464 35.21 24.94 -76.16
N GLY D 465 34.75 23.73 -75.84
CA GLY D 465 35.62 22.57 -75.90
C GLY D 465 36.66 22.44 -74.79
N VAL D 466 36.52 23.24 -73.74
CA VAL D 466 37.38 23.13 -72.56
C VAL D 466 36.94 21.86 -71.84
N TRP D 467 35.64 21.60 -71.92
CA TRP D 467 35.05 20.28 -71.65
C TRP D 467 34.09 19.98 -72.80
N THR D 468 33.78 18.70 -73.01
CA THR D 468 33.00 18.27 -74.20
C THR D 468 31.68 17.57 -73.86
N SER D 469 31.73 16.67 -72.88
CA SER D 469 30.54 15.96 -72.42
C SER D 469 30.19 16.39 -70.98
N LEU D 470 28.89 16.38 -70.65
CA LEU D 470 28.51 16.54 -69.25
C LEU D 470 29.12 15.50 -68.31
N GLU D 471 29.66 14.43 -68.86
CA GLU D 471 30.17 13.32 -68.06
C GLU D 471 31.61 13.62 -67.64
N GLU D 472 32.40 14.13 -68.58
CA GLU D 472 33.72 14.65 -68.27
C GLU D 472 33.56 15.73 -67.17
N VAL D 473 32.62 16.67 -67.37
CA VAL D 473 32.32 17.70 -66.36
C VAL D 473 32.11 17.06 -65.00
N LYS D 474 31.22 16.07 -64.93
CA LYS D 474 30.92 15.39 -63.66
C LYS D 474 32.12 14.58 -63.08
N ALA D 475 32.98 14.03 -63.95
CA ALA D 475 34.18 13.28 -63.49
C ALA D 475 35.28 14.21 -62.99
N VAL D 476 35.58 15.28 -63.77
CA VAL D 476 36.58 16.31 -63.37
C VAL D 476 36.25 16.80 -61.94
N SER D 477 34.99 17.15 -61.76
CA SER D 477 34.40 17.50 -60.47
C SER D 477 34.71 16.51 -59.36
N ARG D 478 34.28 15.25 -59.56
CA ARG D 478 34.44 14.19 -58.55
C ARG D 478 35.91 14.02 -58.17
N ARG D 479 36.78 14.21 -59.16
CA ARG D 479 38.22 14.09 -58.98
C ARG D 479 38.80 15.26 -58.19
N GLU D 480 38.35 16.47 -58.54
CA GLU D 480 38.97 17.74 -58.08
C GLU D 480 38.31 18.42 -56.86
N ASN D 481 36.99 18.33 -56.74
CA ASN D 481 36.22 19.12 -55.79
C ASN D 481 35.39 18.22 -54.89
N SER D 482 35.93 17.95 -53.69
CA SER D 482 35.31 17.03 -52.75
C SER D 482 34.09 17.63 -52.04
N TRP D 483 33.46 16.82 -51.19
CA TRP D 483 32.27 17.22 -50.46
C TRP D 483 31.98 16.39 -49.19
N LYS D 484 31.39 17.03 -48.19
CA LYS D 484 30.89 16.35 -46.99
C LYS D 484 29.51 15.89 -47.39
N THR D 485 29.07 14.78 -46.80
CA THR D 485 27.71 14.27 -47.02
C THR D 485 27.07 14.00 -45.67
N VAL D 486 25.80 14.36 -45.50
CA VAL D 486 25.13 14.28 -44.19
C VAL D 486 23.91 13.41 -44.30
N SER D 487 23.93 12.25 -43.65
CA SER D 487 22.87 11.26 -43.83
C SER D 487 21.72 11.63 -42.93
N PRO D 488 20.51 11.19 -43.29
CA PRO D 488 19.39 11.31 -42.37
C PRO D 488 19.60 10.35 -41.22
N SER D 489 19.17 10.74 -40.03
CA SER D 489 19.30 9.88 -38.85
C SER D 489 18.45 10.36 -37.68
N GLY D 490 17.48 9.54 -37.29
CA GLY D 490 16.57 9.78 -36.18
C GLY D 490 15.34 8.92 -36.42
N SER D 491 14.33 8.98 -35.56
CA SER D 491 13.13 8.14 -35.73
C SER D 491 12.24 8.63 -36.88
N ALA D 492 11.14 7.93 -37.13
CA ALA D 492 10.08 8.41 -38.02
C ALA D 492 8.92 9.02 -37.21
N MET D 493 8.79 8.61 -35.94
CA MET D 493 7.81 9.22 -35.02
C MET D 493 8.18 10.66 -34.68
N GLU D 494 9.48 11.02 -34.72
CA GLU D 494 9.91 12.40 -34.43
C GLU D 494 9.60 13.32 -35.60
N ARG D 495 10.10 12.94 -36.76
CA ARG D 495 9.72 13.53 -38.05
C ARG D 495 8.23 13.83 -38.08
N GLU D 496 7.40 12.86 -37.73
CA GLU D 496 5.94 13.04 -37.82
C GLU D 496 5.37 14.00 -36.73
N ALA D 497 5.92 13.97 -35.53
CA ALA D 497 5.48 14.82 -34.42
C ALA D 497 5.97 16.26 -34.60
N MET D 498 7.22 16.41 -35.04
CA MET D 498 7.77 17.74 -35.40
C MET D 498 6.87 18.47 -36.40
N ILE D 499 6.27 17.73 -37.35
CA ILE D 499 5.42 18.30 -38.41
C ILE D 499 4.02 18.65 -37.89
N ALA D 500 3.46 17.81 -37.02
CA ALA D 500 2.13 18.01 -36.42
C ALA D 500 2.09 19.30 -35.59
N GLU D 501 3.15 19.49 -34.79
CA GLU D 501 3.49 20.77 -34.15
C GLU D 501 3.63 21.89 -35.17
N TRP D 502 4.46 21.67 -36.18
CA TRP D 502 4.67 22.68 -37.23
C TRP D 502 3.30 23.10 -37.79
N ARG D 503 2.46 22.11 -38.11
CA ARG D 503 1.13 22.39 -38.65
C ARG D 503 0.27 23.23 -37.74
N GLU D 504 0.33 22.94 -36.43
CA GLU D 504 -0.43 23.73 -35.45
C GLU D 504 0.10 25.17 -35.35
N ALA D 505 1.40 25.33 -35.22
CA ALA D 505 2.00 26.68 -35.21
C ALA D 505 1.52 27.55 -36.40
N LEU D 506 1.53 26.98 -37.63
CA LEU D 506 1.16 27.72 -38.85
C LEU D 506 -0.22 28.34 -38.83
N LYS D 507 -1.18 27.68 -38.18
CA LYS D 507 -2.52 28.27 -38.01
C LYS D 507 -2.47 29.57 -37.19
N ARG D 508 -1.47 29.74 -36.33
CA ARG D 508 -1.38 30.94 -35.44
C ARG D 508 -0.65 32.19 -35.98
N THR D 509 -0.16 32.10 -37.22
CA THR D 509 0.76 33.09 -37.74
C THR D 509 0.16 34.26 -38.47
N LYS D 510 -1.13 34.18 -38.80
CA LYS D 510 -1.76 35.21 -39.63
C LYS D 510 -1.95 36.45 -38.79
N TRP D 511 -1.54 37.60 -39.32
CA TRP D 511 -1.50 38.81 -38.51
C TRP D 511 -1.72 40.11 -39.29
N ALA D 512 -0.90 40.38 -40.31
CA ALA D 512 -0.98 41.69 -41.01
C ALA D 512 -2.31 41.92 -41.79
N LYS D 513 -2.75 43.19 -41.88
CA LYS D 513 -4.09 43.57 -42.37
C LYS D 513 -5.23 42.87 -41.61
#